data_7XIM
#
_entry.id   7XIM
#
_cell.length_a   143.450
_cell.length_b   143.450
_cell.length_c   231.500
_cell.angle_alpha   90.00
_cell.angle_beta   90.00
_cell.angle_gamma   120.00
#
_symmetry.space_group_name_H-M   'P 32 2 1'
#
loop_
_entity.id
_entity.type
_entity.pdbx_description
1 polymer 'D-XYLOSE ISOMERASE'
2 water water
#
_entity_poly.entity_id   1
_entity_poly.type   'polypeptide(L)'
_entity_poly.pdbx_seq_one_letter_code
;SVQATREDKFSFGLWTVGWQARDAFGDATRTALDPVEAVHKLAEIGAYGITFHDDDLVPFGSDAQTRDGIIAGFKKALDE
TGLIVPMVTTNLFTHPVFKDGGFTSNDRSVRRYAIRKVLRQMDLGAELGAKTLVLWGGREGAEYDSAKDVSAALDRYREA
LNLLAQYSEDRGYGLRFAIEPKPNEPRGDILLPTAGHAIAFVQELERPELFGINPETGHEQMSNLNFTQGIAQALWHKKL
FHIDLNGQHGPKFDQDLVFGHGDLLNAFSLVDLLENGPDGAPAYDGPRHFDYKPSRTEDYDGVWESAKANIRMYLLLKER
AKAFRADPEVQEALAASKVAELKTPTLNPGEGYAELLADRSAFEDYDADAVGAKGFGFVKLNQLAIEHLLGAR
;
_entity_poly.pdbx_strand_id   A,B,C,D
#
# COMPACT_ATOMS: atom_id res chain seq x y z
N ALA A 4 -24.89 -25.82 -6.93
CA ALA A 4 -25.41 -24.72 -6.08
C ALA A 4 -26.83 -25.07 -5.65
N THR A 5 -27.04 -25.10 -4.35
CA THR A 5 -28.37 -25.42 -3.78
C THR A 5 -28.76 -24.23 -2.92
N ARG A 6 -30.02 -24.17 -2.59
CA ARG A 6 -30.56 -23.11 -1.73
C ARG A 6 -29.85 -23.22 -0.38
N GLU A 7 -29.33 -24.39 -0.07
CA GLU A 7 -28.59 -24.67 1.17
C GLU A 7 -27.18 -24.09 1.20
N ASP A 8 -26.81 -23.61 0.03
CA ASP A 8 -25.52 -22.97 -0.20
C ASP A 8 -25.66 -21.52 0.24
N LYS A 9 -26.88 -21.02 0.18
CA LYS A 9 -27.22 -19.65 0.54
C LYS A 9 -26.45 -18.58 -0.18
N PHE A 10 -26.40 -18.59 -1.49
CA PHE A 10 -25.70 -17.56 -2.28
C PHE A 10 -26.70 -16.44 -2.54
N SER A 11 -26.34 -15.21 -2.25
CA SER A 11 -27.26 -14.08 -2.49
C SER A 11 -26.47 -13.03 -3.26
N PHE A 12 -27.18 -12.17 -3.97
CA PHE A 12 -26.53 -11.16 -4.79
C PHE A 12 -27.26 -9.83 -4.60
N GLY A 13 -26.54 -8.74 -4.68
CA GLY A 13 -27.24 -7.47 -4.47
C GLY A 13 -27.79 -7.15 -5.86
N LEU A 14 -28.91 -6.48 -5.88
CA LEU A 14 -29.50 -6.05 -7.16
C LEU A 14 -28.55 -5.06 -7.84
N TRP A 15 -27.80 -4.29 -7.08
CA TRP A 15 -26.84 -3.28 -7.58
C TRP A 15 -25.57 -3.92 -8.12
N THR A 16 -25.41 -5.24 -7.99
CA THR A 16 -24.20 -5.94 -8.48
C THR A 16 -24.37 -6.23 -9.96
N VAL A 17 -25.16 -7.22 -10.34
CA VAL A 17 -25.48 -7.57 -11.74
C VAL A 17 -26.13 -6.38 -12.43
N GLY A 18 -26.69 -5.43 -11.68
CA GLY A 18 -27.36 -4.26 -12.18
C GLY A 18 -26.48 -3.06 -12.43
N TRP A 19 -25.21 -3.16 -12.05
CA TRP A 19 -24.22 -2.07 -12.23
C TRP A 19 -24.06 -1.79 -13.73
N GLN A 20 -24.39 -0.59 -14.13
CA GLN A 20 -24.32 -0.10 -15.49
C GLN A 20 -22.93 0.26 -15.96
N ALA A 21 -21.93 0.18 -15.11
CA ALA A 21 -20.53 0.43 -15.43
C ALA A 21 -20.10 1.86 -15.75
N ARG A 22 -20.67 2.77 -15.00
CA ARG A 22 -20.37 4.21 -15.06
C ARG A 22 -19.32 4.36 -13.95
N ASP A 23 -18.07 4.50 -14.29
CA ASP A 23 -17.08 4.63 -13.20
C ASP A 23 -16.78 6.12 -13.05
N ALA A 24 -15.73 6.37 -12.27
CA ALA A 24 -15.27 7.74 -12.00
C ALA A 24 -14.72 8.38 -13.28
N PHE A 25 -14.38 7.59 -14.27
CA PHE A 25 -13.82 8.15 -15.50
C PHE A 25 -14.61 7.99 -16.78
N GLY A 26 -15.78 7.38 -16.76
CA GLY A 26 -16.52 7.20 -18.00
C GLY A 26 -17.98 6.93 -17.66
N ASP A 27 -18.73 6.96 -18.74
CA ASP A 27 -20.17 6.75 -18.80
C ASP A 27 -20.49 5.27 -18.72
N ALA A 28 -21.74 4.97 -18.46
CA ALA A 28 -22.29 3.61 -18.37
C ALA A 28 -22.06 2.89 -19.71
N THR A 29 -21.75 1.60 -19.65
CA THR A 29 -21.52 0.81 -20.88
C THR A 29 -22.65 -0.18 -21.03
N ARG A 30 -23.52 -0.28 -20.05
CA ARG A 30 -24.66 -1.19 -20.04
C ARG A 30 -25.93 -0.41 -19.66
N THR A 31 -27.02 -0.96 -20.14
CA THR A 31 -28.35 -0.41 -19.87
C THR A 31 -28.78 -0.95 -18.50
N ALA A 32 -29.85 -0.31 -18.03
CA ALA A 32 -30.45 -0.61 -16.73
C ALA A 32 -31.10 -1.98 -16.75
N LEU A 33 -30.99 -2.69 -15.66
CA LEU A 33 -31.56 -4.01 -15.49
C LEU A 33 -32.85 -3.85 -14.69
N ASP A 34 -33.87 -4.54 -15.16
CA ASP A 34 -35.21 -4.55 -14.54
C ASP A 34 -35.15 -5.50 -13.35
N PRO A 35 -35.61 -5.04 -12.21
CA PRO A 35 -35.59 -5.81 -10.96
C PRO A 35 -36.21 -7.18 -11.08
N VAL A 36 -37.35 -7.16 -11.76
CA VAL A 36 -38.10 -8.41 -11.96
C VAL A 36 -37.26 -9.39 -12.75
N GLU A 37 -36.58 -8.87 -13.75
CA GLU A 37 -35.71 -9.71 -14.61
C GLU A 37 -34.52 -10.26 -13.82
N ALA A 38 -33.94 -9.38 -13.00
CA ALA A 38 -32.81 -9.74 -12.14
C ALA A 38 -33.26 -10.92 -11.30
N VAL A 39 -34.47 -10.78 -10.73
CA VAL A 39 -35.08 -11.80 -9.88
C VAL A 39 -35.13 -13.14 -10.64
N HIS A 40 -35.61 -13.08 -11.87
CA HIS A 40 -35.70 -14.32 -12.69
C HIS A 40 -34.34 -14.90 -13.04
N LYS A 41 -33.40 -14.08 -13.48
CA LYS A 41 -32.02 -14.52 -13.81
C LYS A 41 -31.23 -15.12 -12.68
N LEU A 42 -31.33 -14.49 -11.53
CA LEU A 42 -30.60 -14.97 -10.36
C LEU A 42 -31.17 -16.29 -9.91
N ALA A 43 -32.49 -16.38 -9.95
CA ALA A 43 -33.18 -17.59 -9.50
C ALA A 43 -32.60 -18.77 -10.28
N GLU A 44 -32.49 -18.44 -11.55
CA GLU A 44 -32.01 -19.33 -12.60
C GLU A 44 -30.56 -19.78 -12.42
N ILE A 45 -29.68 -18.82 -12.10
CA ILE A 45 -28.29 -19.26 -11.92
C ILE A 45 -28.10 -19.96 -10.59
N GLY A 46 -29.07 -20.11 -9.70
CA GLY A 46 -28.92 -20.82 -8.44
C GLY A 46 -28.88 -20.10 -7.10
N ALA A 47 -29.08 -18.80 -7.17
CA ALA A 47 -29.08 -17.96 -5.97
C ALA A 47 -30.36 -18.28 -5.19
N TYR A 48 -30.26 -18.12 -3.90
CA TYR A 48 -31.37 -18.35 -2.99
C TYR A 48 -31.97 -17.01 -2.55
N GLY A 49 -31.27 -15.90 -2.67
CA GLY A 49 -31.82 -14.65 -2.20
C GLY A 49 -31.27 -13.48 -2.92
N ILE A 50 -31.93 -12.35 -2.82
CA ILE A 50 -31.52 -11.10 -3.45
C ILE A 50 -31.61 -9.99 -2.38
N THR A 51 -30.74 -8.98 -2.52
CA THR A 51 -30.71 -7.86 -1.56
C THR A 51 -30.79 -6.57 -2.36
N PHE A 52 -31.07 -5.44 -1.74
CA PHE A 52 -31.11 -4.19 -2.53
C PHE A 52 -30.99 -3.03 -1.54
N HIS A 53 -30.70 -1.88 -2.08
CA HIS A 53 -30.66 -0.60 -1.36
C HIS A 53 -32.07 -0.03 -1.73
N ASP A 54 -32.67 0.73 -0.85
CA ASP A 54 -34.00 1.29 -1.11
C ASP A 54 -34.01 1.88 -2.52
N ASP A 55 -33.03 2.71 -2.78
CA ASP A 55 -32.94 3.40 -4.07
C ASP A 55 -32.59 2.55 -5.28
N ASP A 56 -32.25 1.30 -5.12
CA ASP A 56 -31.95 0.38 -6.20
C ASP A 56 -33.31 -0.08 -6.78
N LEU A 57 -34.32 -0.37 -5.98
CA LEU A 57 -35.65 -0.84 -6.34
C LEU A 57 -36.63 0.28 -6.68
N VAL A 58 -36.68 1.29 -5.82
CA VAL A 58 -37.57 2.44 -6.02
C VAL A 58 -36.71 3.69 -6.15
N PRO A 59 -36.76 4.23 -7.36
CA PRO A 59 -36.01 5.46 -7.69
C PRO A 59 -36.20 6.52 -6.63
N PHE A 60 -35.14 7.10 -6.13
CA PHE A 60 -35.20 8.16 -5.12
C PHE A 60 -36.33 9.10 -5.53
N GLY A 61 -37.24 9.46 -4.66
CA GLY A 61 -38.33 10.38 -5.04
C GLY A 61 -39.57 9.94 -5.79
N SER A 62 -39.91 8.68 -5.80
CA SER A 62 -41.07 8.13 -6.45
C SER A 62 -42.23 8.43 -5.49
N ASP A 63 -43.40 8.66 -6.06
CA ASP A 63 -44.59 8.92 -5.21
C ASP A 63 -44.93 7.53 -4.65
N ALA A 64 -45.85 7.55 -3.70
CA ALA A 64 -46.27 6.29 -3.05
C ALA A 64 -46.95 5.32 -4.01
N GLN A 65 -47.61 5.90 -4.98
CA GLN A 65 -48.34 5.14 -6.01
C GLN A 65 -47.32 4.32 -6.81
N THR A 66 -46.31 4.97 -7.32
CA THR A 66 -45.23 4.35 -8.09
C THR A 66 -44.47 3.37 -7.18
N ARG A 67 -44.07 3.94 -6.06
CA ARG A 67 -43.33 3.21 -5.04
C ARG A 67 -44.10 1.92 -4.80
N ASP A 68 -45.37 2.03 -4.51
CA ASP A 68 -46.24 0.88 -4.22
C ASP A 68 -46.35 -0.17 -5.31
N GLY A 69 -46.39 0.37 -6.51
CA GLY A 69 -46.51 -0.48 -7.70
C GLY A 69 -45.31 -1.40 -7.86
N ILE A 70 -44.13 -0.78 -7.74
CA ILE A 70 -42.82 -1.43 -7.85
C ILE A 70 -42.72 -2.56 -6.82
N ILE A 71 -43.00 -2.21 -5.59
CA ILE A 71 -42.96 -3.26 -4.55
C ILE A 71 -43.86 -4.44 -4.90
N ALA A 72 -45.07 -4.14 -5.35
CA ALA A 72 -46.02 -5.23 -5.68
C ALA A 72 -45.46 -6.17 -6.74
N GLY A 73 -44.89 -5.61 -7.77
CA GLY A 73 -44.29 -6.42 -8.86
C GLY A 73 -43.09 -7.24 -8.38
N PHE A 74 -42.26 -6.56 -7.60
CA PHE A 74 -41.05 -7.24 -7.07
C PHE A 74 -41.49 -8.45 -6.23
N LYS A 75 -42.47 -8.21 -5.36
CA LYS A 75 -43.05 -9.23 -4.49
C LYS A 75 -43.55 -10.40 -5.32
N LYS A 76 -44.15 -10.12 -6.48
CA LYS A 76 -44.66 -11.18 -7.35
C LYS A 76 -43.55 -12.12 -7.80
N ALA A 77 -42.52 -11.46 -8.30
CA ALA A 77 -41.32 -12.14 -8.81
C ALA A 77 -40.70 -13.04 -7.77
N LEU A 78 -40.60 -12.63 -6.52
CA LEU A 78 -40.00 -13.46 -5.48
C LEU A 78 -40.83 -14.71 -5.27
N ASP A 79 -42.10 -14.45 -5.39
CA ASP A 79 -43.19 -15.40 -5.23
C ASP A 79 -43.11 -16.60 -6.15
N GLU A 80 -43.10 -16.21 -7.41
CA GLU A 80 -43.01 -17.13 -8.53
C GLU A 80 -41.71 -17.92 -8.54
N THR A 81 -40.61 -17.25 -8.21
CA THR A 81 -39.27 -17.85 -8.19
C THR A 81 -38.84 -18.52 -6.91
N GLY A 82 -39.40 -18.14 -5.77
CA GLY A 82 -38.99 -18.79 -4.51
C GLY A 82 -37.76 -18.14 -3.88
N LEU A 83 -37.37 -16.99 -4.42
CA LEU A 83 -36.20 -16.29 -3.85
C LEU A 83 -36.68 -15.55 -2.62
N ILE A 84 -35.85 -15.40 -1.64
CA ILE A 84 -36.09 -14.66 -0.41
C ILE A 84 -35.18 -13.42 -0.43
N VAL A 85 -35.45 -12.50 0.47
CA VAL A 85 -34.70 -11.25 0.68
C VAL A 85 -34.12 -11.39 2.08
N PRO A 86 -32.91 -11.90 2.18
CA PRO A 86 -32.29 -12.09 3.48
C PRO A 86 -31.83 -10.80 4.12
N MET A 87 -31.56 -9.79 3.32
CA MET A 87 -31.05 -8.54 3.90
C MET A 87 -31.44 -7.35 3.06
N VAL A 88 -31.52 -6.19 3.67
CA VAL A 88 -31.82 -4.95 2.92
C VAL A 88 -30.77 -3.97 3.50
N THR A 89 -30.59 -2.88 2.81
CA THR A 89 -29.70 -1.77 3.15
C THR A 89 -30.26 -0.47 2.61
N THR A 90 -29.76 0.65 3.08
CA THR A 90 -30.24 1.98 2.67
C THR A 90 -29.14 2.73 1.96
N ASN A 91 -29.52 3.49 0.94
CA ASN A 91 -28.50 4.31 0.24
C ASN A 91 -28.30 5.65 0.97
N LEU A 92 -27.24 5.81 1.73
CA LEU A 92 -26.92 7.03 2.45
C LEU A 92 -25.61 7.61 1.86
N PHE A 93 -25.41 7.44 0.55
CA PHE A 93 -24.20 7.93 -0.08
C PHE A 93 -24.33 8.64 -1.43
N THR A 94 -25.30 8.33 -2.24
CA THR A 94 -25.44 8.88 -3.58
C THR A 94 -25.94 10.30 -3.70
N HIS A 95 -27.03 10.62 -3.07
CA HIS A 95 -27.55 11.98 -3.18
C HIS A 95 -26.61 13.01 -2.58
N PRO A 96 -26.49 14.15 -3.26
CA PRO A 96 -25.62 15.23 -2.83
C PRO A 96 -25.83 15.64 -1.38
N VAL A 97 -27.01 15.49 -0.83
CA VAL A 97 -27.24 15.92 0.56
C VAL A 97 -26.33 15.12 1.48
N PHE A 98 -25.99 13.91 1.11
CA PHE A 98 -25.14 13.06 1.95
C PHE A 98 -23.64 13.27 1.69
N LYS A 99 -23.26 14.35 1.04
CA LYS A 99 -21.86 14.62 0.73
C LYS A 99 -20.97 14.59 1.96
N ASP A 100 -21.43 14.86 3.17
CA ASP A 100 -20.57 14.78 4.36
C ASP A 100 -21.05 13.66 5.28
N GLY A 101 -21.89 12.77 4.76
CA GLY A 101 -22.35 11.64 5.59
C GLY A 101 -23.87 11.68 5.78
N GLY A 102 -24.37 10.62 6.38
CA GLY A 102 -25.83 10.52 6.67
C GLY A 102 -25.92 10.84 8.18
N PHE A 103 -25.69 9.79 8.94
CA PHE A 103 -25.72 9.77 10.40
C PHE A 103 -24.73 10.71 11.08
N THR A 104 -23.63 11.00 10.42
CA THR A 104 -22.58 11.84 10.97
C THR A 104 -22.31 13.10 10.16
N SER A 105 -23.20 13.52 9.29
CA SER A 105 -23.05 14.77 8.56
C SER A 105 -22.89 15.88 9.60
N ASN A 106 -22.12 16.92 9.37
CA ASN A 106 -21.95 18.00 10.33
C ASN A 106 -23.29 18.74 10.40
N ASP A 107 -24.09 18.69 9.35
CA ASP A 107 -25.39 19.41 9.32
C ASP A 107 -26.44 18.59 10.07
N ARG A 108 -27.07 19.14 11.08
CA ARG A 108 -28.06 18.48 11.88
C ARG A 108 -29.26 17.97 11.15
N SER A 109 -29.71 18.73 10.19
CA SER A 109 -30.91 18.41 9.38
C SER A 109 -30.70 17.16 8.55
N VAL A 110 -29.47 17.03 8.06
CA VAL A 110 -29.10 15.86 7.24
C VAL A 110 -29.13 14.63 8.15
N ARG A 111 -28.69 14.74 9.38
CA ARG A 111 -28.73 13.58 10.27
C ARG A 111 -30.14 13.13 10.55
N ARG A 112 -31.09 14.04 10.74
CA ARG A 112 -32.52 13.75 11.04
C ARG A 112 -33.13 13.01 9.86
N TYR A 113 -32.87 13.61 8.70
CA TYR A 113 -33.27 13.02 7.41
C TYR A 113 -32.72 11.61 7.16
N ALA A 114 -31.43 11.38 7.41
CA ALA A 114 -30.82 10.05 7.22
C ALA A 114 -31.50 8.99 8.07
N ILE A 115 -31.84 9.26 9.29
CA ILE A 115 -32.56 8.32 10.18
C ILE A 115 -33.92 8.02 9.57
N ARG A 116 -34.68 9.02 9.18
CA ARG A 116 -36.00 8.83 8.59
C ARG A 116 -35.86 7.91 7.39
N LYS A 117 -34.91 8.20 6.52
CA LYS A 117 -34.68 7.38 5.31
C LYS A 117 -34.48 5.89 5.65
N VAL A 118 -33.76 5.54 6.69
CA VAL A 118 -33.48 4.20 7.16
C VAL A 118 -34.70 3.59 7.85
N LEU A 119 -35.40 4.35 8.68
CA LEU A 119 -36.61 3.79 9.35
C LEU A 119 -37.54 3.23 8.27
N ARG A 120 -37.71 4.06 7.27
CA ARG A 120 -38.56 3.69 6.14
C ARG A 120 -38.15 2.38 5.48
N GLN A 121 -36.88 2.19 5.21
CA GLN A 121 -36.28 1.02 4.59
C GLN A 121 -36.44 -0.19 5.50
N MET A 122 -36.40 0.04 6.79
CA MET A 122 -36.60 -0.97 7.84
C MET A 122 -38.05 -1.49 7.68
N ASP A 123 -38.99 -0.61 7.43
CA ASP A 123 -40.39 -1.00 7.23
C ASP A 123 -40.53 -1.98 6.08
N LEU A 124 -39.98 -1.64 4.95
CA LEU A 124 -40.03 -2.47 3.76
C LEU A 124 -39.34 -3.80 3.97
N GLY A 125 -38.17 -3.73 4.59
CA GLY A 125 -37.38 -4.92 4.91
C GLY A 125 -38.19 -5.94 5.66
N ALA A 126 -38.87 -5.51 6.71
CA ALA A 126 -39.70 -6.27 7.63
C ALA A 126 -40.85 -6.88 6.82
N GLU A 127 -41.42 -6.09 5.96
CA GLU A 127 -42.52 -6.54 5.12
C GLU A 127 -42.11 -7.68 4.21
N LEU A 128 -40.91 -7.64 3.63
CA LEU A 128 -40.37 -8.69 2.77
C LEU A 128 -39.68 -9.83 3.52
N GLY A 129 -39.59 -9.90 4.82
CA GLY A 129 -39.00 -10.92 5.61
C GLY A 129 -37.50 -10.93 5.86
N ALA A 130 -36.88 -9.81 5.56
CA ALA A 130 -35.43 -9.59 5.74
C ALA A 130 -35.11 -9.70 7.22
N LYS A 131 -34.02 -10.32 7.53
CA LYS A 131 -33.58 -10.51 8.91
C LYS A 131 -32.42 -9.59 9.26
N THR A 132 -31.69 -9.11 8.28
CA THR A 132 -30.55 -8.26 8.56
C THR A 132 -30.60 -6.90 7.92
N LEU A 133 -30.28 -5.86 8.66
CA LEU A 133 -30.20 -4.52 8.06
C LEU A 133 -28.67 -4.26 7.99
N VAL A 134 -28.17 -4.07 6.77
CA VAL A 134 -26.73 -3.76 6.61
C VAL A 134 -26.57 -2.23 6.59
N LEU A 135 -25.62 -1.69 7.32
CA LEU A 135 -25.42 -0.22 7.35
C LEU A 135 -24.06 0.05 6.73
N TRP A 136 -24.01 0.69 5.59
CA TRP A 136 -22.68 1.00 5.00
C TRP A 136 -22.51 2.53 5.10
N GLY A 137 -21.64 2.98 6.00
CA GLY A 137 -21.41 4.41 6.21
C GLY A 137 -20.32 4.96 5.28
N GLY A 138 -20.55 4.86 3.99
CA GLY A 138 -19.65 5.24 2.94
C GLY A 138 -19.28 6.68 2.93
N ARG A 139 -20.17 7.53 3.40
CA ARG A 139 -19.83 8.98 3.42
C ARG A 139 -19.52 9.39 4.85
N GLU A 140 -19.42 8.48 5.81
CA GLU A 140 -19.12 8.97 7.18
C GLU A 140 -17.61 9.06 7.29
N GLY A 141 -17.08 10.28 7.43
CA GLY A 141 -15.60 10.35 7.49
C GLY A 141 -15.11 11.73 7.04
N ALA A 142 -13.95 11.82 6.39
CA ALA A 142 -13.45 13.12 5.96
C ALA A 142 -12.28 13.02 5.00
N GLU A 143 -11.96 14.17 4.41
CA GLU A 143 -10.83 14.35 3.53
C GLU A 143 -9.77 15.14 4.30
N TYR A 144 -10.15 15.91 5.28
CA TYR A 144 -9.25 16.76 6.09
C TYR A 144 -9.45 16.53 7.57
N ASP A 145 -8.41 16.43 8.34
CA ASP A 145 -8.52 16.18 9.79
C ASP A 145 -9.30 17.20 10.59
N SER A 146 -9.21 18.48 10.36
CA SER A 146 -9.92 19.48 11.16
C SER A 146 -11.40 19.61 10.84
N ALA A 147 -11.89 18.97 9.81
CA ALA A 147 -13.25 19.04 9.35
C ALA A 147 -14.25 18.18 10.09
N LYS A 148 -13.78 17.17 10.79
CA LYS A 148 -14.66 16.24 11.48
C LYS A 148 -14.15 15.91 12.87
N ASP A 149 -15.01 16.10 13.83
CA ASP A 149 -14.75 15.76 15.24
C ASP A 149 -15.13 14.27 15.35
N VAL A 150 -14.15 13.40 15.36
CA VAL A 150 -14.45 11.95 15.39
C VAL A 150 -15.24 11.52 16.60
N SER A 151 -14.95 12.09 17.72
CA SER A 151 -15.60 11.76 18.99
C SER A 151 -17.09 12.09 18.87
N ALA A 152 -17.39 13.28 18.43
CA ALA A 152 -18.75 13.78 18.24
C ALA A 152 -19.43 12.88 17.21
N ALA A 153 -18.65 12.55 16.19
CA ALA A 153 -19.15 11.70 15.11
C ALA A 153 -19.57 10.34 15.68
N LEU A 154 -18.79 9.76 16.55
CA LEU A 154 -19.12 8.43 17.06
C LEU A 154 -20.33 8.50 17.96
N ASP A 155 -20.46 9.57 18.71
CA ASP A 155 -21.61 9.83 19.59
C ASP A 155 -22.85 9.86 18.72
N ARG A 156 -22.78 10.57 17.60
CA ARG A 156 -23.91 10.68 16.68
C ARG A 156 -24.23 9.40 15.93
N TYR A 157 -23.27 8.57 15.65
CA TYR A 157 -23.45 7.28 14.95
C TYR A 157 -24.21 6.36 15.89
N ARG A 158 -23.81 6.37 17.15
CA ARG A 158 -24.35 5.64 18.28
C ARG A 158 -25.81 6.08 18.56
N GLU A 159 -26.04 7.38 18.68
CA GLU A 159 -27.37 7.92 18.90
C GLU A 159 -28.36 7.39 17.86
N ALA A 160 -27.99 7.40 16.58
CA ALA A 160 -28.82 6.93 15.48
C ALA A 160 -29.08 5.44 15.55
N LEU A 161 -28.02 4.68 15.78
CA LEU A 161 -28.16 3.22 15.84
C LEU A 161 -29.03 2.78 17.00
N ASN A 162 -28.90 3.44 18.15
CA ASN A 162 -29.67 3.09 19.35
C ASN A 162 -31.19 3.28 19.09
N LEU A 163 -31.49 4.31 18.31
CA LEU A 163 -32.88 4.62 17.95
C LEU A 163 -33.47 3.52 17.06
N LEU A 164 -32.70 3.09 16.11
CA LEU A 164 -33.04 2.03 15.15
C LEU A 164 -33.32 0.70 15.85
N ALA A 165 -32.51 0.34 16.82
CA ALA A 165 -32.71 -0.90 17.58
C ALA A 165 -33.98 -0.76 18.44
N GLN A 166 -34.22 0.42 19.00
CA GLN A 166 -35.37 0.74 19.84
C GLN A 166 -36.62 0.48 18.99
N TYR A 167 -36.67 1.11 17.86
CA TYR A 167 -37.78 0.94 16.92
C TYR A 167 -38.06 -0.49 16.47
N SER A 168 -37.02 -1.18 16.02
CA SER A 168 -37.15 -2.55 15.54
C SER A 168 -37.68 -3.44 16.68
N GLU A 169 -37.14 -3.29 17.85
CA GLU A 169 -37.55 -4.07 19.00
C GLU A 169 -38.98 -3.73 19.35
N ASP A 170 -39.39 -2.49 19.29
CA ASP A 170 -40.75 -2.09 19.61
C ASP A 170 -41.73 -2.56 18.55
N ARG A 171 -41.39 -2.52 17.29
CA ARG A 171 -42.28 -2.93 16.22
C ARG A 171 -42.25 -4.44 16.07
N GLY A 172 -41.41 -5.11 16.83
CA GLY A 172 -41.22 -6.56 16.80
C GLY A 172 -40.68 -7.07 15.49
N TYR A 173 -39.82 -6.40 14.73
CA TYR A 173 -39.20 -6.81 13.47
C TYR A 173 -38.12 -7.91 13.58
N GLY A 174 -37.51 -8.01 14.74
CA GLY A 174 -36.47 -8.98 15.01
C GLY A 174 -35.29 -8.84 14.05
N LEU A 175 -34.92 -7.62 13.64
CA LEU A 175 -33.78 -7.43 12.75
C LEU A 175 -32.49 -7.50 13.57
N ARG A 176 -31.45 -7.81 12.83
CA ARG A 176 -30.06 -7.86 13.34
C ARG A 176 -29.42 -6.72 12.53
N PHE A 177 -28.47 -5.96 13.08
CA PHE A 177 -27.83 -4.85 12.37
C PHE A 177 -26.36 -5.21 12.13
N ALA A 178 -25.99 -4.96 10.86
CA ALA A 178 -24.59 -5.29 10.46
C ALA A 178 -23.89 -4.09 9.85
N ILE A 179 -22.91 -3.57 10.58
CA ILE A 179 -22.10 -2.44 10.25
C ILE A 179 -21.03 -2.95 9.25
N GLU A 180 -20.99 -2.25 8.15
CA GLU A 180 -19.97 -2.64 7.13
C GLU A 180 -18.78 -1.67 7.05
N PRO A 181 -17.63 -2.21 7.45
CA PRO A 181 -16.38 -1.47 7.46
C PRO A 181 -15.77 -1.28 6.06
N LYS A 182 -15.17 -0.12 5.87
CA LYS A 182 -14.46 0.29 4.68
C LYS A 182 -13.45 1.38 5.05
N PRO A 183 -12.20 1.29 4.62
CA PRO A 183 -11.16 2.22 5.01
C PRO A 183 -11.20 3.54 4.33
N ASN A 184 -11.62 3.51 3.08
CA ASN A 184 -11.68 4.79 2.32
C ASN A 184 -12.47 4.55 1.04
N GLU A 185 -12.76 5.65 0.35
CA GLU A 185 -13.51 5.60 -0.91
C GLU A 185 -14.99 5.29 -0.70
N PRO A 186 -15.84 6.31 -0.87
CA PRO A 186 -15.48 7.64 -1.30
C PRO A 186 -14.89 8.71 -0.45
N ARG A 187 -14.80 8.71 0.83
CA ARG A 187 -14.19 9.79 1.61
C ARG A 187 -12.69 9.46 1.67
N GLY A 188 -11.90 10.47 2.00
CA GLY A 188 -10.44 10.30 2.15
C GLY A 188 -10.19 9.15 3.11
N ASP A 189 -10.86 9.19 4.23
CA ASP A 189 -10.83 8.19 5.30
C ASP A 189 -12.27 8.05 5.80
N ILE A 190 -12.77 6.86 5.95
CA ILE A 190 -14.11 6.52 6.49
C ILE A 190 -14.04 6.17 7.95
N LEU A 191 -15.01 6.48 8.82
CA LEU A 191 -14.98 6.15 10.26
C LEU A 191 -15.14 4.64 10.34
N LEU A 192 -14.65 4.01 11.35
CA LEU A 192 -14.76 2.54 11.46
C LEU A 192 -14.12 1.93 10.19
N PRO A 193 -12.82 2.14 10.02
CA PRO A 193 -12.11 1.66 8.84
C PRO A 193 -11.89 0.19 8.67
N THR A 194 -11.88 -0.67 9.66
CA THR A 194 -11.66 -2.12 9.52
C THR A 194 -12.66 -2.94 10.30
N ALA A 195 -12.65 -4.25 10.16
CA ALA A 195 -13.55 -5.14 10.90
C ALA A 195 -13.31 -4.90 12.37
N GLY A 196 -12.09 -4.70 12.81
CA GLY A 196 -11.73 -4.44 14.21
C GLY A 196 -12.36 -3.19 14.78
N HIS A 197 -12.24 -2.06 14.10
CA HIS A 197 -12.85 -0.79 14.56
C HIS A 197 -14.35 -0.91 14.69
N ALA A 198 -15.01 -1.55 13.72
CA ALA A 198 -16.47 -1.77 13.65
C ALA A 198 -16.88 -2.63 14.84
N ILE A 199 -16.17 -3.71 15.17
CA ILE A 199 -16.49 -4.54 16.31
C ILE A 199 -16.32 -3.76 17.60
N ALA A 200 -15.21 -3.05 17.79
CA ALA A 200 -15.01 -2.27 19.02
C ALA A 200 -16.17 -1.30 19.19
N PHE A 201 -16.60 -0.58 18.19
CA PHE A 201 -17.68 0.39 18.26
C PHE A 201 -19.01 -0.22 18.70
N VAL A 202 -19.40 -1.31 18.11
CA VAL A 202 -20.67 -2.03 18.40
C VAL A 202 -20.85 -2.44 19.86
N GLN A 203 -19.76 -2.72 20.57
CA GLN A 203 -19.67 -3.12 21.96
C GLN A 203 -20.07 -1.95 22.84
N GLU A 204 -20.17 -0.74 22.31
CA GLU A 204 -20.55 0.45 23.04
C GLU A 204 -22.02 0.84 22.85
N LEU A 205 -22.75 0.10 22.05
CA LEU A 205 -24.15 0.48 21.83
C LEU A 205 -25.00 0.05 23.03
N GLU A 206 -26.25 0.45 22.98
CA GLU A 206 -27.22 0.13 24.02
C GLU A 206 -27.59 -1.33 24.07
N ARG A 207 -27.89 -1.93 22.94
CA ARG A 207 -28.23 -3.38 22.89
C ARG A 207 -27.24 -4.04 21.93
N PRO A 208 -26.02 -4.20 22.40
CA PRO A 208 -24.91 -4.75 21.57
C PRO A 208 -25.18 -6.09 20.94
N GLU A 209 -26.03 -6.89 21.56
CA GLU A 209 -26.38 -8.22 21.08
C GLU A 209 -27.13 -8.13 19.78
N LEU A 210 -27.73 -7.00 19.46
CA LEU A 210 -28.47 -6.91 18.18
C LEU A 210 -27.53 -6.47 17.08
N PHE A 211 -26.30 -6.10 17.37
CA PHE A 211 -25.31 -5.59 16.42
C PHE A 211 -24.08 -6.44 16.17
N GLY A 212 -23.73 -6.47 14.89
CA GLY A 212 -22.54 -7.23 14.43
C GLY A 212 -21.93 -6.52 13.24
N ILE A 213 -21.09 -7.20 12.46
CA ILE A 213 -20.49 -6.55 11.28
C ILE A 213 -20.72 -7.41 10.05
N ASN A 214 -20.62 -6.77 8.92
CA ASN A 214 -20.75 -7.34 7.57
C ASN A 214 -19.40 -7.00 6.85
N PRO A 215 -18.36 -7.75 7.08
CA PRO A 215 -17.05 -7.44 6.50
C PRO A 215 -17.02 -7.77 5.02
N GLU A 216 -16.29 -7.01 4.21
CA GLU A 216 -16.22 -7.30 2.77
C GLU A 216 -14.80 -7.61 2.37
N THR A 217 -14.57 -8.68 1.62
CA THR A 217 -13.26 -9.11 1.17
C THR A 217 -12.33 -7.96 0.76
N GLY A 218 -12.68 -7.24 -0.29
CA GLY A 218 -11.92 -6.14 -0.82
C GLY A 218 -11.69 -5.04 0.16
N HIS A 219 -12.59 -4.79 1.10
CA HIS A 219 -12.42 -3.67 2.04
C HIS A 219 -11.23 -3.88 2.91
N GLU A 220 -11.08 -5.04 3.50
CA GLU A 220 -9.93 -5.31 4.38
C GLU A 220 -8.66 -5.34 3.52
N GLN A 221 -8.71 -5.84 2.31
CA GLN A 221 -7.56 -5.95 1.42
C GLN A 221 -7.11 -4.60 0.92
N MET A 222 -7.92 -3.59 0.99
CA MET A 222 -7.58 -2.21 0.57
C MET A 222 -6.55 -1.64 1.54
N SER A 223 -6.48 -2.21 2.72
CA SER A 223 -5.49 -1.79 3.74
C SER A 223 -4.38 -2.84 3.85
N ASN A 224 -4.42 -3.81 2.96
CA ASN A 224 -3.51 -4.92 2.92
C ASN A 224 -3.60 -5.83 4.15
N LEU A 225 -4.79 -5.98 4.71
CA LEU A 225 -5.01 -6.85 5.88
C LEU A 225 -5.34 -8.28 5.44
N ASN A 226 -5.23 -9.25 6.32
CA ASN A 226 -5.54 -10.65 5.98
C ASN A 226 -7.03 -10.80 6.32
N PHE A 227 -7.81 -10.93 5.27
CA PHE A 227 -9.25 -11.05 5.37
C PHE A 227 -9.58 -12.30 6.16
N THR A 228 -9.08 -13.46 5.89
CA THR A 228 -9.32 -14.69 6.61
C THR A 228 -9.07 -14.53 8.08
N GLN A 229 -7.94 -13.97 8.44
CA GLN A 229 -7.59 -13.77 9.87
C GLN A 229 -8.59 -12.80 10.50
N GLY A 230 -9.02 -11.74 9.80
CA GLY A 230 -10.01 -10.80 10.33
C GLY A 230 -11.37 -11.46 10.60
N ILE A 231 -11.84 -12.38 9.78
CA ILE A 231 -13.09 -13.13 9.87
C ILE A 231 -13.01 -14.07 11.07
N ALA A 232 -11.85 -14.65 11.25
CA ALA A 232 -11.57 -15.57 12.35
C ALA A 232 -11.78 -14.81 13.66
N GLN A 233 -11.31 -13.59 13.70
CA GLN A 233 -11.46 -12.73 14.87
C GLN A 233 -12.96 -12.43 15.03
N ALA A 234 -13.62 -12.06 13.94
CA ALA A 234 -15.04 -11.74 13.97
C ALA A 234 -15.82 -12.96 14.49
N LEU A 235 -15.48 -14.14 14.06
CA LEU A 235 -16.09 -15.38 14.51
C LEU A 235 -15.83 -15.59 16.01
N TRP A 236 -14.62 -15.34 16.50
CA TRP A 236 -14.29 -15.49 17.91
C TRP A 236 -15.19 -14.62 18.80
N HIS A 237 -15.52 -13.44 18.31
CA HIS A 237 -16.36 -12.45 18.96
C HIS A 237 -17.85 -12.76 18.78
N LYS A 238 -18.15 -13.60 17.79
CA LYS A 238 -19.52 -13.97 17.45
C LYS A 238 -20.26 -12.79 16.88
N LYS A 239 -19.56 -11.98 16.12
CA LYS A 239 -20.17 -10.77 15.54
C LYS A 239 -20.21 -10.89 14.02
N LEU A 240 -19.99 -12.07 13.47
CA LEU A 240 -20.05 -12.18 12.00
C LEU A 240 -21.53 -12.35 11.62
N PHE A 241 -22.28 -11.29 11.44
CA PHE A 241 -23.71 -11.37 11.13
C PHE A 241 -23.99 -11.58 9.66
N HIS A 242 -23.08 -11.19 8.78
CA HIS A 242 -23.27 -11.33 7.32
C HIS A 242 -21.90 -11.26 6.65
N ILE A 243 -21.82 -11.53 5.35
CA ILE A 243 -20.45 -11.37 4.78
C ILE A 243 -20.56 -11.06 3.30
N ASP A 244 -19.75 -10.15 2.83
CA ASP A 244 -19.76 -9.76 1.43
C ASP A 244 -18.44 -10.32 0.82
N LEU A 245 -18.61 -11.16 -0.18
CA LEU A 245 -17.48 -11.77 -0.87
C LEU A 245 -17.26 -11.13 -2.25
N ASN A 246 -15.98 -10.87 -2.51
CA ASN A 246 -15.55 -10.27 -3.80
C ASN A 246 -14.03 -10.39 -3.82
N GLY A 247 -13.42 -9.82 -4.84
CA GLY A 247 -12.00 -9.88 -5.11
C GLY A 247 -11.38 -8.51 -5.27
N GLN A 248 -10.11 -8.40 -4.86
CA GLN A 248 -9.38 -7.11 -4.91
C GLN A 248 -7.88 -7.39 -5.08
N HIS A 249 -7.18 -6.43 -5.69
CA HIS A 249 -5.70 -6.62 -5.79
C HIS A 249 -4.98 -5.62 -4.87
N GLY A 250 -4.98 -5.79 -3.53
CA GLY A 250 -4.34 -4.89 -2.61
C GLY A 250 -4.86 -3.47 -2.50
N PRO A 251 -4.00 -2.60 -1.99
CA PRO A 251 -4.34 -1.19 -1.79
C PRO A 251 -4.47 -0.36 -3.02
N LYS A 252 -5.66 -0.20 -3.57
CA LYS A 252 -5.97 0.60 -4.77
C LYS A 252 -7.50 0.82 -4.65
N PHE A 253 -8.07 1.45 -5.64
CA PHE A 253 -9.51 1.69 -5.66
C PHE A 253 -10.16 0.30 -5.46
N ASP A 254 -11.41 0.39 -5.03
CA ASP A 254 -12.25 -0.78 -4.74
C ASP A 254 -12.59 -1.38 -6.10
N GLN A 255 -12.09 -2.55 -6.39
CA GLN A 255 -12.30 -3.23 -7.66
C GLN A 255 -13.58 -4.03 -7.78
N ASP A 256 -14.03 -4.66 -6.72
CA ASP A 256 -15.24 -5.49 -6.71
C ASP A 256 -15.18 -6.61 -7.76
N LEU A 257 -14.08 -7.35 -7.84
CA LEU A 257 -14.01 -8.43 -8.83
C LEU A 257 -14.80 -9.62 -8.27
N VAL A 258 -14.91 -10.61 -9.12
CA VAL A 258 -15.60 -11.87 -8.75
C VAL A 258 -14.81 -12.41 -7.55
N PHE A 259 -15.47 -13.10 -6.65
CA PHE A 259 -14.91 -13.75 -5.48
C PHE A 259 -13.81 -14.71 -5.95
N GLY A 260 -12.61 -14.64 -5.47
CA GLY A 260 -11.48 -15.47 -5.80
C GLY A 260 -10.66 -14.99 -6.98
N HIS A 261 -11.03 -13.91 -7.63
CA HIS A 261 -10.30 -13.36 -8.77
C HIS A 261 -9.23 -12.37 -8.33
N GLY A 262 -9.07 -12.12 -7.07
CA GLY A 262 -8.08 -11.23 -6.51
C GLY A 262 -7.01 -12.01 -5.72
N ASP A 263 -7.07 -12.08 -4.41
CA ASP A 263 -6.06 -12.86 -3.65
C ASP A 263 -6.67 -14.25 -3.59
N LEU A 264 -6.26 -15.09 -4.52
CA LEU A 264 -6.78 -16.46 -4.59
C LEU A 264 -6.43 -17.35 -3.39
N LEU A 265 -5.21 -17.19 -2.88
CA LEU A 265 -4.76 -18.00 -1.72
C LEU A 265 -5.62 -17.67 -0.49
N ASN A 266 -5.92 -16.42 -0.26
CA ASN A 266 -6.77 -15.97 0.85
C ASN A 266 -8.22 -16.42 0.62
N ALA A 267 -8.65 -16.53 -0.63
CA ALA A 267 -10.03 -16.96 -0.95
C ALA A 267 -10.22 -18.40 -0.49
N PHE A 268 -9.15 -19.14 -0.64
CA PHE A 268 -9.10 -20.57 -0.25
C PHE A 268 -9.16 -20.75 1.24
N SER A 269 -8.28 -20.13 2.02
CA SER A 269 -8.25 -20.20 3.46
C SER A 269 -9.59 -19.70 4.01
N LEU A 270 -10.22 -18.75 3.36
CA LEU A 270 -11.51 -18.20 3.76
C LEU A 270 -12.57 -19.29 3.65
N VAL A 271 -12.73 -19.91 2.50
CA VAL A 271 -13.73 -20.97 2.35
C VAL A 271 -13.47 -22.06 3.37
N ASP A 272 -12.22 -22.42 3.55
CA ASP A 272 -11.81 -23.41 4.57
C ASP A 272 -12.32 -22.99 5.96
N LEU A 273 -12.13 -21.77 6.39
CA LEU A 273 -12.56 -21.25 7.67
C LEU A 273 -14.08 -21.33 7.77
N LEU A 274 -14.82 -20.84 6.79
CA LEU A 274 -16.27 -20.81 6.86
C LEU A 274 -16.92 -22.19 6.85
N GLU A 275 -16.37 -23.06 6.07
CA GLU A 275 -16.89 -24.40 5.87
C GLU A 275 -16.44 -25.55 6.75
N ASN A 276 -15.17 -25.58 7.03
CA ASN A 276 -14.66 -26.71 7.87
C ASN A 276 -14.64 -26.20 9.29
N GLY A 277 -15.88 -26.06 9.76
CA GLY A 277 -16.09 -25.58 11.14
C GLY A 277 -16.02 -26.80 12.08
N PRO A 278 -16.16 -26.45 13.34
CA PRO A 278 -16.15 -27.40 14.46
C PRO A 278 -17.26 -28.44 14.26
N ASP A 279 -16.69 -29.64 14.21
CA ASP A 279 -17.41 -30.90 14.03
C ASP A 279 -18.03 -31.05 12.63
N GLY A 280 -17.27 -30.84 11.57
CA GLY A 280 -17.75 -31.00 10.19
C GLY A 280 -18.55 -29.83 9.60
N ALA A 281 -19.45 -29.35 10.45
CA ALA A 281 -20.37 -28.25 10.24
C ALA A 281 -19.64 -26.92 10.03
N PRO A 282 -20.27 -26.11 9.21
CA PRO A 282 -19.76 -24.79 8.88
C PRO A 282 -19.60 -24.00 10.18
N ALA A 283 -18.62 -23.11 10.10
CA ALA A 283 -18.36 -22.23 11.25
C ALA A 283 -19.32 -21.04 11.14
N TYR A 284 -19.81 -20.80 9.94
CA TYR A 284 -20.74 -19.71 9.59
C TYR A 284 -21.98 -20.28 8.88
N ASP A 285 -23.12 -19.79 9.28
CA ASP A 285 -24.44 -20.14 8.82
C ASP A 285 -25.23 -19.11 8.03
N GLY A 286 -24.76 -17.90 7.83
CA GLY A 286 -25.59 -16.92 7.14
C GLY A 286 -25.36 -16.97 5.66
N PRO A 287 -25.93 -15.95 5.01
CA PRO A 287 -25.78 -15.82 3.55
C PRO A 287 -24.30 -15.57 3.23
N ARG A 288 -23.94 -16.07 2.09
CA ARG A 288 -22.69 -16.01 1.37
C ARG A 288 -23.12 -15.06 0.25
N HIS A 289 -23.03 -13.78 0.51
CA HIS A 289 -23.45 -12.69 -0.37
C HIS A 289 -22.36 -12.18 -1.27
N PHE A 290 -22.59 -12.00 -2.55
CA PHE A 290 -21.55 -11.48 -3.48
C PHE A 290 -21.83 -10.01 -3.77
N ASP A 291 -20.96 -9.16 -3.33
CA ASP A 291 -21.06 -7.68 -3.53
C ASP A 291 -19.86 -7.37 -4.45
N TYR A 292 -20.15 -7.52 -5.72
CA TYR A 292 -19.12 -7.37 -6.76
C TYR A 292 -19.74 -6.64 -7.93
N LYS A 293 -18.93 -6.34 -8.92
CA LYS A 293 -19.39 -5.68 -10.15
C LYS A 293 -18.79 -6.40 -11.37
N PRO A 294 -19.66 -6.60 -12.34
CA PRO A 294 -19.27 -7.24 -13.62
C PRO A 294 -18.40 -6.15 -14.26
N SER A 295 -17.21 -6.55 -14.72
CA SER A 295 -16.26 -5.55 -15.30
C SER A 295 -16.92 -4.67 -16.36
N ARG A 296 -16.48 -3.42 -16.44
CA ARG A 296 -17.00 -2.41 -17.38
C ARG A 296 -16.93 -2.78 -18.86
N THR A 297 -16.01 -3.68 -19.20
CA THR A 297 -15.78 -4.17 -20.54
C THR A 297 -16.81 -5.21 -20.97
N GLU A 298 -17.71 -5.64 -20.10
CA GLU A 298 -18.66 -6.69 -20.43
C GLU A 298 -20.07 -6.21 -20.72
N ASP A 299 -20.76 -7.10 -21.41
CA ASP A 299 -22.15 -6.86 -21.78
C ASP A 299 -22.99 -7.77 -20.87
N TYR A 300 -24.31 -7.82 -21.12
CA TYR A 300 -25.22 -8.62 -20.28
C TYR A 300 -24.77 -10.07 -20.32
N ASP A 301 -24.19 -10.48 -21.43
CA ASP A 301 -23.69 -11.87 -21.48
C ASP A 301 -22.61 -12.08 -20.38
N GLY A 302 -21.70 -11.10 -20.36
CA GLY A 302 -20.58 -11.00 -19.44
C GLY A 302 -21.10 -10.88 -18.01
N VAL A 303 -22.22 -10.18 -17.89
CA VAL A 303 -22.88 -10.01 -16.58
C VAL A 303 -23.30 -11.35 -16.03
N TRP A 304 -24.08 -12.13 -16.78
CA TRP A 304 -24.56 -13.42 -16.21
C TRP A 304 -23.42 -14.36 -15.94
N GLU A 305 -22.42 -14.32 -16.79
CA GLU A 305 -21.23 -15.12 -16.67
C GLU A 305 -20.55 -14.94 -15.32
N SER A 306 -20.33 -13.68 -15.05
CA SER A 306 -19.66 -13.24 -13.82
C SER A 306 -20.48 -13.60 -12.60
N ALA A 307 -21.80 -13.62 -12.72
CA ALA A 307 -22.67 -13.98 -11.56
C ALA A 307 -22.40 -15.44 -11.26
N LYS A 308 -22.43 -16.26 -12.30
CA LYS A 308 -22.13 -17.69 -12.10
C LYS A 308 -20.68 -17.91 -11.69
N ALA A 309 -19.74 -17.14 -12.20
CA ALA A 309 -18.33 -17.37 -11.80
C ALA A 309 -18.14 -17.35 -10.29
N ASN A 310 -18.88 -16.47 -9.62
CA ASN A 310 -18.85 -16.31 -8.15
C ASN A 310 -19.19 -17.62 -7.44
N ILE A 311 -20.33 -18.17 -7.84
CA ILE A 311 -20.79 -19.45 -7.27
C ILE A 311 -19.79 -20.56 -7.53
N ARG A 312 -19.32 -20.57 -8.75
CA ARG A 312 -18.34 -21.53 -9.30
C ARG A 312 -17.08 -21.58 -8.46
N MET A 313 -16.51 -20.40 -8.30
CA MET A 313 -15.29 -20.19 -7.49
C MET A 313 -15.50 -20.70 -6.08
N TYR A 314 -16.57 -20.36 -5.39
CA TYR A 314 -16.88 -20.78 -4.02
C TYR A 314 -16.98 -22.29 -3.92
N LEU A 315 -17.72 -22.89 -4.86
CA LEU A 315 -17.90 -24.37 -4.87
C LEU A 315 -16.62 -25.09 -5.22
N LEU A 316 -15.78 -24.55 -6.10
CA LEU A 316 -14.49 -25.24 -6.40
C LEU A 316 -13.58 -25.18 -5.19
N LEU A 317 -13.51 -24.01 -4.53
CA LEU A 317 -12.67 -23.84 -3.33
C LEU A 317 -13.15 -24.73 -2.19
N LYS A 318 -14.45 -24.79 -1.97
CA LYS A 318 -15.02 -25.63 -0.89
C LYS A 318 -14.58 -27.07 -1.01
N GLU A 319 -14.72 -27.50 -2.24
CA GLU A 319 -14.35 -28.86 -2.68
C GLU A 319 -12.91 -29.15 -2.34
N ARG A 320 -12.02 -28.20 -2.67
CA ARG A 320 -10.59 -28.38 -2.34
C ARG A 320 -10.24 -28.22 -0.87
N ALA A 321 -11.02 -27.41 -0.19
CA ALA A 321 -10.77 -27.19 1.26
C ALA A 321 -11.16 -28.49 1.96
N LYS A 322 -12.22 -29.11 1.55
CA LYS A 322 -12.67 -30.39 2.12
C LYS A 322 -11.66 -31.49 1.93
N ALA A 323 -11.14 -31.62 0.71
CA ALA A 323 -10.12 -32.60 0.32
C ALA A 323 -8.82 -32.33 1.07
N PHE A 324 -8.48 -31.07 1.28
CA PHE A 324 -7.26 -30.71 2.03
C PHE A 324 -7.30 -31.31 3.43
N ARG A 325 -8.38 -31.02 4.14
CA ARG A 325 -8.57 -31.46 5.53
C ARG A 325 -8.66 -32.97 5.67
N ALA A 326 -9.23 -33.59 4.66
CA ALA A 326 -9.45 -35.03 4.66
C ALA A 326 -8.23 -35.87 4.38
N ASP A 327 -7.23 -35.25 3.82
CA ASP A 327 -5.94 -35.88 3.45
C ASP A 327 -5.07 -36.22 4.64
N PRO A 328 -4.83 -37.50 4.83
CA PRO A 328 -4.01 -38.04 5.93
C PRO A 328 -2.63 -37.44 5.93
N GLU A 329 -2.08 -37.09 4.79
CA GLU A 329 -0.77 -36.43 4.78
C GLU A 329 -0.88 -35.01 5.36
N VAL A 330 -1.97 -34.29 5.14
CA VAL A 330 -2.17 -32.95 5.68
C VAL A 330 -2.34 -33.13 7.18
N GLN A 331 -3.10 -34.18 7.51
CA GLN A 331 -3.42 -34.54 8.91
C GLN A 331 -2.12 -34.77 9.64
N GLU A 332 -1.18 -35.39 8.98
CA GLU A 332 0.14 -35.67 9.57
C GLU A 332 0.95 -34.41 9.70
N ALA A 333 0.91 -33.54 8.71
CA ALA A 333 1.62 -32.26 8.69
C ALA A 333 1.00 -31.35 9.75
N LEU A 334 -0.32 -31.33 9.92
CA LEU A 334 -0.95 -30.51 10.96
C LEU A 334 -0.43 -30.87 12.35
N ALA A 335 -0.22 -32.15 12.56
CA ALA A 335 0.24 -32.71 13.85
C ALA A 335 1.66 -32.24 14.13
N ALA A 336 2.51 -32.44 13.11
CA ALA A 336 3.90 -32.03 13.19
C ALA A 336 4.02 -30.52 13.43
N SER A 337 3.14 -29.70 12.89
CA SER A 337 3.20 -28.25 13.09
C SER A 337 2.53 -27.79 14.39
N LYS A 338 1.96 -28.75 15.10
CA LYS A 338 1.28 -28.49 16.37
C LYS A 338 0.12 -27.51 16.30
N VAL A 339 -0.53 -27.46 15.18
CA VAL A 339 -1.67 -26.54 15.01
C VAL A 339 -2.76 -26.73 16.05
N ALA A 340 -3.10 -27.97 16.35
CA ALA A 340 -4.13 -28.26 17.33
C ALA A 340 -3.64 -28.10 18.75
N GLU A 341 -2.37 -28.10 19.06
CA GLU A 341 -1.83 -27.92 20.39
C GLU A 341 -2.14 -26.51 20.90
N LEU A 342 -2.54 -25.61 19.99
CA LEU A 342 -2.85 -24.24 20.44
C LEU A 342 -4.18 -24.25 21.18
N LYS A 343 -4.94 -25.32 21.01
CA LYS A 343 -6.24 -25.47 21.66
C LYS A 343 -6.16 -25.95 23.09
N THR A 344 -5.04 -26.49 23.46
CA THR A 344 -4.90 -26.94 24.86
C THR A 344 -4.53 -25.72 25.68
N PRO A 345 -5.21 -25.51 26.78
CA PRO A 345 -4.92 -24.37 27.66
C PRO A 345 -3.46 -24.41 28.06
N THR A 346 -2.92 -23.19 28.19
CA THR A 346 -1.51 -23.04 28.57
C THR A 346 -1.36 -23.55 30.01
N LEU A 347 -2.39 -23.30 30.78
CA LEU A 347 -2.38 -23.66 32.21
C LEU A 347 -3.07 -24.99 32.47
N ASN A 348 -2.55 -25.75 33.41
CA ASN A 348 -3.17 -27.02 33.81
C ASN A 348 -4.46 -26.62 34.53
N PRO A 349 -5.34 -27.59 34.71
CA PRO A 349 -6.64 -27.36 35.38
C PRO A 349 -6.39 -26.94 36.81
N GLY A 350 -6.97 -25.83 37.15
CA GLY A 350 -6.96 -25.14 38.42
C GLY A 350 -5.64 -24.46 38.67
N GLU A 351 -4.74 -24.47 37.68
CA GLU A 351 -3.42 -23.83 37.90
C GLU A 351 -3.49 -22.32 37.82
N GLY A 352 -2.84 -21.60 38.71
CA GLY A 352 -2.84 -20.14 38.72
C GLY A 352 -1.39 -19.67 38.70
N TYR A 353 -1.24 -18.39 39.01
CA TYR A 353 0.09 -17.77 39.04
C TYR A 353 1.03 -18.51 39.97
N ALA A 354 0.60 -18.80 41.20
CA ALA A 354 1.42 -19.46 42.24
C ALA A 354 1.97 -20.80 41.85
N GLU A 355 1.10 -21.60 41.28
CA GLU A 355 1.52 -22.94 40.82
C GLU A 355 2.51 -22.79 39.66
N LEU A 356 2.20 -21.82 38.80
CA LEU A 356 3.09 -21.59 37.65
C LEU A 356 4.45 -21.08 38.13
N LEU A 357 4.43 -20.14 39.07
CA LEU A 357 5.67 -19.59 39.63
C LEU A 357 6.48 -20.69 40.31
N ALA A 358 5.76 -21.71 40.78
CA ALA A 358 6.50 -22.81 41.47
C ALA A 358 7.01 -23.87 40.52
N ASP A 359 6.56 -23.85 39.26
CA ASP A 359 6.99 -24.82 38.24
C ASP A 359 8.26 -24.40 37.54
N ARG A 360 9.36 -25.00 37.92
CA ARG A 360 10.74 -24.80 37.51
C ARG A 360 10.99 -25.13 36.03
N SER A 361 10.16 -26.04 35.56
CA SER A 361 10.18 -26.46 34.16
C SER A 361 9.63 -25.36 33.25
N ALA A 362 8.91 -24.38 33.76
CA ALA A 362 8.36 -23.32 32.92
C ALA A 362 9.36 -22.18 32.89
N PHE A 363 10.47 -22.31 33.60
CA PHE A 363 11.41 -21.17 33.58
C PHE A 363 12.84 -21.52 33.93
N GLU A 364 13.11 -21.65 35.20
CA GLU A 364 14.39 -21.96 35.80
C GLU A 364 15.10 -23.11 35.11
N ASP A 365 14.43 -24.19 34.90
CA ASP A 365 14.95 -25.39 34.26
C ASP A 365 14.49 -25.55 32.80
N TYR A 366 14.01 -24.52 32.14
CA TYR A 366 13.55 -24.64 30.75
C TYR A 366 14.70 -24.46 29.76
N ASP A 367 14.74 -25.32 28.75
CA ASP A 367 15.85 -25.15 27.77
C ASP A 367 15.35 -24.45 26.52
N ALA A 368 15.39 -23.14 26.56
CA ALA A 368 14.89 -22.33 25.43
C ALA A 368 15.69 -22.56 24.16
N ASP A 369 17.00 -22.71 24.34
CA ASP A 369 17.90 -22.94 23.18
C ASP A 369 17.51 -24.23 22.46
N ALA A 370 17.27 -25.28 23.22
CA ALA A 370 16.89 -26.54 22.58
C ALA A 370 15.53 -26.45 21.91
N VAL A 371 14.57 -25.82 22.53
CA VAL A 371 13.23 -25.74 21.87
C VAL A 371 13.31 -24.78 20.69
N GLY A 372 14.13 -23.75 20.86
CA GLY A 372 14.27 -22.74 19.80
C GLY A 372 14.76 -23.28 18.47
N ALA A 373 15.40 -24.42 18.51
CA ALA A 373 15.95 -25.05 17.32
C ALA A 373 15.04 -26.00 16.57
N LYS A 374 13.97 -26.49 17.10
CA LYS A 374 13.06 -27.40 16.39
C LYS A 374 12.24 -26.62 15.35
N GLY A 375 12.07 -27.14 14.17
CA GLY A 375 11.32 -26.49 13.12
C GLY A 375 9.84 -26.78 13.31
N PHE A 376 9.01 -25.89 12.77
CA PHE A 376 7.55 -26.04 12.85
C PHE A 376 6.99 -26.75 11.61
N GLY A 377 7.74 -26.91 10.54
CA GLY A 377 7.21 -27.61 9.37
C GLY A 377 6.07 -26.87 8.66
N PHE A 378 6.03 -25.56 8.80
CA PHE A 378 4.98 -24.71 8.19
C PHE A 378 5.01 -24.58 6.67
N VAL A 379 6.19 -24.56 6.04
CA VAL A 379 6.30 -24.41 4.59
C VAL A 379 5.68 -25.61 3.88
N LYS A 380 5.97 -26.76 4.41
CA LYS A 380 5.48 -28.05 3.96
C LYS A 380 3.98 -28.13 4.10
N LEU A 381 3.37 -27.78 5.20
CA LEU A 381 1.93 -27.80 5.38
C LEU A 381 1.36 -26.84 4.34
N ASN A 382 1.98 -25.67 4.17
CA ASN A 382 1.52 -24.65 3.19
C ASN A 382 1.50 -25.16 1.75
N GLN A 383 2.56 -25.86 1.39
CA GLN A 383 2.77 -26.46 0.06
C GLN A 383 1.71 -27.52 -0.17
N LEU A 384 1.31 -28.33 0.80
CA LEU A 384 0.26 -29.36 0.72
C LEU A 384 -1.10 -28.69 0.42
N ALA A 385 -1.38 -27.57 1.11
CA ALA A 385 -2.60 -26.77 0.90
C ALA A 385 -2.71 -26.29 -0.55
N ILE A 386 -1.66 -25.65 -1.06
CA ILE A 386 -1.64 -25.14 -2.45
C ILE A 386 -1.75 -26.27 -3.48
N GLU A 387 -1.12 -27.40 -3.22
CA GLU A 387 -1.24 -28.54 -4.13
C GLU A 387 -2.67 -29.03 -4.13
N HIS A 388 -3.38 -28.99 -3.03
CA HIS A 388 -4.82 -29.39 -3.03
C HIS A 388 -5.57 -28.32 -3.84
N LEU A 389 -5.26 -27.03 -3.58
CA LEU A 389 -5.90 -25.95 -4.31
C LEU A 389 -5.74 -26.13 -5.82
N LEU A 390 -4.55 -26.49 -6.26
CA LEU A 390 -4.17 -26.67 -7.67
C LEU A 390 -4.68 -27.97 -8.29
N GLY A 391 -5.27 -28.81 -7.45
CA GLY A 391 -5.81 -30.09 -7.90
C GLY A 391 -4.63 -31.01 -8.23
N ALA A 392 -3.52 -30.88 -7.56
CA ALA A 392 -2.39 -31.76 -7.90
C ALA A 392 -2.33 -32.90 -6.93
N ARG A 393 -3.17 -32.88 -5.92
CA ARG A 393 -3.27 -33.84 -4.82
C ARG A 393 -4.81 -34.06 -4.62
N ALA B 4 1.61 35.78 -7.05
CA ALA B 4 1.57 34.95 -8.27
C ALA B 4 1.72 35.87 -9.48
N THR B 5 2.77 35.69 -10.27
CA THR B 5 3.01 36.49 -11.48
C THR B 5 2.87 35.56 -12.68
N ARG B 6 2.84 36.12 -13.87
CA ARG B 6 2.73 35.24 -15.05
C ARG B 6 4.04 34.47 -15.23
N GLU B 7 5.12 34.91 -14.62
CA GLU B 7 6.41 34.20 -14.70
C GLU B 7 6.50 32.92 -13.88
N ASP B 8 5.55 32.73 -12.97
CA ASP B 8 5.45 31.56 -12.11
C ASP B 8 4.90 30.41 -12.96
N LYS B 9 4.16 30.80 -13.98
CA LYS B 9 3.53 29.92 -14.93
C LYS B 9 2.63 28.85 -14.35
N PHE B 10 1.68 29.32 -13.58
CA PHE B 10 0.68 28.43 -12.95
C PHE B 10 -0.40 28.26 -14.04
N SER B 11 -0.72 27.04 -14.38
CA SER B 11 -1.78 26.75 -15.34
C SER B 11 -2.72 25.73 -14.67
N PHE B 12 -3.94 25.63 -15.18
CA PHE B 12 -4.96 24.73 -14.64
C PHE B 12 -5.78 24.09 -15.76
N GLY B 13 -6.26 22.88 -15.60
CA GLY B 13 -7.09 22.28 -16.67
C GLY B 13 -8.51 22.82 -16.39
N LEU B 14 -9.29 22.86 -17.42
CA LEU B 14 -10.69 23.31 -17.37
C LEU B 14 -11.50 22.31 -16.56
N TRP B 15 -11.07 21.07 -16.61
CA TRP B 15 -11.71 19.94 -15.92
C TRP B 15 -11.41 19.91 -14.43
N THR B 16 -10.51 20.75 -13.97
CA THR B 16 -10.10 20.81 -12.56
C THR B 16 -11.18 21.61 -11.85
N VAL B 17 -11.19 22.93 -11.98
CA VAL B 17 -12.19 23.80 -11.38
C VAL B 17 -13.59 23.52 -11.94
N GLY B 18 -13.65 22.83 -13.08
CA GLY B 18 -14.91 22.46 -13.72
C GLY B 18 -15.41 21.10 -13.23
N TRP B 19 -14.74 20.39 -12.37
CA TRP B 19 -15.24 19.06 -11.92
C TRP B 19 -16.51 19.31 -11.10
N GLN B 20 -17.58 18.72 -11.55
CA GLN B 20 -18.92 18.78 -10.98
C GLN B 20 -19.11 17.86 -9.77
N ALA B 21 -18.10 17.03 -9.56
CA ALA B 21 -18.03 16.15 -8.41
C ALA B 21 -18.95 14.96 -8.41
N ARG B 22 -19.10 14.34 -9.57
CA ARG B 22 -19.86 13.10 -9.75
C ARG B 22 -18.75 12.06 -9.47
N ASP B 23 -18.76 11.32 -8.38
CA ASP B 23 -17.69 10.33 -8.10
C ASP B 23 -18.24 8.93 -8.37
N ALA B 24 -17.44 7.94 -8.03
CA ALA B 24 -17.81 6.55 -8.29
C ALA B 24 -19.08 6.17 -7.53
N PHE B 25 -19.34 6.89 -6.45
CA PHE B 25 -20.47 6.58 -5.59
C PHE B 25 -21.58 7.61 -5.44
N GLY B 26 -21.53 8.66 -6.24
CA GLY B 26 -22.56 9.69 -6.09
C GLY B 26 -22.61 10.71 -7.21
N ASP B 27 -23.74 11.38 -7.20
CA ASP B 27 -24.08 12.42 -8.19
C ASP B 27 -23.27 13.69 -7.95
N ALA B 28 -23.32 14.43 -9.05
CA ALA B 28 -22.61 15.73 -9.08
C ALA B 28 -23.29 16.64 -8.06
N THR B 29 -22.43 17.37 -7.37
CA THR B 29 -22.81 18.31 -6.32
C THR B 29 -22.72 19.76 -6.78
N ARG B 30 -22.24 19.94 -8.00
CA ARG B 30 -22.09 21.28 -8.56
C ARG B 30 -22.60 21.28 -10.00
N THR B 31 -23.06 22.47 -10.36
CA THR B 31 -23.51 22.63 -11.76
C THR B 31 -22.26 22.80 -12.63
N ALA B 32 -22.53 22.74 -13.93
CA ALA B 32 -21.47 22.89 -14.95
C ALA B 32 -20.85 24.27 -14.97
N LEU B 33 -19.56 24.34 -15.19
CA LEU B 33 -18.85 25.63 -15.26
C LEU B 33 -18.67 26.08 -16.71
N ASP B 34 -19.00 27.32 -16.93
CA ASP B 34 -18.89 27.92 -18.27
C ASP B 34 -17.39 28.25 -18.47
N PRO B 35 -16.90 27.77 -19.60
CA PRO B 35 -15.51 27.92 -20.03
C PRO B 35 -15.01 29.34 -20.11
N VAL B 36 -15.84 30.26 -20.54
CA VAL B 36 -15.41 31.67 -20.67
C VAL B 36 -15.25 32.21 -19.26
N GLU B 37 -16.19 31.79 -18.42
CA GLU B 37 -16.16 32.21 -17.01
C GLU B 37 -14.90 31.67 -16.34
N ALA B 38 -14.64 30.40 -16.62
CA ALA B 38 -13.43 29.73 -16.08
C ALA B 38 -12.21 30.57 -16.51
N VAL B 39 -12.14 30.96 -17.77
CA VAL B 39 -11.00 31.75 -18.25
C VAL B 39 -10.90 33.03 -17.42
N HIS B 40 -12.07 33.61 -17.21
CA HIS B 40 -12.11 34.85 -16.43
C HIS B 40 -11.66 34.67 -15.00
N LYS B 41 -12.24 33.70 -14.31
CA LYS B 41 -11.95 33.36 -12.92
C LYS B 41 -10.47 33.04 -12.71
N LEU B 42 -9.93 32.20 -13.59
CA LEU B 42 -8.52 31.82 -13.45
C LEU B 42 -7.56 32.98 -13.65
N ALA B 43 -7.89 33.82 -14.61
CA ALA B 43 -7.01 35.00 -14.92
C ALA B 43 -6.94 35.86 -13.67
N GLU B 44 -8.06 35.94 -13.00
CA GLU B 44 -8.23 36.70 -11.76
C GLU B 44 -7.41 36.15 -10.60
N ILE B 45 -7.26 34.81 -10.46
CA ILE B 45 -6.50 34.26 -9.33
C ILE B 45 -5.01 34.23 -9.58
N GLY B 46 -4.54 34.48 -10.77
CA GLY B 46 -3.11 34.50 -11.13
C GLY B 46 -2.61 33.48 -12.14
N ALA B 47 -3.43 32.63 -12.70
CA ALA B 47 -3.00 31.63 -13.67
C ALA B 47 -2.46 32.34 -14.91
N TYR B 48 -1.50 31.70 -15.56
CA TYR B 48 -1.00 32.32 -16.79
C TYR B 48 -1.49 31.53 -18.02
N GLY B 49 -2.08 30.37 -17.79
CA GLY B 49 -2.58 29.57 -18.94
C GLY B 49 -3.67 28.60 -18.48
N ILE B 50 -4.42 28.11 -19.46
CA ILE B 50 -5.50 27.16 -19.22
C ILE B 50 -5.29 25.99 -20.16
N THR B 51 -5.73 24.80 -19.79
CA THR B 51 -5.56 23.61 -20.66
C THR B 51 -6.91 22.91 -20.74
N PHE B 52 -7.03 21.93 -21.62
CA PHE B 52 -8.31 21.20 -21.68
C PHE B 52 -8.22 19.93 -22.51
N HIS B 53 -9.21 19.07 -22.37
CA HIS B 53 -9.37 17.87 -23.17
C HIS B 53 -10.37 18.38 -24.25
N ASP B 54 -10.28 17.84 -25.44
CA ASP B 54 -11.18 18.23 -26.53
C ASP B 54 -12.62 18.39 -25.99
N ASP B 55 -13.04 17.28 -25.43
CA ASP B 55 -14.36 17.06 -24.88
C ASP B 55 -14.70 17.93 -23.69
N ASP B 56 -13.79 18.67 -23.11
CA ASP B 56 -14.12 19.51 -21.94
C ASP B 56 -14.72 20.78 -22.55
N LEU B 57 -14.11 21.21 -23.64
CA LEU B 57 -14.55 22.43 -24.31
C LEU B 57 -15.74 22.22 -25.22
N VAL B 58 -15.61 21.28 -26.15
CA VAL B 58 -16.69 21.01 -27.12
C VAL B 58 -17.32 19.65 -26.84
N PRO B 59 -18.59 19.69 -26.50
CA PRO B 59 -19.35 18.47 -26.20
C PRO B 59 -19.21 17.42 -27.29
N PHE B 60 -18.96 16.21 -26.82
CA PHE B 60 -18.81 15.02 -27.68
C PHE B 60 -20.11 15.01 -28.54
N GLY B 61 -19.82 14.89 -29.85
CA GLY B 61 -20.92 14.86 -30.84
C GLY B 61 -21.53 16.22 -31.11
N SER B 62 -20.64 17.18 -31.28
CA SER B 62 -21.04 18.57 -31.58
C SER B 62 -20.90 18.68 -33.10
N ASP B 63 -21.89 19.37 -33.65
CA ASP B 63 -21.87 19.60 -35.12
C ASP B 63 -20.72 20.62 -35.32
N ALA B 64 -20.25 20.68 -36.55
CA ALA B 64 -19.16 21.58 -36.92
C ALA B 64 -19.45 23.01 -36.52
N GLN B 65 -20.66 23.43 -36.79
CA GLN B 65 -21.11 24.81 -36.50
C GLN B 65 -20.97 25.16 -35.02
N THR B 66 -21.53 24.33 -34.18
CA THR B 66 -21.49 24.49 -32.71
C THR B 66 -20.04 24.56 -32.19
N ARG B 67 -19.29 23.54 -32.61
CA ARG B 67 -17.87 23.39 -32.28
C ARG B 67 -17.13 24.69 -32.60
N ASP B 68 -17.29 25.15 -33.82
CA ASP B 68 -16.68 26.39 -34.32
C ASP B 68 -17.08 27.59 -33.48
N GLY B 69 -18.35 27.54 -33.10
CA GLY B 69 -18.98 28.59 -32.28
C GLY B 69 -18.31 28.74 -30.94
N ILE B 70 -18.09 27.61 -30.27
CA ILE B 70 -17.48 27.45 -28.95
C ILE B 70 -16.03 27.95 -28.91
N ILE B 71 -15.32 27.47 -29.94
CA ILE B 71 -13.91 27.84 -30.09
C ILE B 71 -13.69 29.35 -30.18
N ALA B 72 -14.46 30.01 -31.03
CA ALA B 72 -14.37 31.48 -31.26
C ALA B 72 -14.57 32.30 -29.99
N GLY B 73 -15.49 31.90 -29.13
CA GLY B 73 -15.83 32.55 -27.85
C GLY B 73 -14.71 32.37 -26.84
N PHE B 74 -14.22 31.14 -26.88
CA PHE B 74 -13.09 30.66 -26.06
C PHE B 74 -11.87 31.51 -26.43
N LYS B 75 -11.58 31.69 -27.71
CA LYS B 75 -10.42 32.50 -28.15
C LYS B 75 -10.56 33.97 -27.74
N LYS B 76 -11.80 34.44 -27.81
CA LYS B 76 -12.06 35.83 -27.43
C LYS B 76 -11.69 36.02 -25.97
N ALA B 77 -12.17 35.07 -25.18
CA ALA B 77 -11.92 35.11 -23.72
C ALA B 77 -10.43 35.12 -23.40
N LEU B 78 -9.69 34.28 -24.10
CA LEU B 78 -8.23 34.21 -23.89
C LEU B 78 -7.59 35.57 -24.19
N ASP B 79 -8.09 36.10 -25.28
CA ASP B 79 -7.75 37.38 -25.91
C ASP B 79 -7.79 38.54 -24.92
N GLU B 80 -9.01 38.64 -24.43
CA GLU B 80 -9.39 39.64 -23.43
C GLU B 80 -8.55 39.47 -22.18
N THR B 81 -8.39 38.21 -21.73
CA THR B 81 -7.65 37.93 -20.51
C THR B 81 -6.16 37.82 -20.59
N GLY B 82 -5.57 37.43 -21.68
CA GLY B 82 -4.11 37.31 -21.69
C GLY B 82 -3.61 35.91 -21.30
N LEU B 83 -4.51 34.96 -21.12
CA LEU B 83 -4.16 33.58 -20.79
C LEU B 83 -3.80 32.91 -22.11
N ILE B 84 -2.93 31.94 -22.07
CA ILE B 84 -2.48 31.13 -23.21
C ILE B 84 -2.91 29.69 -22.93
N VAL B 85 -2.74 28.85 -23.93
CA VAL B 85 -3.06 27.41 -23.83
C VAL B 85 -1.72 26.73 -24.03
N PRO B 86 -0.95 26.43 -23.01
CA PRO B 86 0.36 25.81 -23.07
C PRO B 86 0.35 24.33 -23.46
N MET B 87 -0.75 23.67 -23.18
CA MET B 87 -0.86 22.23 -23.43
C MET B 87 -2.31 21.87 -23.71
N VAL B 88 -2.54 20.83 -24.47
CA VAL B 88 -3.90 20.32 -24.75
C VAL B 88 -3.75 18.79 -24.55
N THR B 89 -4.90 18.17 -24.36
CA THR B 89 -4.92 16.71 -24.19
C THR B 89 -6.13 16.10 -24.81
N THR B 90 -6.22 14.78 -24.99
CA THR B 90 -7.45 14.26 -25.64
C THR B 90 -8.23 13.34 -24.72
N ASN B 91 -9.55 13.36 -24.73
CA ASN B 91 -10.22 12.40 -23.84
C ASN B 91 -10.36 11.06 -24.56
N LEU B 92 -9.63 10.05 -24.09
CA LEU B 92 -9.71 8.71 -24.69
C LEU B 92 -10.17 7.75 -23.58
N PHE B 93 -10.97 8.32 -22.67
CA PHE B 93 -11.35 7.40 -21.55
C PHE B 93 -12.80 7.34 -21.19
N THR B 94 -13.53 8.39 -21.50
CA THR B 94 -14.94 8.49 -21.15
C THR B 94 -15.95 7.69 -21.94
N HIS B 95 -15.95 7.88 -23.24
CA HIS B 95 -16.98 7.17 -24.04
C HIS B 95 -16.86 5.68 -23.99
N PRO B 96 -17.97 4.91 -23.95
CA PRO B 96 -17.97 3.45 -23.90
C PRO B 96 -17.09 2.71 -24.88
N VAL B 97 -16.91 3.22 -26.08
CA VAL B 97 -16.08 2.60 -27.13
C VAL B 97 -14.64 2.38 -26.67
N PHE B 98 -14.11 3.23 -25.81
CA PHE B 98 -12.76 3.16 -25.26
C PHE B 98 -12.64 2.32 -23.98
N LYS B 99 -13.63 1.50 -23.64
CA LYS B 99 -13.63 0.71 -22.43
C LYS B 99 -12.42 -0.20 -22.31
N ASP B 100 -11.84 -0.60 -23.43
CA ASP B 100 -10.66 -1.46 -23.46
C ASP B 100 -9.43 -0.70 -23.91
N GLY B 101 -9.56 0.60 -24.02
CA GLY B 101 -8.47 1.51 -24.38
C GLY B 101 -8.83 2.20 -25.69
N GLY B 102 -7.97 3.12 -26.06
CA GLY B 102 -8.05 3.86 -27.32
C GLY B 102 -6.95 3.22 -28.24
N PHE B 103 -5.73 3.73 -28.07
CA PHE B 103 -4.57 3.26 -28.80
C PHE B 103 -4.27 1.76 -28.69
N THR B 104 -4.60 1.09 -27.62
CA THR B 104 -4.30 -0.32 -27.47
C THR B 104 -5.56 -1.13 -27.28
N SER B 105 -6.70 -0.62 -27.74
CA SER B 105 -7.91 -1.46 -27.62
C SER B 105 -7.66 -2.77 -28.35
N ASN B 106 -8.21 -3.90 -27.92
CA ASN B 106 -8.04 -5.19 -28.58
C ASN B 106 -8.70 -4.98 -29.98
N ASP B 107 -9.74 -4.19 -30.03
CA ASP B 107 -10.48 -3.93 -31.26
C ASP B 107 -9.78 -2.90 -32.15
N ARG B 108 -9.38 -3.36 -33.31
CA ARG B 108 -8.68 -2.51 -34.29
C ARG B 108 -9.38 -1.27 -34.81
N SER B 109 -10.71 -1.35 -34.89
CA SER B 109 -11.53 -0.19 -35.33
C SER B 109 -11.46 0.91 -34.28
N VAL B 110 -11.35 0.52 -33.00
CA VAL B 110 -11.25 1.48 -31.92
C VAL B 110 -9.91 2.22 -32.01
N ARG B 111 -8.88 1.44 -32.31
CA ARG B 111 -7.52 2.06 -32.39
C ARG B 111 -7.45 3.14 -33.44
N ARG B 112 -8.05 2.84 -34.59
CA ARG B 112 -8.08 3.77 -35.77
C ARG B 112 -8.87 5.02 -35.45
N TYR B 113 -10.02 4.82 -34.80
CA TYR B 113 -10.88 5.92 -34.35
C TYR B 113 -10.10 6.75 -33.35
N ALA B 114 -9.46 6.10 -32.38
CA ALA B 114 -8.70 6.82 -31.35
C ALA B 114 -7.67 7.75 -31.97
N ILE B 115 -6.99 7.21 -33.00
CA ILE B 115 -5.95 8.04 -33.66
C ILE B 115 -6.57 9.28 -34.31
N ARG B 116 -7.66 9.07 -35.03
CA ARG B 116 -8.38 10.16 -35.69
C ARG B 116 -8.78 11.26 -34.72
N LYS B 117 -9.29 10.80 -33.57
CA LYS B 117 -9.75 11.69 -32.51
C LYS B 117 -8.57 12.51 -32.06
N VAL B 118 -7.39 11.94 -31.95
CA VAL B 118 -6.24 12.75 -31.49
C VAL B 118 -5.74 13.74 -32.52
N LEU B 119 -5.71 13.32 -33.78
CA LEU B 119 -5.21 14.22 -34.87
C LEU B 119 -6.03 15.50 -34.83
N ARG B 120 -7.32 15.32 -34.70
CA ARG B 120 -8.24 16.47 -34.65
C ARG B 120 -7.94 17.45 -33.54
N GLN B 121 -7.56 16.94 -32.37
CA GLN B 121 -7.22 17.78 -31.20
C GLN B 121 -5.87 18.42 -31.48
N MET B 122 -5.00 17.67 -32.15
CA MET B 122 -3.67 18.27 -32.46
C MET B 122 -3.93 19.54 -33.29
N ASP B 123 -4.87 19.45 -34.22
CA ASP B 123 -5.16 20.59 -35.10
C ASP B 123 -5.62 21.78 -34.25
N LEU B 124 -6.58 21.46 -33.39
CA LEU B 124 -7.09 22.53 -32.52
C LEU B 124 -6.00 23.08 -31.60
N GLY B 125 -5.17 22.19 -31.12
CA GLY B 125 -4.06 22.57 -30.23
C GLY B 125 -3.15 23.53 -30.97
N ALA B 126 -2.70 23.11 -32.15
CA ALA B 126 -1.79 23.90 -33.00
C ALA B 126 -2.35 25.31 -33.26
N GLU B 127 -3.63 25.36 -33.53
CA GLU B 127 -4.39 26.58 -33.76
C GLU B 127 -4.47 27.53 -32.57
N LEU B 128 -4.49 27.02 -31.34
CA LEU B 128 -4.55 27.83 -30.12
C LEU B 128 -3.16 28.18 -29.58
N GLY B 129 -2.09 27.71 -30.23
CA GLY B 129 -0.72 27.96 -29.86
C GLY B 129 -0.13 27.00 -28.82
N ALA B 130 -0.79 25.87 -28.55
CA ALA B 130 -0.24 24.92 -27.56
C ALA B 130 1.12 24.38 -28.00
N LYS B 131 2.02 24.15 -27.08
CA LYS B 131 3.34 23.58 -27.37
C LYS B 131 3.46 22.11 -27.05
N THR B 132 2.62 21.60 -26.15
CA THR B 132 2.70 20.21 -25.72
C THR B 132 1.40 19.45 -25.84
N LEU B 133 1.50 18.19 -26.24
CA LEU B 133 0.31 17.35 -26.33
C LEU B 133 0.53 16.34 -25.20
N VAL B 134 -0.32 16.28 -24.23
CA VAL B 134 -0.16 15.32 -23.12
C VAL B 134 -1.02 14.12 -23.54
N LEU B 135 -0.43 12.96 -23.31
CA LEU B 135 -1.13 11.71 -23.65
C LEU B 135 -1.36 10.94 -22.37
N TRP B 136 -2.63 10.81 -22.00
CA TRP B 136 -2.94 10.01 -20.78
C TRP B 136 -3.71 8.76 -21.24
N GLY B 137 -3.04 7.63 -21.10
CA GLY B 137 -3.63 6.34 -21.48
C GLY B 137 -4.34 5.67 -20.30
N GLY B 138 -5.32 6.32 -19.72
CA GLY B 138 -6.13 5.87 -18.60
C GLY B 138 -6.88 4.60 -18.87
N ARG B 139 -7.24 4.31 -20.12
CA ARG B 139 -7.95 3.03 -20.42
C ARG B 139 -7.00 1.99 -21.00
N GLU B 140 -5.73 2.28 -21.09
CA GLU B 140 -4.75 1.34 -21.61
C GLU B 140 -4.34 0.34 -20.52
N GLY B 141 -4.72 -0.93 -20.57
CA GLY B 141 -4.30 -1.82 -19.47
C GLY B 141 -5.22 -3.04 -19.43
N ALA B 142 -5.50 -3.52 -18.22
CA ALA B 142 -6.38 -4.70 -18.16
C ALA B 142 -6.80 -4.94 -16.72
N GLU B 143 -7.79 -5.76 -16.52
CA GLU B 143 -8.26 -6.19 -15.22
C GLU B 143 -7.76 -7.61 -15.04
N TYR B 144 -7.53 -8.27 -16.16
CA TYR B 144 -7.12 -9.70 -16.27
C TYR B 144 -5.91 -9.87 -17.16
N ASP B 145 -4.89 -10.59 -16.68
CA ASP B 145 -3.64 -10.82 -17.37
C ASP B 145 -3.79 -11.47 -18.74
N SER B 146 -4.63 -12.48 -18.87
CA SER B 146 -4.77 -13.16 -20.16
C SER B 146 -5.51 -12.30 -21.16
N ALA B 147 -6.06 -11.17 -20.73
CA ALA B 147 -6.82 -10.39 -21.73
C ALA B 147 -6.01 -9.40 -22.53
N LYS B 148 -4.75 -9.20 -22.22
CA LYS B 148 -4.02 -8.16 -22.96
C LYS B 148 -2.60 -8.59 -23.17
N ASP B 149 -2.23 -8.57 -24.41
CA ASP B 149 -0.87 -8.94 -24.83
C ASP B 149 -0.08 -7.63 -24.68
N VAL B 150 0.71 -7.55 -23.61
CA VAL B 150 1.40 -6.29 -23.34
C VAL B 150 2.37 -5.87 -24.43
N SER B 151 3.08 -6.86 -24.93
CA SER B 151 4.10 -6.62 -26.02
C SER B 151 3.41 -6.07 -27.24
N ALA B 152 2.34 -6.67 -27.69
CA ALA B 152 1.51 -6.20 -28.81
C ALA B 152 0.96 -4.82 -28.44
N ALA B 153 0.53 -4.62 -27.18
CA ALA B 153 -0.04 -3.31 -26.82
C ALA B 153 1.05 -2.26 -26.94
N LEU B 154 2.30 -2.59 -26.60
CA LEU B 154 3.39 -1.60 -26.65
C LEU B 154 3.71 -1.27 -28.11
N ASP B 155 3.58 -2.26 -28.95
CA ASP B 155 3.82 -2.09 -30.41
C ASP B 155 2.80 -1.12 -30.99
N ARG B 156 1.56 -1.34 -30.60
CA ARG B 156 0.46 -0.49 -31.08
C ARG B 156 0.51 0.91 -30.51
N TYR B 157 1.08 1.08 -29.32
CA TYR B 157 1.18 2.38 -28.62
C TYR B 157 2.21 3.18 -29.38
N ARG B 158 3.31 2.47 -29.68
CA ARG B 158 4.45 3.04 -30.43
C ARG B 158 4.03 3.44 -31.85
N GLU B 159 3.36 2.50 -32.49
CA GLU B 159 2.85 2.74 -33.87
C GLU B 159 1.99 3.98 -33.93
N ALA B 160 1.10 4.19 -32.96
CA ALA B 160 0.25 5.38 -32.93
C ALA B 160 1.08 6.62 -32.66
N LEU B 161 2.02 6.56 -31.74
CA LEU B 161 2.79 7.78 -31.42
C LEU B 161 3.68 8.21 -32.58
N ASN B 162 4.29 7.27 -33.25
CA ASN B 162 5.19 7.53 -34.39
C ASN B 162 4.44 8.34 -35.42
N LEU B 163 3.20 7.94 -35.67
CA LEU B 163 2.35 8.63 -36.65
C LEU B 163 2.03 10.07 -36.26
N LEU B 164 1.62 10.28 -35.01
CA LEU B 164 1.33 11.59 -34.49
C LEU B 164 2.55 12.52 -34.65
N ALA B 165 3.75 11.99 -34.42
CA ALA B 165 4.97 12.83 -34.50
C ALA B 165 5.22 13.23 -35.96
N GLN B 166 5.02 12.30 -36.86
CA GLN B 166 5.14 12.38 -38.31
C GLN B 166 4.24 13.50 -38.81
N TYR B 167 3.00 13.43 -38.39
CA TYR B 167 1.98 14.43 -38.75
C TYR B 167 2.35 15.82 -38.27
N SER B 168 2.65 15.92 -37.00
CA SER B 168 3.01 17.19 -36.38
C SER B 168 4.19 17.79 -37.12
N GLU B 169 5.20 17.00 -37.36
CA GLU B 169 6.41 17.45 -38.05
C GLU B 169 6.12 17.92 -39.47
N ASP B 170 5.29 17.15 -40.17
CA ASP B 170 4.91 17.50 -41.54
C ASP B 170 4.00 18.73 -41.55
N ARG B 171 3.07 18.88 -40.63
CA ARG B 171 2.18 20.08 -40.70
C ARG B 171 2.90 21.28 -40.11
N GLY B 172 4.09 21.04 -39.59
CA GLY B 172 4.93 22.05 -38.93
C GLY B 172 4.31 22.58 -37.63
N TYR B 173 3.66 21.77 -36.79
CA TYR B 173 3.06 22.21 -35.53
C TYR B 173 4.05 22.46 -34.40
N GLY B 174 5.20 21.83 -34.47
CA GLY B 174 6.21 22.03 -33.41
C GLY B 174 5.77 21.54 -32.03
N LEU B 175 4.90 20.52 -31.95
CA LEU B 175 4.49 19.99 -30.66
C LEU B 175 5.56 19.03 -30.13
N ARG B 176 5.55 18.92 -28.81
CA ARG B 176 6.37 18.02 -28.01
C ARG B 176 5.31 17.05 -27.42
N PHE B 177 5.63 15.81 -27.15
CA PHE B 177 4.59 14.90 -26.62
C PHE B 177 5.01 14.44 -25.23
N ALA B 178 4.04 14.50 -24.32
CA ALA B 178 4.35 14.09 -22.94
C ALA B 178 3.39 12.98 -22.54
N ILE B 179 3.96 11.81 -22.28
CA ILE B 179 3.23 10.62 -21.86
C ILE B 179 2.97 10.75 -20.34
N GLU B 180 1.75 10.55 -19.91
CA GLU B 180 1.40 10.63 -18.49
C GLU B 180 1.15 9.27 -17.88
N PRO B 181 2.07 8.84 -17.01
CA PRO B 181 1.95 7.51 -16.37
C PRO B 181 0.95 7.50 -15.20
N LYS B 182 0.34 6.34 -14.95
CA LYS B 182 -0.60 6.17 -13.83
C LYS B 182 -0.62 4.67 -13.58
N PRO B 183 -0.52 4.23 -12.34
CA PRO B 183 -0.49 2.81 -12.08
C PRO B 183 -1.77 2.06 -12.24
N ASN B 184 -2.94 2.62 -11.94
CA ASN B 184 -4.23 1.93 -12.00
C ASN B 184 -5.25 3.06 -11.88
N GLU B 185 -6.50 2.64 -12.02
CA GLU B 185 -7.65 3.51 -11.96
C GLU B 185 -7.76 4.45 -13.16
N PRO B 186 -8.70 4.19 -14.05
CA PRO B 186 -9.71 3.15 -14.04
C PRO B 186 -9.38 1.74 -14.42
N ARG B 187 -8.30 1.43 -15.09
CA ARG B 187 -8.08 -0.02 -15.34
C ARG B 187 -7.45 -0.63 -14.10
N GLY B 188 -7.63 -1.91 -13.91
CA GLY B 188 -7.03 -2.62 -12.76
C GLY B 188 -5.52 -2.32 -12.73
N ASP B 189 -4.87 -2.39 -13.87
CA ASP B 189 -3.45 -2.11 -14.07
C ASP B 189 -3.35 -1.33 -15.40
N ILE B 190 -2.73 -0.18 -15.35
CA ILE B 190 -2.51 0.66 -16.54
C ILE B 190 -1.13 0.42 -17.14
N LEU B 191 -0.96 0.50 -18.47
CA LEU B 191 0.35 0.28 -19.12
C LEU B 191 1.24 1.48 -18.85
N LEU B 192 2.53 1.31 -18.62
CA LEU B 192 3.42 2.46 -18.33
C LEU B 192 2.96 3.02 -16.98
N PRO B 193 3.04 2.17 -15.97
CA PRO B 193 2.58 2.54 -14.63
C PRO B 193 3.35 3.58 -13.85
N THR B 194 4.59 3.86 -14.13
CA THR B 194 5.37 4.83 -13.37
C THR B 194 6.15 5.69 -14.36
N ALA B 195 6.70 6.76 -13.85
CA ALA B 195 7.54 7.69 -14.60
C ALA B 195 8.67 6.92 -15.24
N GLY B 196 9.20 5.91 -14.59
CA GLY B 196 10.31 5.07 -15.11
C GLY B 196 9.88 4.30 -16.34
N HIS B 197 8.80 3.51 -16.27
CA HIS B 197 8.29 2.74 -17.40
C HIS B 197 8.00 3.64 -18.60
N ALA B 198 7.47 4.84 -18.36
CA ALA B 198 7.13 5.79 -19.41
C ALA B 198 8.39 6.31 -20.08
N ILE B 199 9.45 6.64 -19.35
CA ILE B 199 10.70 7.09 -19.95
C ILE B 199 11.33 5.97 -20.77
N ALA B 200 11.35 4.73 -20.27
CA ALA B 200 11.95 3.61 -20.99
C ALA B 200 11.23 3.44 -22.32
N PHE B 201 9.92 3.52 -22.35
CA PHE B 201 9.11 3.39 -23.56
C PHE B 201 9.44 4.43 -24.62
N VAL B 202 9.50 5.67 -24.25
CA VAL B 202 9.74 6.86 -25.07
C VAL B 202 11.02 6.75 -25.88
N GLN B 203 11.99 6.15 -25.27
CA GLN B 203 13.35 5.87 -25.76
C GLN B 203 13.21 4.88 -26.91
N GLU B 204 12.15 4.15 -27.10
CA GLU B 204 12.07 3.21 -28.20
C GLU B 204 11.31 3.76 -29.40
N LEU B 205 10.87 5.00 -29.30
CA LEU B 205 10.09 5.62 -30.37
C LEU B 205 11.04 6.06 -31.51
N GLU B 206 10.46 6.41 -32.65
CA GLU B 206 11.21 6.82 -33.83
C GLU B 206 11.93 8.15 -33.74
N ARG B 207 11.35 9.15 -33.16
CA ARG B 207 11.90 10.47 -32.91
C ARG B 207 11.71 10.78 -31.41
N PRO B 208 12.50 10.09 -30.62
CA PRO B 208 12.47 10.17 -29.15
C PRO B 208 12.70 11.56 -28.62
N GLU B 209 13.41 12.35 -29.41
CA GLU B 209 13.69 13.73 -28.99
C GLU B 209 12.38 14.50 -28.88
N LEU B 210 11.32 14.05 -29.51
CA LEU B 210 10.02 14.73 -29.45
C LEU B 210 9.11 14.33 -28.29
N PHE B 211 9.47 13.30 -27.57
CA PHE B 211 8.76 12.71 -26.45
C PHE B 211 9.43 12.79 -25.08
N GLY B 212 8.60 13.06 -24.10
CA GLY B 212 9.02 13.16 -22.69
C GLY B 212 7.80 12.67 -21.87
N ILE B 213 7.87 13.02 -20.58
CA ILE B 213 6.76 12.62 -19.71
C ILE B 213 6.17 13.79 -18.97
N ASN B 214 4.98 13.56 -18.47
CA ASN B 214 4.17 14.50 -17.68
C ASN B 214 3.75 13.72 -16.42
N PRO B 215 4.64 13.61 -15.45
CA PRO B 215 4.38 12.86 -14.23
C PRO B 215 3.45 13.63 -13.33
N GLU B 216 2.60 12.98 -12.55
CA GLU B 216 1.67 13.70 -11.66
C GLU B 216 1.96 13.28 -10.25
N THR B 217 2.03 14.17 -9.29
CA THR B 217 2.35 13.82 -7.91
C THR B 217 1.60 12.62 -7.36
N GLY B 218 0.27 12.67 -7.43
CA GLY B 218 -0.58 11.62 -6.94
C GLY B 218 -0.37 10.28 -7.57
N HIS B 219 -0.07 10.24 -8.88
CA HIS B 219 0.14 8.94 -9.57
C HIS B 219 1.29 8.12 -9.04
N GLU B 220 2.41 8.73 -8.75
CA GLU B 220 3.59 8.03 -8.21
C GLU B 220 3.29 7.64 -6.76
N GLN B 221 2.57 8.49 -6.02
CA GLN B 221 2.26 8.23 -4.62
C GLN B 221 1.25 7.11 -4.52
N MET B 222 0.43 6.85 -5.52
CA MET B 222 -0.53 5.75 -5.51
C MET B 222 0.23 4.44 -5.42
N SER B 223 1.49 4.38 -5.75
CA SER B 223 2.33 3.20 -5.67
C SER B 223 3.33 3.32 -4.54
N ASN B 224 3.17 4.36 -3.73
CA ASN B 224 4.01 4.72 -2.59
C ASN B 224 5.43 5.07 -3.03
N LEU B 225 5.65 5.58 -4.23
CA LEU B 225 7.00 5.97 -4.67
C LEU B 225 7.27 7.44 -4.27
N ASN B 226 8.58 7.75 -4.26
CA ASN B 226 9.08 9.09 -3.90
C ASN B 226 8.96 9.95 -5.13
N PHE B 227 8.00 10.87 -5.16
CA PHE B 227 7.74 11.73 -6.28
C PHE B 227 8.98 12.56 -6.54
N THR B 228 9.48 13.33 -5.61
CA THR B 228 10.66 14.16 -5.84
C THR B 228 11.83 13.41 -6.49
N GLN B 229 12.14 12.21 -5.99
CA GLN B 229 13.21 11.38 -6.50
C GLN B 229 12.94 10.96 -7.95
N GLY B 230 11.70 10.69 -8.32
CA GLY B 230 11.38 10.27 -9.69
C GLY B 230 11.53 11.44 -10.64
N ILE B 231 11.14 12.62 -10.18
CA ILE B 231 11.24 13.88 -10.93
C ILE B 231 12.75 14.15 -11.10
N ALA B 232 13.55 13.95 -10.09
CA ALA B 232 15.01 14.16 -10.22
C ALA B 232 15.57 13.21 -11.28
N GLN B 233 15.09 11.97 -11.40
CA GLN B 233 15.50 11.02 -12.42
C GLN B 233 15.04 11.53 -13.79
N ALA B 234 13.80 11.99 -13.89
CA ALA B 234 13.24 12.53 -15.14
C ALA B 234 14.12 13.67 -15.64
N LEU B 235 14.47 14.62 -14.80
CA LEU B 235 15.32 15.76 -15.17
C LEU B 235 16.69 15.26 -15.60
N TRP B 236 17.23 14.23 -15.01
CA TRP B 236 18.54 13.66 -15.32
C TRP B 236 18.51 13.19 -16.78
N HIS B 237 17.44 12.54 -17.14
CA HIS B 237 17.18 12.05 -18.47
C HIS B 237 16.77 13.19 -19.39
N LYS B 238 16.35 14.35 -18.94
CA LYS B 238 15.88 15.44 -19.78
C LYS B 238 14.53 15.19 -20.45
N LYS B 239 13.72 14.47 -19.67
CA LYS B 239 12.40 14.07 -20.13
C LYS B 239 11.24 14.73 -19.41
N LEU B 240 11.52 15.77 -18.62
CA LEU B 240 10.47 16.46 -17.88
C LEU B 240 9.88 17.50 -18.84
N PHE B 241 8.94 17.08 -19.67
CA PHE B 241 8.34 18.01 -20.62
C PHE B 241 7.23 18.80 -19.96
N HIS B 242 6.62 18.27 -18.93
CA HIS B 242 5.48 18.97 -18.26
C HIS B 242 5.35 18.30 -16.90
N ILE B 243 4.62 18.88 -15.97
CA ILE B 243 4.41 18.25 -14.64
C ILE B 243 3.04 18.56 -14.07
N ASP B 244 2.33 17.61 -13.50
CA ASP B 244 0.99 17.84 -12.93
C ASP B 244 1.19 17.77 -11.41
N LEU B 245 0.76 18.81 -10.70
CA LEU B 245 0.88 18.88 -9.26
C LEU B 245 -0.46 18.69 -8.57
N ASN B 246 -0.46 17.89 -7.51
CA ASN B 246 -1.69 17.65 -6.73
C ASN B 246 -1.26 16.92 -5.48
N GLY B 247 -2.21 16.48 -4.66
CA GLY B 247 -1.86 15.83 -3.38
C GLY B 247 -2.53 14.47 -3.33
N GLN B 248 -1.95 13.57 -2.53
CA GLN B 248 -2.48 12.19 -2.38
C GLN B 248 -2.02 11.63 -1.05
N HIS B 249 -2.80 10.73 -0.48
CA HIS B 249 -2.44 10.10 0.81
C HIS B 249 -2.17 8.60 0.54
N GLY B 250 -1.05 8.33 -0.12
CA GLY B 250 -0.54 7.04 -0.47
C GLY B 250 -1.37 6.19 -1.37
N PRO B 251 -1.15 4.87 -1.25
CA PRO B 251 -1.88 3.91 -2.08
C PRO B 251 -3.35 3.81 -1.82
N LYS B 252 -4.20 4.47 -2.54
CA LYS B 252 -5.67 4.43 -2.37
C LYS B 252 -6.18 5.04 -3.68
N PHE B 253 -7.49 5.21 -3.77
CA PHE B 253 -8.03 5.86 -5.02
C PHE B 253 -7.31 7.17 -5.21
N ASP B 254 -7.30 7.61 -6.44
CA ASP B 254 -6.70 8.91 -6.86
C ASP B 254 -7.47 10.08 -6.21
N GLN B 255 -6.92 10.82 -5.28
CA GLN B 255 -7.61 11.88 -4.57
C GLN B 255 -7.65 13.21 -5.25
N ASP B 256 -6.57 13.58 -5.96
CA ASP B 256 -6.52 14.89 -6.62
C ASP B 256 -6.68 16.03 -5.63
N LEU B 257 -6.00 16.00 -4.51
CA LEU B 257 -6.14 17.11 -3.54
C LEU B 257 -5.29 18.27 -4.09
N VAL B 258 -5.42 19.41 -3.42
CA VAL B 258 -4.65 20.59 -3.74
C VAL B 258 -3.18 20.19 -3.52
N PHE B 259 -2.28 20.74 -4.32
CA PHE B 259 -0.85 20.46 -4.17
C PHE B 259 -0.44 20.81 -2.75
N GLY B 260 0.28 19.91 -2.11
CA GLY B 260 0.77 20.10 -0.74
C GLY B 260 -0.22 19.69 0.33
N HIS B 261 -1.43 19.25 -0.01
CA HIS B 261 -2.44 18.82 0.94
C HIS B 261 -2.34 17.31 1.25
N GLY B 262 -1.45 16.63 0.56
CA GLY B 262 -1.20 15.19 0.74
C GLY B 262 0.09 14.99 1.53
N ASP B 263 1.18 14.69 0.84
CA ASP B 263 2.52 14.49 1.45
C ASP B 263 3.20 15.86 1.43
N LEU B 264 3.11 16.62 2.53
CA LEU B 264 3.69 17.95 2.66
C LEU B 264 5.21 17.95 2.59
N LEU B 265 5.86 17.00 3.25
CA LEU B 265 7.31 16.95 3.21
C LEU B 265 7.82 16.74 1.80
N ASN B 266 7.21 15.92 0.98
CA ASN B 266 7.63 15.67 -0.39
C ASN B 266 7.23 16.85 -1.26
N ALA B 267 6.22 17.63 -0.92
CA ALA B 267 5.85 18.77 -1.77
C ALA B 267 6.94 19.83 -1.60
N PHE B 268 7.52 19.90 -0.45
CA PHE B 268 8.59 20.84 -0.05
C PHE B 268 9.88 20.56 -0.82
N SER B 269 10.34 19.34 -0.76
CA SER B 269 11.52 18.85 -1.46
C SER B 269 11.33 18.97 -2.97
N LEU B 270 10.18 18.77 -3.54
CA LEU B 270 9.89 18.91 -4.95
C LEU B 270 10.09 20.37 -5.37
N VAL B 271 9.51 21.32 -4.67
CA VAL B 271 9.60 22.76 -4.95
C VAL B 271 11.07 23.17 -4.87
N ASP B 272 11.74 22.61 -3.87
CA ASP B 272 13.19 22.86 -3.71
C ASP B 272 13.94 22.39 -4.95
N LEU B 273 13.71 21.19 -5.48
CA LEU B 273 14.33 20.64 -6.66
C LEU B 273 14.01 21.45 -7.90
N LEU B 274 12.77 21.82 -8.19
CA LEU B 274 12.42 22.59 -9.36
C LEU B 274 12.97 24.03 -9.33
N GLU B 275 13.03 24.64 -8.17
CA GLU B 275 13.44 26.03 -8.09
C GLU B 275 14.88 26.35 -7.76
N ASN B 276 15.44 25.55 -6.91
CA ASN B 276 16.84 25.73 -6.45
C ASN B 276 17.68 24.81 -7.34
N GLY B 277 17.61 25.22 -8.59
CA GLY B 277 18.33 24.54 -9.68
C GLY B 277 19.75 25.10 -9.69
N PRO B 278 20.55 24.49 -10.55
CA PRO B 278 21.95 24.88 -10.74
C PRO B 278 21.97 26.25 -11.44
N ASP B 279 22.94 26.96 -10.90
CA ASP B 279 23.21 28.35 -11.34
C ASP B 279 22.07 29.17 -10.76
N GLY B 280 21.77 28.98 -9.50
CA GLY B 280 20.68 29.68 -8.81
C GLY B 280 19.26 29.41 -9.30
N ALA B 281 19.16 29.35 -10.62
CA ALA B 281 18.00 29.15 -11.44
C ALA B 281 17.31 27.81 -11.32
N PRO B 282 16.02 27.85 -11.63
CA PRO B 282 15.16 26.67 -11.58
C PRO B 282 15.75 25.62 -12.52
N ALA B 283 15.57 24.40 -12.06
CA ALA B 283 16.01 23.25 -12.86
C ALA B 283 14.93 22.96 -13.90
N TYR B 284 13.74 23.51 -13.69
CA TYR B 284 12.62 23.23 -14.61
C TYR B 284 12.02 24.57 -14.95
N ASP B 285 11.78 24.73 -16.23
CA ASP B 285 11.20 25.96 -16.78
C ASP B 285 9.84 25.76 -17.42
N GLY B 286 9.15 24.65 -17.35
CA GLY B 286 7.83 24.56 -18.01
C GLY B 286 6.75 25.05 -17.04
N PRO B 287 5.53 24.77 -17.48
CA PRO B 287 4.34 25.12 -16.70
C PRO B 287 4.29 24.30 -15.41
N ARG B 288 3.74 24.91 -14.38
CA ARG B 288 3.52 24.28 -13.05
C ARG B 288 2.00 24.09 -13.16
N HIS B 289 1.57 22.99 -13.68
CA HIS B 289 0.14 22.73 -13.89
C HIS B 289 -0.49 22.00 -12.72
N PHE B 290 -1.65 22.44 -12.27
CA PHE B 290 -2.37 21.80 -11.14
C PHE B 290 -3.48 20.93 -11.72
N ASP B 291 -3.38 19.64 -11.54
CA ASP B 291 -4.44 18.70 -12.05
C ASP B 291 -5.02 18.15 -10.74
N TYR B 292 -5.98 18.87 -10.21
CA TYR B 292 -6.59 18.51 -8.92
C TYR B 292 -8.09 18.66 -9.05
N LYS B 293 -8.79 18.37 -7.95
CA LYS B 293 -10.24 18.46 -7.88
C LYS B 293 -10.67 19.07 -6.54
N PRO B 294 -11.49 20.10 -6.67
CA PRO B 294 -12.08 20.76 -5.47
C PRO B 294 -12.93 19.68 -4.82
N SER B 295 -12.83 19.43 -3.54
CA SER B 295 -13.58 18.34 -2.88
C SER B 295 -15.07 18.41 -3.15
N ARG B 296 -15.71 17.25 -3.20
CA ARG B 296 -17.13 17.10 -3.45
C ARG B 296 -17.98 17.85 -2.41
N THR B 297 -17.50 18.14 -1.22
CA THR B 297 -18.24 18.84 -0.17
C THR B 297 -18.35 20.34 -0.34
N GLU B 298 -17.72 20.86 -1.38
CA GLU B 298 -17.63 22.28 -1.70
C GLU B 298 -18.50 22.85 -2.80
N ASP B 299 -18.78 24.13 -2.69
CA ASP B 299 -19.60 24.86 -3.68
C ASP B 299 -18.62 25.71 -4.49
N TYR B 300 -19.14 26.53 -5.40
CA TYR B 300 -18.29 27.37 -6.24
C TYR B 300 -17.35 28.24 -5.45
N ASP B 301 -17.67 28.60 -4.23
CA ASP B 301 -16.71 29.42 -3.47
C ASP B 301 -15.53 28.54 -3.05
N GLY B 302 -15.87 27.33 -2.65
CA GLY B 302 -14.82 26.38 -2.21
C GLY B 302 -13.96 26.14 -3.46
N VAL B 303 -14.58 26.08 -4.62
CA VAL B 303 -13.88 25.86 -5.87
C VAL B 303 -12.85 26.97 -6.08
N TRP B 304 -13.14 28.25 -6.05
CA TRP B 304 -12.11 29.28 -6.29
C TRP B 304 -11.12 29.28 -5.14
N GLU B 305 -11.57 28.94 -3.94
CA GLU B 305 -10.71 28.88 -2.76
C GLU B 305 -9.59 27.84 -3.01
N SER B 306 -10.01 26.66 -3.45
CA SER B 306 -9.12 25.54 -3.76
C SER B 306 -8.18 25.93 -4.90
N ALA B 307 -8.62 26.66 -5.90
CA ALA B 307 -7.71 27.07 -7.00
C ALA B 307 -6.56 27.94 -6.50
N LYS B 308 -6.83 28.92 -5.69
CA LYS B 308 -5.91 29.83 -5.05
C LYS B 308 -5.01 29.13 -4.06
N ALA B 309 -5.52 28.10 -3.39
CA ALA B 309 -4.73 27.32 -2.41
C ALA B 309 -3.57 26.64 -3.11
N ASN B 310 -3.78 26.15 -4.32
CA ASN B 310 -2.71 25.50 -5.12
C ASN B 310 -1.57 26.51 -5.26
N ILE B 311 -1.85 27.72 -5.71
CA ILE B 311 -0.85 28.75 -5.90
C ILE B 311 -0.21 29.16 -4.57
N ARG B 312 -1.02 29.41 -3.56
CA ARG B 312 -0.46 29.81 -2.25
C ARG B 312 0.49 28.78 -1.72
N MET B 313 0.20 27.50 -1.79
CA MET B 313 1.00 26.36 -1.31
C MET B 313 2.35 26.34 -2.03
N TYR B 314 2.37 26.45 -3.34
CA TYR B 314 3.60 26.46 -4.13
C TYR B 314 4.46 27.64 -3.75
N LEU B 315 3.90 28.86 -3.65
CA LEU B 315 4.67 30.05 -3.28
C LEU B 315 5.16 30.00 -1.84
N LEU B 316 4.40 29.50 -0.86
CA LEU B 316 4.86 29.40 0.53
C LEU B 316 6.02 28.41 0.63
N LEU B 317 5.97 27.34 -0.13
CA LEU B 317 7.01 26.29 -0.11
C LEU B 317 8.27 26.83 -0.78
N LYS B 318 8.10 27.54 -1.86
CA LYS B 318 9.21 28.15 -2.63
C LYS B 318 10.04 29.04 -1.72
N GLU B 319 9.38 29.93 -1.03
CA GLU B 319 9.93 30.89 -0.07
C GLU B 319 10.69 30.17 1.02
N ARG B 320 10.19 29.07 1.56
CA ARG B 320 10.88 28.28 2.60
C ARG B 320 12.04 27.47 2.02
N ALA B 321 11.97 26.98 0.78
CA ALA B 321 13.05 26.23 0.15
C ALA B 321 14.24 27.19 -0.05
N LYS B 322 14.03 28.43 -0.49
CA LYS B 322 15.11 29.39 -0.67
C LYS B 322 15.69 29.73 0.68
N ALA B 323 14.91 30.04 1.70
CA ALA B 323 15.46 30.37 3.03
C ALA B 323 16.30 29.21 3.53
N PHE B 324 15.85 28.00 3.23
CA PHE B 324 16.56 26.78 3.67
C PHE B 324 18.00 26.75 3.15
N ARG B 325 18.11 26.90 1.85
CA ARG B 325 19.37 26.88 1.08
C ARG B 325 20.26 28.06 1.48
N ALA B 326 19.65 29.18 1.79
CA ALA B 326 20.40 30.36 2.21
C ALA B 326 20.87 30.29 3.65
N ASP B 327 20.45 29.42 4.50
CA ASP B 327 20.86 29.33 5.89
C ASP B 327 22.23 28.69 6.07
N PRO B 328 23.14 29.47 6.69
CA PRO B 328 24.50 29.06 6.99
C PRO B 328 24.62 27.76 7.77
N GLU B 329 23.67 27.53 8.67
CA GLU B 329 23.70 26.28 9.45
C GLU B 329 23.36 25.08 8.58
N VAL B 330 22.50 25.33 7.61
CA VAL B 330 22.11 24.31 6.64
C VAL B 330 23.41 24.05 5.85
N GLN B 331 24.03 25.14 5.40
CA GLN B 331 25.28 25.11 4.61
C GLN B 331 26.29 24.24 5.35
N GLU B 332 26.36 24.40 6.66
CA GLU B 332 27.26 23.62 7.50
C GLU B 332 26.82 22.16 7.59
N ALA B 333 25.51 21.91 7.64
CA ALA B 333 25.04 20.52 7.74
C ALA B 333 25.25 19.88 6.37
N LEU B 334 25.05 20.56 5.26
CA LEU B 334 25.25 19.94 3.92
C LEU B 334 26.69 19.47 3.78
N ALA B 335 27.59 20.32 4.28
CA ALA B 335 29.03 19.99 4.21
C ALA B 335 29.30 18.77 5.05
N ALA B 336 28.81 18.70 6.26
CA ALA B 336 29.06 17.55 7.14
C ALA B 336 28.43 16.31 6.52
N SER B 337 27.39 16.47 5.71
CA SER B 337 26.70 15.29 5.14
C SER B 337 27.30 14.83 3.81
N LYS B 338 28.21 15.66 3.33
CA LYS B 338 28.93 15.43 2.08
C LYS B 338 28.07 15.40 0.84
N VAL B 339 26.99 16.13 0.94
CA VAL B 339 26.05 16.16 -0.18
C VAL B 339 26.79 16.50 -1.47
N ALA B 340 27.58 17.56 -1.48
CA ALA B 340 28.29 18.00 -2.67
C ALA B 340 29.48 17.14 -3.11
N GLU B 341 29.96 16.29 -2.24
CA GLU B 341 31.08 15.42 -2.59
C GLU B 341 30.69 14.37 -3.58
N LEU B 342 29.39 14.16 -3.77
CA LEU B 342 28.82 13.17 -4.71
C LEU B 342 28.95 13.73 -6.12
N LYS B 343 29.11 15.04 -6.17
CA LYS B 343 29.25 15.66 -7.51
C LYS B 343 30.65 15.52 -8.12
N THR B 344 31.64 15.24 -7.33
CA THR B 344 33.02 15.04 -7.70
C THR B 344 33.13 13.60 -8.19
N PRO B 345 33.64 13.40 -9.39
CA PRO B 345 33.78 12.06 -9.94
C PRO B 345 34.49 11.13 -8.98
N THR B 346 34.08 9.87 -9.06
CA THR B 346 34.75 8.87 -8.23
C THR B 346 36.20 8.72 -8.66
N LEU B 347 36.45 8.74 -9.96
CA LEU B 347 37.82 8.60 -10.52
C LEU B 347 38.46 9.96 -10.76
N ASN B 348 39.76 10.03 -10.57
CA ASN B 348 40.55 11.26 -10.87
C ASN B 348 40.58 11.37 -12.40
N PRO B 349 40.72 12.55 -12.94
CA PRO B 349 40.73 12.77 -14.39
C PRO B 349 41.82 11.90 -14.98
N GLY B 350 41.51 11.17 -16.02
CA GLY B 350 42.40 10.26 -16.68
C GLY B 350 42.53 8.91 -16.00
N GLU B 351 41.93 8.66 -14.86
CA GLU B 351 42.09 7.31 -14.25
C GLU B 351 41.11 6.34 -14.84
N GLY B 352 41.41 5.10 -15.11
CA GLY B 352 40.57 4.06 -15.68
C GLY B 352 40.73 2.86 -14.74
N TYR B 353 40.23 1.68 -15.08
CA TYR B 353 40.35 0.53 -14.18
C TYR B 353 41.78 0.21 -13.86
N ALA B 354 42.68 0.37 -14.81
CA ALA B 354 44.10 0.02 -14.61
C ALA B 354 44.72 0.82 -13.48
N GLU B 355 44.45 2.13 -13.48
CA GLU B 355 44.97 2.96 -12.39
C GLU B 355 44.17 2.66 -11.15
N LEU B 356 42.88 2.41 -11.20
CA LEU B 356 42.12 2.12 -9.95
C LEU B 356 42.68 0.86 -9.31
N LEU B 357 42.92 -0.17 -10.11
CA LEU B 357 43.48 -1.44 -9.64
C LEU B 357 44.84 -1.31 -8.96
N ALA B 358 45.60 -0.35 -9.42
CA ALA B 358 46.93 -0.04 -8.90
C ALA B 358 46.94 0.73 -7.61
N ASP B 359 45.84 1.33 -7.23
CA ASP B 359 45.68 2.13 -5.98
C ASP B 359 45.40 1.23 -4.80
N ARG B 360 46.40 0.90 -4.03
CA ARG B 360 46.28 0.07 -2.84
C ARG B 360 45.31 0.70 -1.85
N SER B 361 45.29 2.00 -1.84
CA SER B 361 44.42 2.74 -0.91
C SER B 361 42.91 2.57 -1.15
N ALA B 362 42.48 2.17 -2.30
CA ALA B 362 41.08 1.94 -2.64
C ALA B 362 40.74 0.52 -2.25
N PHE B 363 41.67 -0.32 -1.81
CA PHE B 363 41.21 -1.68 -1.47
C PHE B 363 42.10 -2.33 -0.44
N GLU B 364 43.23 -2.78 -0.92
CA GLU B 364 44.15 -3.47 -0.01
C GLU B 364 44.44 -2.73 1.26
N ASP B 365 44.65 -1.45 1.22
CA ASP B 365 44.99 -0.72 2.44
C ASP B 365 43.82 0.14 2.85
N TYR B 366 42.64 -0.15 2.39
CA TYR B 366 41.51 0.70 2.83
C TYR B 366 40.96 0.22 4.16
N ASP B 367 40.76 1.14 5.09
CA ASP B 367 40.19 0.82 6.42
C ASP B 367 38.67 1.03 6.42
N ALA B 368 37.93 0.04 5.96
CA ALA B 368 36.47 0.08 5.87
C ALA B 368 35.87 0.28 7.25
N ASP B 369 36.47 -0.30 8.26
CA ASP B 369 35.99 -0.16 9.64
C ASP B 369 36.06 1.26 10.16
N ALA B 370 37.13 1.96 9.89
CA ALA B 370 37.19 3.35 10.39
C ALA B 370 36.18 4.20 9.63
N VAL B 371 36.04 4.02 8.34
CA VAL B 371 35.08 4.82 7.56
C VAL B 371 33.64 4.56 7.97
N GLY B 372 33.32 3.31 8.19
CA GLY B 372 32.01 2.82 8.60
C GLY B 372 31.51 3.34 9.93
N ALA B 373 32.40 3.78 10.79
CA ALA B 373 32.12 4.32 12.10
C ALA B 373 31.71 5.78 12.08
N LYS B 374 32.03 6.51 11.03
CA LYS B 374 31.66 7.92 10.97
C LYS B 374 30.24 8.12 10.43
N GLY B 375 29.49 8.94 11.11
CA GLY B 375 28.12 9.28 10.79
C GLY B 375 27.95 10.33 9.73
N PHE B 376 26.84 10.40 9.03
CA PHE B 376 26.65 11.40 7.99
C PHE B 376 25.90 12.61 8.46
N GLY B 377 25.31 12.64 9.64
CA GLY B 377 24.60 13.88 10.04
C GLY B 377 23.35 14.16 9.24
N PHE B 378 22.72 13.12 8.72
CA PHE B 378 21.50 13.27 7.89
C PHE B 378 20.29 13.67 8.72
N VAL B 379 20.17 13.13 9.94
CA VAL B 379 19.00 13.48 10.75
C VAL B 379 18.99 14.98 11.06
N LYS B 380 20.13 15.50 11.44
CA LYS B 380 20.23 16.95 11.73
C LYS B 380 19.88 17.81 10.55
N LEU B 381 20.37 17.42 9.39
CA LEU B 381 20.11 18.09 8.11
C LEU B 381 18.60 18.05 7.85
N ASN B 382 17.98 16.90 8.08
CA ASN B 382 16.52 16.77 7.86
C ASN B 382 15.76 17.69 8.82
N GLN B 383 16.15 17.70 10.07
CA GLN B 383 15.57 18.53 11.12
C GLN B 383 15.62 19.98 10.72
N LEU B 384 16.72 20.46 10.16
CA LEU B 384 16.85 21.86 9.70
C LEU B 384 15.94 22.17 8.54
N ALA B 385 15.77 21.22 7.62
CA ALA B 385 14.87 21.40 6.48
C ALA B 385 13.45 21.65 6.98
N ILE B 386 12.97 20.78 7.89
CA ILE B 386 11.63 20.84 8.49
C ILE B 386 11.43 22.15 9.26
N GLU B 387 12.39 22.53 10.06
CA GLU B 387 12.29 23.78 10.84
C GLU B 387 12.12 24.92 9.87
N HIS B 388 12.72 24.88 8.70
CA HIS B 388 12.55 25.93 7.69
C HIS B 388 11.12 25.85 7.17
N LEU B 389 10.67 24.62 6.90
CA LEU B 389 9.29 24.40 6.43
C LEU B 389 8.30 24.95 7.46
N LEU B 390 8.48 24.73 8.76
CA LEU B 390 7.54 25.22 9.77
C LEU B 390 7.71 26.73 10.07
N GLY B 391 8.63 27.40 9.46
CA GLY B 391 8.87 28.83 9.71
C GLY B 391 9.42 29.02 11.12
N ALA B 392 10.06 28.07 11.73
CA ALA B 392 10.63 28.06 13.05
C ALA B 392 12.05 28.60 13.06
N ARG B 393 12.53 28.83 11.87
CA ARG B 393 13.87 29.37 11.66
C ARG B 393 13.67 30.25 10.38
N ALA C 4 11.28 22.12 26.86
CA ALA C 4 10.94 20.80 27.42
C ALA C 4 10.89 20.80 28.96
N THR C 5 9.72 20.49 29.52
CA THR C 5 9.49 20.43 30.96
C THR C 5 9.10 18.98 31.33
N ARG C 6 9.23 18.70 32.63
CA ARG C 6 8.86 17.38 33.15
C ARG C 6 7.34 17.23 32.99
N GLU C 7 6.66 18.34 32.91
CA GLU C 7 5.21 18.41 32.74
C GLU C 7 4.71 18.00 31.36
N ASP C 8 5.66 18.01 30.43
CA ASP C 8 5.50 17.66 29.02
C ASP C 8 5.45 16.13 28.92
N LYS C 9 6.10 15.49 29.84
CA LYS C 9 6.18 14.04 29.95
C LYS C 9 6.71 13.29 28.75
N PHE C 10 7.89 13.64 28.32
CA PHE C 10 8.50 12.97 27.18
C PHE C 10 9.27 11.81 27.75
N SER C 11 9.09 10.62 27.19
CA SER C 11 9.81 9.45 27.66
C SER C 11 10.39 8.74 26.43
N PHE C 12 11.44 7.98 26.69
CA PHE C 12 12.11 7.26 25.58
C PHE C 12 12.42 5.85 25.98
N GLY C 13 12.44 4.90 25.10
CA GLY C 13 12.79 3.52 25.44
C GLY C 13 14.31 3.49 25.34
N LEU C 14 14.87 2.67 26.21
CA LEU C 14 16.32 2.44 26.29
C LEU C 14 16.83 1.98 24.93
N TRP C 15 16.03 1.16 24.27
CA TRP C 15 16.21 0.54 22.98
C TRP C 15 16.09 1.48 21.78
N THR C 16 15.71 2.75 21.99
CA THR C 16 15.57 3.70 20.86
C THR C 16 16.97 4.24 20.58
N VAL C 17 17.46 5.07 21.48
CA VAL C 17 18.78 5.70 21.45
C VAL C 17 19.88 4.62 21.49
N GLY C 18 19.58 3.48 22.07
CA GLY C 18 20.49 2.38 22.22
C GLY C 18 20.47 1.43 21.06
N TRP C 19 19.72 1.67 20.00
CA TRP C 19 19.63 0.77 18.83
C TRP C 19 20.95 0.86 18.06
N GLN C 20 21.64 -0.23 17.95
CA GLN C 20 22.95 -0.33 17.28
C GLN C 20 22.98 -0.32 15.76
N ALA C 21 21.82 -0.31 15.17
CA ALA C 21 21.55 -0.19 13.76
C ALA C 21 21.98 -1.38 12.93
N ARG C 22 21.80 -2.53 13.52
CA ARG C 22 22.02 -3.83 12.87
C ARG C 22 20.66 -4.01 12.20
N ASP C 23 20.51 -3.98 10.92
CA ASP C 23 19.16 -4.14 10.31
C ASP C 23 19.09 -5.52 9.66
N ALA C 24 18.02 -5.72 8.92
CA ALA C 24 17.78 -7.00 8.24
C ALA C 24 18.81 -7.29 7.15
N PHE C 25 19.53 -6.28 6.68
CA PHE C 25 20.54 -6.41 5.64
C PHE C 25 21.96 -5.91 5.96
N GLY C 26 22.27 -5.70 7.23
CA GLY C 26 23.60 -5.19 7.55
C GLY C 26 23.89 -5.25 9.02
N ASP C 27 25.17 -5.10 9.27
CA ASP C 27 25.77 -5.15 10.60
C ASP C 27 25.48 -3.82 11.28
N ALA C 28 25.75 -3.87 12.56
CA ALA C 28 25.56 -2.74 13.47
C ALA C 28 26.57 -1.67 13.09
N THR C 29 26.18 -0.41 13.07
CA THR C 29 27.10 0.68 12.79
C THR C 29 27.43 1.44 14.06
N ARG C 30 26.84 1.09 15.20
CA ARG C 30 27.12 1.81 16.46
C ARG C 30 27.39 0.77 17.52
N THR C 31 28.20 1.19 18.47
CA THR C 31 28.58 0.35 19.62
C THR C 31 27.42 0.44 20.60
N ALA C 32 27.46 -0.45 21.56
CA ALA C 32 26.44 -0.55 22.62
C ALA C 32 26.43 0.69 23.50
N LEU C 33 25.22 1.09 23.89
CA LEU C 33 24.99 2.25 24.76
C LEU C 33 24.80 1.72 26.17
N ASP C 34 25.51 2.32 27.10
CA ASP C 34 25.44 1.94 28.53
C ASP C 34 24.18 2.60 29.11
N PRO C 35 23.39 1.79 29.79
CA PRO C 35 22.15 2.21 30.42
C PRO C 35 22.23 3.38 31.37
N VAL C 36 23.26 3.45 32.17
CA VAL C 36 23.47 4.54 33.13
C VAL C 36 23.75 5.79 32.33
N GLU C 37 24.52 5.61 31.28
CA GLU C 37 24.87 6.70 30.37
C GLU C 37 23.60 7.27 29.72
N ALA C 38 22.80 6.33 29.23
CA ALA C 38 21.51 6.65 28.60
C ALA C 38 20.62 7.48 29.52
N VAL C 39 20.51 7.10 30.77
CA VAL C 39 19.71 7.78 31.76
C VAL C 39 20.20 9.21 31.94
N HIS C 40 21.52 9.31 31.96
CA HIS C 40 22.16 10.62 32.12
C HIS C 40 21.95 11.50 30.92
N LYS C 41 22.15 11.00 29.71
CA LYS C 41 21.96 11.78 28.47
C LYS C 41 20.52 12.19 28.27
N LEU C 42 19.60 11.28 28.54
CA LEU C 42 18.18 11.53 28.40
C LEU C 42 17.74 12.59 29.40
N ALA C 43 18.25 12.51 30.59
CA ALA C 43 17.86 13.51 31.60
C ALA C 43 18.21 14.90 31.14
N GLU C 44 19.35 14.97 30.50
CA GLU C 44 19.97 16.17 29.96
C GLU C 44 19.19 16.75 28.81
N ILE C 45 18.57 15.96 27.95
CA ILE C 45 17.80 16.52 26.81
C ILE C 45 16.37 16.93 27.18
N GLY C 46 15.93 16.63 28.38
CA GLY C 46 14.61 16.99 28.88
C GLY C 46 13.59 15.88 29.09
N ALA C 47 13.99 14.64 28.92
CA ALA C 47 13.10 13.49 29.09
C ALA C 47 12.71 13.47 30.57
N TYR C 48 11.51 13.01 30.89
CA TYR C 48 11.07 12.92 32.30
C TYR C 48 11.11 11.45 32.76
N GLY C 49 11.15 10.56 31.76
CA GLY C 49 11.16 9.13 32.06
C GLY C 49 11.81 8.29 30.98
N ILE C 50 12.20 7.10 31.36
CA ILE C 50 12.82 6.08 30.52
C ILE C 50 12.07 4.74 30.66
N THR C 51 12.01 3.94 29.61
CA THR C 51 11.33 2.63 29.61
C THR C 51 12.24 1.55 29.05
N PHE C 52 11.97 0.29 29.27
CA PHE C 52 12.88 -0.73 28.71
C PHE C 52 12.21 -2.07 28.64
N HIS C 53 12.75 -2.95 27.82
CA HIS C 53 12.30 -4.32 27.75
C HIS C 53 13.29 -4.94 28.80
N ASP C 54 12.92 -6.03 29.40
CA ASP C 54 13.77 -6.70 30.37
C ASP C 54 15.19 -6.89 29.76
N ASP C 55 15.23 -7.53 28.60
CA ASP C 55 16.46 -7.87 27.90
C ASP C 55 17.25 -6.67 27.41
N ASP C 56 16.75 -5.47 27.47
CA ASP C 56 17.52 -4.30 27.05
C ASP C 56 18.42 -3.93 28.25
N LEU C 57 17.99 -4.09 29.48
CA LEU C 57 18.75 -3.74 30.68
C LEU C 57 19.69 -4.84 31.21
N VAL C 58 19.12 -6.02 31.37
CA VAL C 58 19.75 -7.21 31.88
C VAL C 58 19.79 -8.18 30.70
N PRO C 59 20.99 -8.45 30.21
CA PRO C 59 21.21 -9.37 29.08
C PRO C 59 20.55 -10.72 29.35
N PHE C 60 19.95 -11.27 28.33
CA PHE C 60 19.29 -12.57 28.41
C PHE C 60 20.30 -13.53 29.06
N GLY C 61 19.78 -14.24 30.06
CA GLY C 61 20.53 -15.23 30.81
C GLY C 61 21.51 -14.80 31.86
N SER C 62 21.44 -13.60 32.37
CA SER C 62 22.34 -13.10 33.41
C SER C 62 21.94 -13.83 34.71
N ASP C 63 22.98 -14.16 35.44
CA ASP C 63 22.79 -14.84 36.75
C ASP C 63 22.30 -13.68 37.63
N ALA C 64 21.69 -14.05 38.73
CA ALA C 64 21.11 -13.15 39.72
C ALA C 64 22.04 -12.07 40.27
N GLN C 65 23.27 -12.54 40.47
CA GLN C 65 24.31 -11.65 41.01
C GLN C 65 24.40 -10.51 39.99
N THR C 66 24.58 -10.93 38.77
CA THR C 66 24.72 -10.01 37.65
C THR C 66 23.50 -9.12 37.49
N ARG C 67 22.38 -9.79 37.35
CA ARG C 67 21.10 -9.09 37.17
C ARG C 67 20.91 -8.08 38.29
N ASP C 68 21.13 -8.58 39.49
CA ASP C 68 21.00 -7.81 40.73
C ASP C 68 21.88 -6.54 40.70
N GLY C 69 23.11 -6.72 40.27
CA GLY C 69 24.06 -5.63 40.16
C GLY C 69 23.60 -4.53 39.23
N ILE C 70 23.12 -4.92 38.04
CA ILE C 70 22.63 -4.01 37.02
C ILE C 70 21.49 -3.11 37.47
N ILE C 71 20.52 -3.73 38.11
CA ILE C 71 19.36 -3.02 38.63
C ILE C 71 19.73 -1.97 39.64
N ALA C 72 20.65 -2.30 40.54
CA ALA C 72 21.06 -1.32 41.58
C ALA C 72 21.74 -0.11 40.95
N GLY C 73 22.57 -0.33 39.95
CA GLY C 73 23.26 0.76 39.26
C GLY C 73 22.30 1.74 38.57
N PHE C 74 21.35 1.07 37.93
CA PHE C 74 20.24 1.66 37.17
C PHE C 74 19.39 2.50 38.11
N LYS C 75 18.96 1.94 39.22
CA LYS C 75 18.15 2.68 40.16
C LYS C 75 18.93 3.89 40.69
N LYS C 76 20.23 3.76 40.86
CA LYS C 76 21.05 4.89 41.33
C LYS C 76 21.04 6.05 40.35
N ALA C 77 21.15 5.71 39.08
CA ALA C 77 21.13 6.70 37.99
C ALA C 77 19.79 7.43 37.97
N LEU C 78 18.74 6.66 38.16
CA LEU C 78 17.37 7.22 38.14
C LEU C 78 17.30 8.33 39.18
N ASP C 79 17.72 7.88 40.33
CA ASP C 79 17.82 8.59 41.60
C ASP C 79 18.48 9.96 41.50
N GLU C 80 19.69 9.90 40.97
CA GLU C 80 20.53 11.05 40.73
C GLU C 80 19.95 12.00 39.71
N THR C 81 19.39 11.49 38.62
CA THR C 81 18.84 12.37 37.59
C THR C 81 17.41 12.79 37.86
N GLY C 82 16.67 12.06 38.64
CA GLY C 82 15.26 12.41 38.88
C GLY C 82 14.33 11.88 37.77
N LEU C 83 14.80 10.88 37.02
CA LEU C 83 14.02 10.25 35.97
C LEU C 83 13.18 9.12 36.59
N ILE C 84 11.98 8.97 36.07
CA ILE C 84 11.06 7.88 36.45
C ILE C 84 10.94 6.84 35.31
N VAL C 85 10.34 5.72 35.68
CA VAL C 85 10.06 4.58 34.81
C VAL C 85 8.54 4.45 34.75
N PRO C 86 7.93 5.12 33.78
CA PRO C 86 6.49 5.09 33.66
C PRO C 86 5.90 3.79 33.12
N MET C 87 6.71 3.05 32.38
CA MET C 87 6.24 1.82 31.72
C MET C 87 7.42 0.90 31.51
N VAL C 88 7.15 -0.38 31.48
CA VAL C 88 8.16 -1.41 31.26
C VAL C 88 7.44 -2.35 30.28
N THR C 89 8.23 -3.14 29.62
CA THR C 89 7.75 -4.17 28.66
C THR C 89 8.73 -5.35 28.68
N THR C 90 8.35 -6.41 28.02
CA THR C 90 9.06 -7.67 27.95
C THR C 90 9.42 -8.06 26.52
N ASN C 91 10.63 -8.57 26.36
CA ASN C 91 11.04 -8.98 25.03
C ASN C 91 10.59 -10.43 24.86
N LEU C 92 9.54 -10.57 24.02
CA LEU C 92 8.96 -11.89 23.67
C LEU C 92 9.15 -12.10 22.17
N PHE C 93 10.25 -11.56 21.61
CA PHE C 93 10.43 -11.68 20.15
C PHE C 93 11.81 -12.02 19.62
N THR C 94 12.84 -11.69 20.40
CA THR C 94 14.20 -11.93 19.92
C THR C 94 14.70 -13.34 19.89
N HIS C 95 14.64 -13.98 21.03
CA HIS C 95 15.14 -15.35 21.19
C HIS C 95 14.43 -16.30 20.29
N PRO C 96 15.15 -17.24 19.68
CA PRO C 96 14.59 -18.26 18.78
C PRO C 96 13.41 -19.04 19.33
N VAL C 97 13.33 -19.22 20.65
CA VAL C 97 12.22 -19.98 21.25
C VAL C 97 10.88 -19.31 20.88
N PHE C 98 10.85 -18.02 20.70
CA PHE C 98 9.67 -17.21 20.38
C PHE C 98 9.40 -17.10 18.89
N LYS C 99 10.01 -17.93 18.08
CA LYS C 99 9.82 -17.83 16.62
C LYS C 99 8.39 -17.96 16.14
N ASP C 100 7.54 -18.64 16.86
CA ASP C 100 6.13 -18.73 16.46
C ASP C 100 5.28 -17.96 17.46
N GLY C 101 5.81 -17.12 18.33
CA GLY C 101 5.01 -16.34 19.30
C GLY C 101 5.47 -16.70 20.71
N GLY C 102 4.95 -15.93 21.64
CA GLY C 102 5.23 -16.14 23.08
C GLY C 102 3.91 -16.68 23.61
N PHE C 103 2.94 -15.84 23.90
CA PHE C 103 1.63 -16.27 24.44
C PHE C 103 0.83 -17.17 23.50
N THR C 104 1.04 -17.07 22.20
CA THR C 104 0.31 -17.85 21.20
C THR C 104 1.14 -18.81 20.34
N SER C 105 2.31 -19.21 20.77
CA SER C 105 3.14 -20.17 20.06
C SER C 105 2.33 -21.47 20.04
N ASN C 106 2.46 -22.25 18.97
CA ASN C 106 1.79 -23.53 18.81
C ASN C 106 2.32 -24.45 19.91
N ASP C 107 3.57 -24.34 20.27
CA ASP C 107 4.21 -25.13 21.34
C ASP C 107 3.73 -24.72 22.75
N ARG C 108 3.06 -25.58 23.50
CA ARG C 108 2.56 -25.27 24.84
C ARG C 108 3.62 -24.87 25.83
N SER C 109 4.81 -25.43 25.79
CA SER C 109 5.91 -25.10 26.69
C SER C 109 6.44 -23.69 26.56
N VAL C 110 6.45 -23.14 25.34
CA VAL C 110 6.91 -21.76 25.10
C VAL C 110 5.94 -20.74 25.70
N ARG C 111 4.67 -21.10 25.58
CA ARG C 111 3.54 -20.28 26.11
C ARG C 111 3.71 -20.20 27.60
N ARG C 112 3.97 -21.31 28.26
CA ARG C 112 4.20 -21.38 29.71
C ARG C 112 5.43 -20.56 30.04
N TYR C 113 6.52 -20.68 29.33
CA TYR C 113 7.73 -19.90 29.55
C TYR C 113 7.52 -18.41 29.36
N ALA C 114 6.78 -18.05 28.32
CA ALA C 114 6.41 -16.67 28.00
C ALA C 114 5.74 -15.99 29.16
N ILE C 115 4.78 -16.63 29.82
CA ILE C 115 4.10 -16.03 30.98
C ILE C 115 5.08 -15.78 32.13
N ARG C 116 5.90 -16.80 32.43
CA ARG C 116 6.92 -16.69 33.48
C ARG C 116 7.84 -15.50 33.21
N LYS C 117 8.28 -15.27 31.98
CA LYS C 117 9.17 -14.16 31.61
C LYS C 117 8.49 -12.84 31.86
N VAL C 118 7.23 -12.73 31.59
CA VAL C 118 6.45 -11.51 31.86
C VAL C 118 6.21 -11.32 33.37
N LEU C 119 5.79 -12.35 34.11
CA LEU C 119 5.58 -12.15 35.55
C LEU C 119 6.83 -11.54 36.20
N ARG C 120 7.95 -12.10 35.78
CA ARG C 120 9.25 -11.62 36.27
C ARG C 120 9.47 -10.14 35.97
N GLN C 121 9.12 -9.75 34.75
CA GLN C 121 9.28 -8.34 34.37
C GLN C 121 8.31 -7.44 35.14
N MET C 122 7.15 -7.94 35.45
CA MET C 122 6.11 -7.27 36.23
C MET C 122 6.60 -6.88 37.61
N ASP C 123 7.32 -7.81 38.22
CA ASP C 123 7.90 -7.61 39.56
C ASP C 123 8.89 -6.43 39.54
N LEU C 124 9.72 -6.47 38.50
CA LEU C 124 10.75 -5.43 38.35
C LEU C 124 10.08 -4.10 38.08
N GLY C 125 9.08 -4.13 37.22
CA GLY C 125 8.37 -2.86 36.93
C GLY C 125 7.74 -2.32 38.21
N ALA C 126 7.13 -3.22 38.96
CA ALA C 126 6.48 -2.88 40.23
C ALA C 126 7.54 -2.22 41.16
N GLU C 127 8.67 -2.86 41.25
CA GLU C 127 9.82 -2.46 42.03
C GLU C 127 10.30 -1.07 41.65
N LEU C 128 10.25 -0.69 40.38
CA LEU C 128 10.71 0.61 39.91
C LEU C 128 9.63 1.69 39.87
N GLY C 129 8.40 1.38 40.19
CA GLY C 129 7.31 2.32 40.22
C GLY C 129 6.56 2.44 38.91
N ALA C 130 6.78 1.54 37.97
CA ALA C 130 6.12 1.61 36.67
C ALA C 130 4.62 1.45 36.88
N LYS C 131 3.86 2.19 36.13
CA LYS C 131 2.41 2.18 36.14
C LYS C 131 1.80 1.38 34.98
N THR C 132 2.48 1.20 33.86
CA THR C 132 1.94 0.51 32.72
C THR C 132 2.85 -0.62 32.26
N LEU C 133 2.21 -1.69 31.82
CA LEU C 133 2.92 -2.83 31.27
C LEU C 133 2.51 -2.82 29.78
N VAL C 134 3.44 -2.61 28.90
CA VAL C 134 3.13 -2.63 27.49
C VAL C 134 3.35 -4.06 26.99
N LEU C 135 2.39 -4.56 26.20
CA LEU C 135 2.53 -5.93 25.65
C LEU C 135 2.60 -5.82 24.12
N TRP C 136 3.75 -6.11 23.55
CA TRP C 136 3.88 -6.04 22.06
C TRP C 136 3.94 -7.48 21.55
N GLY C 137 2.87 -7.99 20.97
CA GLY C 137 2.84 -9.37 20.47
C GLY C 137 3.37 -9.49 19.05
N GLY C 138 4.61 -9.13 18.84
CA GLY C 138 5.36 -9.11 17.61
C GLY C 138 5.55 -10.43 16.92
N ARG C 139 5.61 -11.52 17.64
CA ARG C 139 5.77 -12.85 17.05
C ARG C 139 4.44 -13.58 17.02
N GLU C 140 3.35 -12.97 17.43
CA GLU C 140 2.02 -13.61 17.42
C GLU C 140 1.40 -13.40 16.04
N GLY C 141 1.20 -14.44 15.28
CA GLY C 141 0.61 -14.30 13.94
C GLY C 141 1.12 -15.46 13.09
N ALA C 142 1.28 -15.23 11.78
CA ALA C 142 1.71 -16.31 10.91
C ALA C 142 2.19 -15.86 9.54
N GLU C 143 2.81 -16.83 8.83
CA GLU C 143 3.22 -16.52 7.46
C GLU C 143 2.24 -17.19 6.50
N TYR C 144 1.60 -18.27 6.97
CA TYR C 144 0.66 -19.10 6.19
C TYR C 144 -0.63 -19.30 6.95
N ASP C 145 -1.76 -19.21 6.28
CA ASP C 145 -3.05 -19.33 6.95
C ASP C 145 -3.29 -20.65 7.62
N SER C 146 -2.85 -21.76 7.06
CA SER C 146 -3.15 -23.04 7.74
C SER C 146 -2.30 -23.33 8.94
N ALA C 147 -1.32 -22.52 9.24
CA ALA C 147 -0.39 -22.70 10.35
C ALA C 147 -0.85 -22.25 11.74
N LYS C 148 -1.79 -21.35 11.80
CA LYS C 148 -2.34 -20.75 12.98
C LYS C 148 -3.86 -20.72 13.05
N ASP C 149 -4.39 -21.32 14.10
CA ASP C 149 -5.82 -21.36 14.45
C ASP C 149 -6.03 -20.05 15.23
N VAL C 150 -6.53 -19.05 14.54
CA VAL C 150 -6.74 -17.70 15.10
C VAL C 150 -7.64 -17.71 16.33
N SER C 151 -8.65 -18.49 16.29
CA SER C 151 -9.60 -18.59 17.42
C SER C 151 -8.89 -19.10 18.66
N ALA C 152 -8.25 -20.24 18.53
CA ALA C 152 -7.47 -20.82 19.63
C ALA C 152 -6.40 -19.80 20.06
N ALA C 153 -5.80 -19.10 19.09
CA ALA C 153 -4.78 -18.12 19.46
C ALA C 153 -5.37 -17.05 20.36
N LEU C 154 -6.53 -16.50 20.07
CA LEU C 154 -7.19 -15.47 20.86
C LEU C 154 -7.54 -15.98 22.26
N ASP C 155 -7.93 -17.25 22.30
CA ASP C 155 -8.24 -17.91 23.58
C ASP C 155 -7.02 -17.93 24.49
N ARG C 156 -5.90 -18.34 23.89
CA ARG C 156 -4.64 -18.39 24.61
C ARG C 156 -4.09 -17.01 24.95
N TYR C 157 -4.28 -16.00 24.13
CA TYR C 157 -3.81 -14.63 24.38
C TYR C 157 -4.65 -14.18 25.58
N ARG C 158 -5.93 -14.46 25.57
CA ARG C 158 -6.84 -14.09 26.66
C ARG C 158 -6.50 -14.80 27.97
N GLU C 159 -6.25 -16.11 27.85
CA GLU C 159 -5.90 -16.91 29.02
C GLU C 159 -4.72 -16.33 29.78
N ALA C 160 -3.71 -15.92 29.03
CA ALA C 160 -2.47 -15.36 29.56
C ALA C 160 -2.67 -13.98 30.19
N LEU C 161 -3.41 -13.09 29.56
CA LEU C 161 -3.64 -11.76 30.09
C LEU C 161 -4.49 -11.82 31.36
N ASN C 162 -5.50 -12.68 31.39
CA ASN C 162 -6.34 -12.82 32.59
C ASN C 162 -5.51 -13.14 33.83
N LEU C 163 -4.52 -13.98 33.61
CA LEU C 163 -3.58 -14.43 34.62
C LEU C 163 -2.71 -13.28 35.12
N LEU C 164 -2.18 -12.49 34.22
CA LEU C 164 -1.33 -11.32 34.54
C LEU C 164 -2.13 -10.35 35.38
N ALA C 165 -3.37 -10.08 34.99
CA ALA C 165 -4.20 -9.13 35.74
C ALA C 165 -4.49 -9.70 37.14
N GLN C 166 -4.73 -10.99 37.25
CA GLN C 166 -5.01 -11.65 38.51
C GLN C 166 -3.85 -11.41 39.48
N TYR C 167 -2.69 -11.71 38.97
CA TYR C 167 -1.44 -11.55 39.70
C TYR C 167 -1.20 -10.13 40.17
N SER C 168 -1.30 -9.14 39.36
CA SER C 168 -1.11 -7.72 39.58
C SER C 168 -2.08 -7.28 40.67
N GLU C 169 -3.30 -7.69 40.48
CA GLU C 169 -4.38 -7.38 41.44
C GLU C 169 -4.13 -8.03 42.78
N ASP C 170 -3.80 -9.30 42.87
CA ASP C 170 -3.51 -9.93 44.16
C ASP C 170 -2.35 -9.27 44.90
N ARG C 171 -1.27 -8.99 44.24
CA ARG C 171 -0.07 -8.37 44.72
C ARG C 171 -0.21 -6.89 44.99
N GLY C 172 -1.26 -6.23 44.57
CA GLY C 172 -1.47 -4.79 44.76
C GLY C 172 -0.55 -3.89 43.92
N TYR C 173 -0.11 -4.36 42.76
CA TYR C 173 0.79 -3.66 41.87
C TYR C 173 0.17 -2.44 41.21
N GLY C 174 -1.12 -2.45 41.01
CA GLY C 174 -1.81 -1.31 40.39
C GLY C 174 -1.43 -1.03 38.94
N LEU C 175 -0.95 -2.04 38.24
CA LEU C 175 -0.59 -1.87 36.83
C LEU C 175 -1.84 -1.79 35.97
N ARG C 176 -1.71 -1.11 34.85
CA ARG C 176 -2.64 -0.93 33.74
C ARG C 176 -1.88 -1.67 32.62
N PHE C 177 -2.54 -2.41 31.76
CA PHE C 177 -1.99 -3.22 30.65
C PHE C 177 -2.36 -2.60 29.30
N ALA C 178 -1.40 -2.34 28.44
CA ALA C 178 -1.60 -1.68 27.15
C ALA C 178 -1.09 -2.58 26.01
N ILE C 179 -2.01 -3.12 25.21
CA ILE C 179 -1.73 -3.97 24.10
C ILE C 179 -1.27 -3.06 22.93
N GLU C 180 -0.19 -3.46 22.34
CA GLU C 180 0.40 -2.74 21.18
C GLU C 180 0.21 -3.42 19.83
N PRO C 181 -0.63 -2.82 19.03
CA PRO C 181 -1.00 -3.41 17.72
C PRO C 181 0.06 -3.10 16.67
N LYS C 182 0.16 -3.97 15.69
CA LYS C 182 1.08 -3.91 14.54
C LYS C 182 0.53 -4.87 13.50
N PRO C 183 0.44 -4.49 12.24
CA PRO C 183 -0.14 -5.32 11.20
C PRO C 183 0.73 -6.45 10.70
N ASN C 184 2.02 -6.17 10.72
CA ASN C 184 3.01 -7.13 10.22
C ASN C 184 4.42 -6.69 10.62
N GLU C 185 5.31 -7.63 10.36
CA GLU C 185 6.75 -7.48 10.63
C GLU C 185 7.08 -7.53 12.12
N PRO C 186 7.76 -8.58 12.58
CA PRO C 186 8.31 -9.69 11.81
C PRO C 186 7.51 -10.77 11.15
N ARG C 187 6.29 -11.04 11.56
CA ARG C 187 5.43 -12.08 10.99
C ARG C 187 4.73 -11.49 9.75
N GLY C 188 4.33 -12.37 8.82
CA GLY C 188 3.61 -11.99 7.60
C GLY C 188 2.38 -11.17 7.98
N ASP C 189 1.64 -11.65 8.97
CA ASP C 189 0.48 -10.98 9.54
C ASP C 189 0.57 -11.20 11.07
N ILE C 190 0.38 -10.13 11.81
CA ILE C 190 0.38 -10.24 13.30
C ILE C 190 -1.05 -10.24 13.83
N LEU C 191 -1.36 -10.94 14.90
CA LEU C 191 -2.72 -10.95 15.46
C LEU C 191 -2.97 -9.57 16.05
N LEU C 192 -4.22 -9.09 15.98
CA LEU C 192 -4.59 -7.76 16.54
C LEU C 192 -3.79 -6.68 15.77
N PRO C 193 -4.04 -6.57 14.48
CA PRO C 193 -3.30 -5.69 13.61
C PRO C 193 -3.50 -4.21 13.64
N THR C 194 -4.61 -3.72 14.14
CA THR C 194 -4.87 -2.27 14.16
C THR C 194 -5.36 -1.95 15.56
N ALA C 195 -5.44 -0.68 15.81
CA ALA C 195 -5.92 -0.14 17.08
C ALA C 195 -7.30 -0.70 17.37
N GLY C 196 -8.12 -0.80 16.35
CA GLY C 196 -9.49 -1.32 16.47
C GLY C 196 -9.57 -2.75 16.92
N HIS C 197 -8.78 -3.62 16.31
CA HIS C 197 -8.75 -5.05 16.61
C HIS C 197 -8.33 -5.26 18.05
N ALA C 198 -7.38 -4.44 18.45
CA ALA C 198 -6.87 -4.54 19.86
C ALA C 198 -7.94 -4.07 20.84
N ILE C 199 -8.65 -3.00 20.56
CA ILE C 199 -9.68 -2.52 21.48
C ILE C 199 -10.79 -3.57 21.57
N ALA C 200 -11.25 -4.04 20.43
CA ALA C 200 -12.30 -5.06 20.41
C ALA C 200 -11.84 -6.24 21.26
N PHE C 201 -10.59 -6.67 21.13
CA PHE C 201 -10.10 -7.84 21.90
C PHE C 201 -10.14 -7.65 23.40
N VAL C 202 -9.65 -6.57 23.90
CA VAL C 202 -9.57 -6.15 25.29
C VAL C 202 -10.92 -6.13 25.96
N GLN C 203 -11.94 -5.78 25.19
CA GLN C 203 -13.33 -5.73 25.68
C GLN C 203 -13.78 -7.12 26.08
N GLU C 204 -13.06 -8.17 25.74
CA GLU C 204 -13.42 -9.55 26.06
C GLU C 204 -12.67 -10.19 27.19
N LEU C 205 -11.81 -9.48 27.89
CA LEU C 205 -11.03 -10.05 29.00
C LEU C 205 -11.89 -10.00 30.26
N GLU C 206 -11.40 -10.70 31.26
CA GLU C 206 -12.05 -10.78 32.59
C GLU C 206 -12.10 -9.42 33.26
N ARG C 207 -11.09 -8.60 33.35
CA ARG C 207 -11.09 -7.27 33.95
C ARG C 207 -10.66 -6.23 32.91
N PRO C 208 -11.58 -5.94 32.02
CA PRO C 208 -11.39 -5.02 30.92
C PRO C 208 -11.01 -3.63 31.32
N GLU C 209 -11.44 -3.22 32.47
CA GLU C 209 -11.14 -1.89 33.00
C GLU C 209 -9.62 -1.75 33.17
N LEU C 210 -8.95 -2.87 33.30
CA LEU C 210 -7.51 -2.84 33.46
C LEU C 210 -6.73 -2.83 32.14
N PHE C 211 -7.44 -3.02 31.02
CA PHE C 211 -6.77 -3.08 29.73
C PHE C 211 -7.09 -1.97 28.75
N GLY C 212 -6.06 -1.56 28.02
CA GLY C 212 -6.19 -0.49 27.01
C GLY C 212 -5.19 -0.80 25.90
N ILE C 213 -4.84 0.18 25.10
CA ILE C 213 -3.89 -0.01 24.02
C ILE C 213 -2.76 1.01 24.04
N ASN C 214 -1.73 0.63 23.33
CA ASN C 214 -0.52 1.50 23.15
C ASN C 214 -0.30 1.58 21.62
N PRO C 215 -1.08 2.35 20.90
CA PRO C 215 -0.96 2.50 19.44
C PRO C 215 0.30 3.25 19.08
N GLU C 216 0.91 2.88 17.97
CA GLU C 216 2.15 3.52 17.53
C GLU C 216 1.94 4.21 16.20
N THR C 217 2.38 5.46 16.07
CA THR C 217 2.11 6.15 14.79
C THR C 217 2.33 5.32 13.54
N GLY C 218 3.56 4.83 13.37
CA GLY C 218 3.99 4.07 12.21
C GLY C 218 3.24 2.79 12.02
N HIS C 219 2.81 2.12 13.08
CA HIS C 219 2.09 0.86 12.90
C HIS C 219 0.77 1.07 12.19
N GLU C 220 0.02 2.11 12.51
CA GLU C 220 -1.25 2.33 11.79
C GLU C 220 -0.97 2.73 10.36
N GLN C 221 0.05 3.55 10.16
CA GLN C 221 0.48 4.05 8.83
C GLN C 221 0.99 2.94 7.93
N MET C 222 1.47 1.83 8.46
CA MET C 222 1.94 0.68 7.68
C MET C 222 0.73 0.10 6.91
N SER C 223 -0.50 0.37 7.29
CA SER C 223 -1.71 -0.10 6.64
C SER C 223 -2.41 1.08 5.91
N ASN C 224 -1.73 2.21 5.92
CA ASN C 224 -2.28 3.41 5.33
C ASN C 224 -3.54 3.93 6.06
N LEU C 225 -3.69 3.70 7.37
CA LEU C 225 -4.81 4.20 8.19
C LEU C 225 -4.53 5.62 8.66
N ASN C 226 -5.49 6.39 9.06
CA ASN C 226 -5.38 7.78 9.58
C ASN C 226 -5.05 7.59 11.06
N PHE C 227 -3.84 7.93 11.44
CA PHE C 227 -3.42 7.75 12.85
C PHE C 227 -4.25 8.65 13.77
N THR C 228 -4.35 9.94 13.55
CA THR C 228 -5.13 10.82 14.37
C THR C 228 -6.55 10.31 14.55
N GLN C 229 -7.21 9.89 13.47
CA GLN C 229 -8.58 9.36 13.54
C GLN C 229 -8.66 8.11 14.36
N GLY C 230 -7.71 7.21 14.34
CA GLY C 230 -7.79 6.00 15.21
C GLY C 230 -7.55 6.41 16.67
N ILE C 231 -6.74 7.42 16.96
CA ILE C 231 -6.49 7.86 18.34
C ILE C 231 -7.79 8.47 18.90
N ALA C 232 -8.51 9.21 18.04
CA ALA C 232 -9.77 9.86 18.40
C ALA C 232 -10.74 8.76 18.86
N GLN C 233 -10.83 7.69 18.10
CA GLN C 233 -11.67 6.54 18.43
C GLN C 233 -11.18 5.91 19.76
N ALA C 234 -9.90 5.74 19.94
CA ALA C 234 -9.34 5.14 21.18
C ALA C 234 -9.74 5.99 22.37
N LEU C 235 -9.64 7.28 22.27
CA LEU C 235 -10.01 8.24 23.31
C LEU C 235 -11.53 8.13 23.61
N TRP C 236 -12.31 7.96 22.57
CA TRP C 236 -13.76 7.83 22.68
C TRP C 236 -14.08 6.60 23.53
N HIS C 237 -13.34 5.53 23.35
CA HIS C 237 -13.57 4.32 24.13
C HIS C 237 -12.85 4.45 25.48
N LYS C 238 -12.06 5.48 25.67
CA LYS C 238 -11.30 5.62 26.89
C LYS C 238 -10.28 4.50 27.04
N LYS C 239 -9.65 4.09 25.95
CA LYS C 239 -8.66 2.99 26.02
C LYS C 239 -7.28 3.46 25.63
N LEU C 240 -7.03 4.75 25.50
CA LEU C 240 -5.68 5.23 25.18
C LEU C 240 -4.88 5.27 26.49
N PHE C 241 -4.22 4.19 26.83
CA PHE C 241 -3.42 4.04 28.06
C PHE C 241 -1.99 4.53 27.93
N HIS C 242 -1.53 4.60 26.71
CA HIS C 242 -0.15 5.01 26.38
C HIS C 242 -0.23 5.27 24.87
N ILE C 243 0.81 5.92 24.40
CA ILE C 243 1.01 6.23 22.98
C ILE C 243 2.51 6.22 22.63
N ASP C 244 2.88 5.66 21.51
CA ASP C 244 4.24 5.54 20.98
C ASP C 244 4.26 6.43 19.73
N LEU C 245 5.06 7.46 19.72
CA LEU C 245 5.18 8.41 18.62
C LEU C 245 6.44 8.20 17.80
N ASN C 246 6.30 8.26 16.50
CA ASN C 246 7.43 8.07 15.54
C ASN C 246 6.88 8.45 14.18
N GLY C 247 7.66 8.21 13.15
CA GLY C 247 7.29 8.60 11.76
C GLY C 247 7.49 7.43 10.81
N GLN C 248 6.71 7.51 9.75
CA GLN C 248 6.65 6.47 8.74
C GLN C 248 6.15 7.03 7.41
N HIS C 249 6.64 6.38 6.36
CA HIS C 249 6.20 6.74 5.00
C HIS C 249 5.28 5.67 4.41
N GLY C 250 4.03 5.57 4.83
CA GLY C 250 3.13 4.60 4.27
C GLY C 250 3.53 3.17 4.49
N PRO C 251 2.90 2.30 3.70
CA PRO C 251 3.11 0.86 3.79
C PRO C 251 4.40 0.32 3.22
N LYS C 252 5.37 0.00 4.05
CA LYS C 252 6.70 -0.53 3.74
C LYS C 252 7.23 -1.01 5.10
N PHE C 253 8.41 -1.54 5.18
CA PHE C 253 8.95 -1.96 6.49
C PHE C 253 8.80 -0.81 7.48
N ASP C 254 8.80 -1.16 8.75
CA ASP C 254 8.66 -0.22 9.88
C ASP C 254 9.90 0.68 9.88
N GLN C 255 9.85 1.95 9.63
CA GLN C 255 10.96 2.89 9.60
C GLN C 255 11.38 3.46 10.93
N ASP C 256 10.45 3.68 11.85
CA ASP C 256 10.79 4.24 13.16
C ASP C 256 11.51 5.57 13.04
N LEU C 257 11.02 6.48 12.24
CA LEU C 257 11.67 7.80 12.12
C LEU C 257 11.28 8.63 13.34
N VAL C 258 11.90 9.80 13.43
CA VAL C 258 11.61 10.78 14.47
C VAL C 258 10.14 11.16 14.21
N PHE C 259 9.47 11.43 15.31
CA PHE C 259 8.06 11.87 15.27
C PHE C 259 7.98 13.12 14.38
N GLY C 260 7.11 13.09 13.40
CA GLY C 260 6.92 14.23 12.50
C GLY C 260 7.79 14.12 11.25
N HIS C 261 8.68 13.19 11.11
CA HIS C 261 9.53 13.11 9.92
C HIS C 261 8.87 12.29 8.82
N GLY C 262 7.71 11.72 9.04
CA GLY C 262 7.01 10.92 8.02
C GLY C 262 5.81 11.68 7.51
N ASP C 263 4.62 11.39 8.01
CA ASP C 263 3.39 12.13 7.61
C ASP C 263 3.28 13.38 8.50
N LEU C 264 3.82 14.50 8.08
CA LEU C 264 3.77 15.76 8.83
C LEU C 264 2.35 16.31 9.12
N LEU C 265 1.46 16.33 8.17
CA LEU C 265 0.11 16.84 8.36
C LEU C 265 -0.59 16.02 9.45
N ASN C 266 -0.47 14.71 9.40
CA ASN C 266 -1.10 13.87 10.41
C ASN C 266 -0.39 14.08 11.74
N ALA C 267 0.89 14.40 11.79
CA ALA C 267 1.62 14.64 13.05
C ALA C 267 0.99 15.91 13.66
N PHE C 268 0.70 16.89 12.85
CA PHE C 268 0.08 18.14 13.33
C PHE C 268 -1.33 17.93 13.92
N SER C 269 -2.17 17.21 13.20
CA SER C 269 -3.55 16.93 13.64
C SER C 269 -3.54 16.09 14.87
N LEU C 270 -2.56 15.22 15.03
CA LEU C 270 -2.43 14.42 16.25
C LEU C 270 -2.14 15.28 17.48
N VAL C 271 -1.21 16.21 17.42
CA VAL C 271 -0.82 17.09 18.52
C VAL C 271 -1.98 18.01 18.90
N ASP C 272 -2.71 18.44 17.90
CA ASP C 272 -3.90 19.28 18.12
C ASP C 272 -4.90 18.46 18.93
N LEU C 273 -5.21 17.25 18.52
CA LEU C 273 -6.11 16.33 19.22
C LEU C 273 -5.66 16.09 20.68
N LEU C 274 -4.40 15.68 20.89
CA LEU C 274 -3.97 15.39 22.25
C LEU C 274 -3.91 16.63 23.15
N GLU C 275 -3.59 17.77 22.69
CA GLU C 275 -3.41 18.98 23.46
C GLU C 275 -4.57 19.95 23.55
N ASN C 276 -5.33 20.10 22.53
CA ASN C 276 -6.47 21.04 22.48
C ASN C 276 -7.71 20.21 22.79
N GLY C 277 -7.64 19.73 24.00
CA GLY C 277 -8.64 18.88 24.60
C GLY C 277 -9.85 19.69 25.09
N PRO C 278 -10.77 18.88 25.59
CA PRO C 278 -12.04 19.26 26.18
C PRO C 278 -12.15 20.62 26.86
N ASP C 279 -11.56 20.76 28.05
CA ASP C 279 -11.70 22.12 28.68
C ASP C 279 -10.96 23.07 27.72
N GLY C 280 -9.69 23.20 27.99
CA GLY C 280 -8.69 23.98 27.22
C GLY C 280 -7.46 23.02 27.29
N ALA C 281 -7.71 22.16 28.25
CA ALA C 281 -6.93 21.06 28.75
C ALA C 281 -6.75 19.90 27.76
N PRO C 282 -5.59 19.27 27.90
CA PRO C 282 -5.25 18.11 27.07
C PRO C 282 -6.35 17.07 27.22
N ALA C 283 -6.54 16.40 26.12
CA ALA C 283 -7.49 15.30 26.01
C ALA C 283 -6.78 14.04 26.49
N TYR C 284 -5.46 14.00 26.54
CA TYR C 284 -4.67 12.85 26.99
C TYR C 284 -3.63 13.35 27.96
N ASP C 285 -3.52 12.68 29.07
CA ASP C 285 -2.64 12.91 30.22
C ASP C 285 -1.51 11.94 30.46
N GLY C 286 -1.22 10.95 29.66
CA GLY C 286 -0.13 10.02 29.84
C GLY C 286 1.17 10.50 29.22
N PRO C 287 2.11 9.57 29.33
CA PRO C 287 3.45 9.83 28.74
C PRO C 287 3.32 9.97 27.21
N ARG C 288 4.17 10.81 26.65
CA ARG C 288 4.34 11.07 25.23
C ARG C 288 5.68 10.28 25.00
N HIS C 289 5.55 9.05 24.61
CA HIS C 289 6.71 8.19 24.44
C HIS C 289 7.23 8.11 23.02
N PHE C 290 8.55 8.26 22.87
CA PHE C 290 9.09 8.16 21.49
C PHE C 290 9.70 6.79 21.26
N ASP C 291 9.09 6.02 20.39
CA ASP C 291 9.58 4.67 20.06
C ASP C 291 10.14 4.80 18.64
N TYR C 292 11.35 5.28 18.54
CA TYR C 292 11.94 5.49 17.20
C TYR C 292 13.34 4.89 17.26
N LYS C 293 13.96 5.02 16.12
CA LYS C 293 15.32 4.60 15.84
C LYS C 293 16.13 5.66 15.08
N PRO C 294 17.28 5.95 15.65
CA PRO C 294 18.23 6.90 14.98
C PRO C 294 18.72 6.14 13.73
N SER C 295 18.60 6.77 12.57
CA SER C 295 18.99 6.20 11.29
C SER C 295 20.40 5.57 11.36
N ARG C 296 20.55 4.46 10.67
CA ARG C 296 21.76 3.66 10.60
C ARG C 296 23.03 4.39 10.11
N THR C 297 22.84 5.50 9.42
CA THR C 297 23.86 6.38 8.89
C THR C 297 24.47 7.32 9.92
N GLU C 298 23.92 7.30 11.12
CA GLU C 298 24.35 8.20 12.19
C GLU C 298 25.25 7.63 13.25
N ASP C 299 26.10 8.49 13.80
CA ASP C 299 26.99 8.05 14.92
C ASP C 299 26.30 8.54 16.20
N TYR C 300 26.96 8.49 17.34
CA TYR C 300 26.38 8.94 18.60
C TYR C 300 26.01 10.41 18.62
N ASP C 301 26.62 11.28 17.83
CA ASP C 301 26.18 12.69 17.83
C ASP C 301 24.79 12.76 17.16
N GLY C 302 24.63 11.90 16.16
CA GLY C 302 23.40 11.78 15.41
C GLY C 302 22.27 11.25 16.33
N VAL C 303 22.56 10.27 17.13
CA VAL C 303 21.68 9.67 18.13
C VAL C 303 21.16 10.78 19.07
N TRP C 304 22.03 11.58 19.66
CA TRP C 304 21.51 12.63 20.58
C TRP C 304 20.73 13.69 19.85
N GLU C 305 21.06 14.01 18.62
CA GLU C 305 20.37 14.99 17.80
C GLU C 305 18.93 14.52 17.47
N SER C 306 18.89 13.24 17.21
CA SER C 306 17.60 12.63 16.86
C SER C 306 16.70 12.55 18.10
N ALA C 307 17.27 12.36 19.27
CA ALA C 307 16.46 12.32 20.50
C ALA C 307 15.86 13.71 20.68
N LYS C 308 16.65 14.74 20.56
CA LYS C 308 16.19 16.10 20.72
C LYS C 308 15.21 16.52 19.62
N ALA C 309 15.40 15.98 18.44
CA ALA C 309 14.50 16.31 17.33
C ALA C 309 13.09 15.88 17.69
N ASN C 310 12.94 14.71 18.31
CA ASN C 310 11.60 14.22 18.70
C ASN C 310 10.88 15.26 19.56
N ILE C 311 11.54 15.71 20.61
CA ILE C 311 10.90 16.71 21.50
C ILE C 311 10.65 18.01 20.79
N ARG C 312 11.59 18.43 19.96
CA ARG C 312 11.47 19.69 19.18
C ARG C 312 10.29 19.59 18.24
N MET C 313 10.10 18.51 17.50
CA MET C 313 8.96 18.37 16.60
C MET C 313 7.66 18.53 17.39
N TYR C 314 7.52 17.84 18.53
CA TYR C 314 6.30 17.93 19.34
C TYR C 314 5.93 19.33 19.80
N LEU C 315 6.90 20.02 20.40
CA LEU C 315 6.74 21.39 20.92
C LEU C 315 6.47 22.32 19.78
N LEU C 316 7.11 22.17 18.63
CA LEU C 316 6.84 23.06 17.49
C LEU C 316 5.42 22.82 17.04
N LEU C 317 4.95 21.60 16.93
CA LEU C 317 3.60 21.33 16.44
C LEU C 317 2.59 21.83 17.46
N LYS C 318 2.89 21.62 18.72
CA LYS C 318 2.00 22.08 19.81
C LYS C 318 1.70 23.58 19.76
N GLU C 319 2.75 24.33 19.58
CA GLU C 319 2.70 25.78 19.46
C GLU C 319 1.85 26.23 18.29
N ARG C 320 1.92 25.59 17.13
CA ARG C 320 1.13 25.92 15.95
C ARG C 320 -0.31 25.42 16.07
N ALA C 321 -0.52 24.36 16.81
CA ALA C 321 -1.88 23.80 17.02
C ALA C 321 -2.61 24.83 17.87
N LYS C 322 -1.93 25.32 18.88
CA LYS C 322 -2.50 26.34 19.79
C LYS C 322 -2.87 27.57 18.98
N ALA C 323 -1.94 28.06 18.19
CA ALA C 323 -2.17 29.26 17.37
C ALA C 323 -3.33 29.05 16.40
N PHE C 324 -3.42 27.85 15.85
CA PHE C 324 -4.50 27.56 14.92
C PHE C 324 -5.87 27.82 15.56
N ARG C 325 -6.04 27.20 16.71
CA ARG C 325 -7.30 27.26 17.43
C ARG C 325 -7.66 28.65 17.92
N ALA C 326 -6.64 29.46 18.22
CA ALA C 326 -6.86 30.81 18.72
C ALA C 326 -7.15 31.80 17.59
N ASP C 327 -7.02 31.38 16.36
CA ASP C 327 -7.25 32.37 15.28
C ASP C 327 -8.70 32.58 14.90
N PRO C 328 -9.13 33.84 14.94
CA PRO C 328 -10.48 34.28 14.62
C PRO C 328 -10.95 33.83 13.24
N GLU C 329 -9.97 33.77 12.35
CA GLU C 329 -10.31 33.35 10.99
C GLU C 329 -10.65 31.87 10.90
N VAL C 330 -9.98 31.16 11.79
CA VAL C 330 -10.14 29.70 11.94
C VAL C 330 -11.53 29.54 12.59
N GLN C 331 -11.81 30.26 13.68
CA GLN C 331 -13.12 30.21 14.37
C GLN C 331 -14.25 30.40 13.36
N GLU C 332 -14.07 31.35 12.48
CA GLU C 332 -15.02 31.63 11.44
C GLU C 332 -15.15 30.46 10.49
N ALA C 333 -14.03 29.89 10.04
CA ALA C 333 -14.04 28.75 9.11
C ALA C 333 -14.67 27.58 9.81
N LEU C 334 -14.42 27.38 11.08
CA LEU C 334 -15.01 26.24 11.84
C LEU C 334 -16.52 26.39 11.91
N ALA C 335 -16.94 27.66 12.09
CA ALA C 335 -18.39 27.98 12.14
C ALA C 335 -18.97 27.64 10.78
N ALA C 336 -18.38 28.13 9.70
CA ALA C 336 -18.89 27.84 8.35
C ALA C 336 -18.92 26.35 8.04
N SER C 337 -18.03 25.51 8.51
CA SER C 337 -17.99 24.09 8.23
C SER C 337 -18.85 23.26 9.16
N LYS C 338 -19.45 23.90 10.15
CA LYS C 338 -20.34 23.25 11.11
C LYS C 338 -19.77 22.17 11.99
N VAL C 339 -18.48 22.35 12.22
CA VAL C 339 -17.79 21.34 13.04
C VAL C 339 -18.51 21.10 14.36
N ALA C 340 -18.81 22.14 15.09
CA ALA C 340 -19.44 22.12 16.40
C ALA C 340 -20.91 21.66 16.34
N GLU C 341 -21.61 21.81 15.24
CA GLU C 341 -22.95 21.35 15.13
C GLU C 341 -23.00 19.83 15.27
N LEU C 342 -21.88 19.14 15.07
CA LEU C 342 -21.91 17.67 15.21
C LEU C 342 -22.06 17.23 16.65
N LYS C 343 -21.65 18.10 17.56
CA LYS C 343 -21.75 17.87 19.00
C LYS C 343 -23.17 18.03 19.55
N THR C 344 -24.08 18.60 18.79
CA THR C 344 -25.49 18.77 19.20
C THR C 344 -26.20 17.48 18.78
N PRO C 345 -26.88 16.89 19.72
CA PRO C 345 -27.61 15.64 19.46
C PRO C 345 -28.50 15.79 18.24
N THR C 346 -28.66 14.71 17.48
CA THR C 346 -29.51 14.72 16.30
C THR C 346 -30.97 14.93 16.72
N LEU C 347 -31.34 14.33 17.83
CA LEU C 347 -32.66 14.38 18.40
C LEU C 347 -32.72 15.47 19.47
N ASN C 348 -33.93 15.99 19.59
CA ASN C 348 -34.25 17.01 20.61
C ASN C 348 -34.43 16.21 21.90
N PRO C 349 -34.17 16.82 23.03
CA PRO C 349 -34.35 16.15 24.34
C PRO C 349 -35.77 15.61 24.44
N GLY C 350 -35.87 14.36 24.82
CA GLY C 350 -37.09 13.57 24.99
C GLY C 350 -37.66 13.06 23.68
N GLU C 351 -37.03 13.25 22.55
CA GLU C 351 -37.53 12.80 21.25
C GLU C 351 -37.06 11.39 20.94
N GLY C 352 -37.92 10.53 20.51
CA GLY C 352 -37.68 9.15 20.17
C GLY C 352 -38.10 9.00 18.70
N TYR C 353 -38.18 7.74 18.31
CA TYR C 353 -38.58 7.42 16.92
C TYR C 353 -40.02 7.88 16.69
N ALA C 354 -40.93 7.83 17.67
CA ALA C 354 -42.31 8.26 17.44
C ALA C 354 -42.33 9.72 17.10
N GLU C 355 -41.64 10.55 17.86
CA GLU C 355 -41.61 11.99 17.57
C GLU C 355 -40.91 12.29 16.25
N LEU C 356 -39.83 11.58 15.96
CA LEU C 356 -39.11 11.80 14.70
C LEU C 356 -40.00 11.47 13.50
N LEU C 357 -40.70 10.35 13.55
CA LEU C 357 -41.60 9.89 12.50
C LEU C 357 -42.71 10.93 12.31
N ALA C 358 -43.06 11.63 13.37
CA ALA C 358 -44.15 12.61 13.28
C ALA C 358 -43.64 13.89 12.67
N ASP C 359 -42.34 14.04 12.53
CA ASP C 359 -41.76 15.30 11.99
C ASP C 359 -41.61 15.31 10.49
N ARG C 360 -42.59 15.96 9.88
CA ARG C 360 -42.68 16.00 8.41
C ARG C 360 -41.48 16.69 7.83
N SER C 361 -40.94 17.59 8.62
CA SER C 361 -39.77 18.35 8.14
C SER C 361 -38.49 17.52 8.09
N ALA C 362 -38.42 16.38 8.75
CA ALA C 362 -37.25 15.51 8.74
C ALA C 362 -37.35 14.59 7.52
N PHE C 363 -38.38 14.73 6.68
CA PHE C 363 -38.44 13.78 5.58
C PHE C 363 -39.40 14.17 4.52
N GLU C 364 -40.70 14.12 4.83
CA GLU C 364 -41.75 14.40 3.86
C GLU C 364 -41.64 15.76 3.23
N ASP C 365 -41.30 16.76 3.99
CA ASP C 365 -41.20 18.13 3.47
C ASP C 365 -39.75 18.63 3.43
N TYR C 366 -38.82 17.71 3.58
CA TYR C 366 -37.38 18.03 3.58
C TYR C 366 -36.86 18.30 2.17
N ASP C 367 -36.22 19.44 1.97
CA ASP C 367 -35.67 19.78 0.64
C ASP C 367 -34.17 19.39 0.56
N ALA C 368 -33.94 18.14 0.24
CA ALA C 368 -32.60 17.56 0.17
C ALA C 368 -31.74 18.18 -0.89
N ASP C 369 -32.32 18.56 -2.01
CA ASP C 369 -31.63 19.18 -3.15
C ASP C 369 -30.99 20.53 -2.78
N ALA C 370 -31.75 21.29 -2.02
CA ALA C 370 -31.32 22.60 -1.56
C ALA C 370 -30.17 22.43 -0.58
N VAL C 371 -30.37 21.56 0.38
CA VAL C 371 -29.30 21.35 1.39
C VAL C 371 -28.07 20.81 0.68
N GLY C 372 -28.23 19.84 -0.19
CA GLY C 372 -27.12 19.23 -0.91
C GLY C 372 -26.36 20.22 -1.78
N ALA C 373 -26.86 21.40 -2.03
CA ALA C 373 -26.17 22.36 -2.87
C ALA C 373 -25.28 23.26 -2.04
N LYS C 374 -25.41 23.36 -0.73
CA LYS C 374 -24.53 24.24 0.05
C LYS C 374 -23.18 23.59 0.34
N GLY C 375 -22.16 24.38 0.26
CA GLY C 375 -20.79 23.83 0.51
C GLY C 375 -20.42 23.87 1.98
N PHE C 376 -19.48 23.02 2.37
CA PHE C 376 -19.04 22.95 3.77
C PHE C 376 -17.81 23.79 4.01
N GLY C 377 -17.16 24.26 2.95
CA GLY C 377 -15.97 25.11 3.12
C GLY C 377 -14.83 24.40 3.82
N PHE C 378 -14.70 23.11 3.63
CA PHE C 378 -13.65 22.29 4.25
C PHE C 378 -12.24 22.56 3.68
N VAL C 379 -12.07 22.87 2.42
CA VAL C 379 -10.77 23.12 1.80
C VAL C 379 -10.14 24.37 2.43
N LYS C 380 -10.95 25.41 2.56
CA LYS C 380 -10.51 26.66 3.15
C LYS C 380 -10.07 26.44 4.59
N LEU C 381 -10.80 25.63 5.36
CA LEU C 381 -10.43 25.33 6.75
C LEU C 381 -9.08 24.61 6.77
N ASN C 382 -8.92 23.63 5.88
CA ASN C 382 -7.67 22.86 5.77
C ASN C 382 -6.53 23.81 5.38
N GLN C 383 -6.73 24.72 4.44
CA GLN C 383 -5.73 25.69 4.02
C GLN C 383 -5.32 26.55 5.22
N LEU C 384 -6.17 27.02 6.10
CA LEU C 384 -5.79 27.84 7.26
C LEU C 384 -4.95 27.03 8.23
N ALA C 385 -5.30 25.76 8.36
CA ALA C 385 -4.54 24.85 9.24
C ALA C 385 -3.09 24.73 8.70
N ILE C 386 -2.92 24.42 7.42
CA ILE C 386 -1.62 24.28 6.83
C ILE C 386 -0.81 25.57 6.96
N GLU C 387 -1.45 26.70 6.74
CA GLU C 387 -0.73 28.00 6.85
C GLU C 387 -0.27 28.23 8.28
N HIS C 388 -0.98 27.74 9.27
CA HIS C 388 -0.58 27.83 10.67
C HIS C 388 0.65 26.94 10.86
N LEU C 389 0.58 25.75 10.28
CA LEU C 389 1.68 24.77 10.37
C LEU C 389 2.97 25.37 9.80
N LEU C 390 2.87 26.04 8.68
CA LEU C 390 4.02 26.65 8.02
C LEU C 390 4.47 27.97 8.63
N GLY C 391 3.87 28.43 9.70
CA GLY C 391 4.20 29.68 10.34
C GLY C 391 3.88 30.82 9.34
N ALA C 392 2.98 30.63 8.41
CA ALA C 392 2.62 31.64 7.41
C ALA C 392 1.58 32.58 8.00
N ARG C 393 1.18 32.24 9.20
CA ARG C 393 0.19 33.01 9.97
C ARG C 393 0.42 32.62 11.44
N ALA D 4 12.10 -31.95 -12.55
CA ALA D 4 13.02 -30.85 -12.86
C ALA D 4 14.25 -31.47 -13.54
N THR D 5 14.55 -30.94 -14.71
CA THR D 5 15.72 -31.39 -15.47
C THR D 5 16.64 -30.16 -15.50
N ARG D 6 17.88 -30.40 -15.86
CA ARG D 6 18.89 -29.33 -15.95
C ARG D 6 18.49 -28.32 -17.02
N GLU D 7 17.61 -28.81 -17.86
CA GLU D 7 17.06 -28.03 -18.96
C GLU D 7 16.03 -27.03 -18.47
N ASP D 8 15.55 -27.25 -17.25
CA ASP D 8 14.58 -26.37 -16.59
C ASP D 8 15.37 -25.13 -16.12
N LYS D 9 16.66 -25.32 -15.86
CA LYS D 9 17.55 -24.28 -15.43
C LYS D 9 17.15 -23.52 -14.17
N PHE D 10 16.87 -24.29 -13.15
CA PHE D 10 16.50 -23.75 -11.84
C PHE D 10 17.82 -23.52 -11.11
N SER D 11 18.05 -22.33 -10.58
CA SER D 11 19.27 -22.00 -9.81
C SER D 11 18.80 -21.35 -8.52
N PHE D 12 19.67 -21.42 -7.53
CA PHE D 12 19.44 -20.89 -6.20
C PHE D 12 20.67 -20.12 -5.75
N GLY D 13 20.55 -19.12 -4.94
CA GLY D 13 21.63 -18.34 -4.37
C GLY D 13 22.00 -19.13 -3.11
N LEU D 14 23.28 -19.07 -2.82
CA LEU D 14 23.84 -19.73 -1.65
C LEU D 14 23.21 -19.15 -0.41
N TRP D 15 22.88 -17.88 -0.49
CA TRP D 15 22.28 -17.07 0.59
C TRP D 15 20.80 -17.34 0.88
N THR D 16 20.12 -18.11 0.05
CA THR D 16 18.72 -18.49 0.14
C THR D 16 18.62 -19.63 1.13
N VAL D 17 18.99 -20.82 0.67
CA VAL D 17 18.99 -21.98 1.57
C VAL D 17 19.95 -21.80 2.75
N GLY D 18 20.89 -20.88 2.63
CA GLY D 18 21.87 -20.61 3.70
C GLY D 18 21.43 -19.49 4.60
N TRP D 19 20.26 -18.89 4.44
CA TRP D 19 19.84 -17.82 5.35
C TRP D 19 19.64 -18.41 6.74
N GLN D 20 20.39 -17.90 7.68
CA GLN D 20 20.30 -18.34 9.10
C GLN D 20 19.08 -17.85 9.91
N ALA D 21 18.30 -17.00 9.28
CA ALA D 21 17.08 -16.48 9.82
C ALA D 21 17.18 -15.53 11.00
N ARG D 22 18.12 -14.65 10.92
CA ARG D 22 18.35 -13.54 11.86
C ARG D 22 17.51 -12.44 11.18
N ASP D 23 16.41 -12.00 11.72
CA ASP D 23 15.66 -10.93 11.03
C ASP D 23 15.95 -9.62 11.78
N ALA D 24 15.15 -8.64 11.46
CA ALA D 24 15.24 -7.30 12.07
C ALA D 24 14.84 -7.35 13.55
N PHE D 25 14.05 -8.36 13.94
CA PHE D 25 13.67 -8.42 15.36
C PHE D 25 14.19 -9.62 16.13
N GLY D 26 15.10 -10.39 15.57
CA GLY D 26 15.56 -11.55 16.37
C GLY D 26 16.78 -12.21 15.78
N ASP D 27 17.27 -13.13 16.57
CA ASP D 27 18.47 -13.93 16.33
C ASP D 27 18.18 -15.05 15.33
N ALA D 28 19.29 -15.55 14.82
CA ALA D 28 19.27 -16.63 13.83
C ALA D 28 18.62 -17.81 14.53
N THR D 29 17.94 -18.62 13.76
CA THR D 29 17.27 -19.80 14.29
C THR D 29 17.90 -21.06 13.71
N ARG D 30 18.84 -20.79 12.82
CA ARG D 30 19.57 -21.88 12.17
C ARG D 30 21.07 -21.59 12.21
N THR D 31 21.79 -22.68 12.18
CA THR D 31 23.26 -22.67 12.16
C THR D 31 23.66 -22.46 10.68
N ALA D 32 24.89 -22.03 10.43
CA ALA D 32 25.37 -21.80 9.07
C ALA D 32 25.50 -23.08 8.24
N LEU D 33 25.24 -22.88 6.97
CA LEU D 33 25.30 -23.93 5.97
C LEU D 33 26.63 -23.88 5.21
N ASP D 34 27.29 -25.00 5.15
CA ASP D 34 28.56 -25.14 4.43
C ASP D 34 28.25 -25.09 2.92
N PRO D 35 29.00 -24.26 2.21
CA PRO D 35 28.82 -24.11 0.77
C PRO D 35 28.93 -25.38 -0.02
N VAL D 36 29.80 -26.30 0.35
CA VAL D 36 29.97 -27.56 -0.39
C VAL D 36 28.77 -28.45 -0.20
N GLU D 37 28.27 -28.44 1.01
CA GLU D 37 27.07 -29.18 1.42
C GLU D 37 25.85 -28.62 0.69
N ALA D 38 25.84 -27.30 0.57
CA ALA D 38 24.75 -26.63 -0.13
C ALA D 38 24.82 -27.03 -1.59
N VAL D 39 25.98 -27.17 -2.20
CA VAL D 39 26.18 -27.57 -3.61
C VAL D 39 25.58 -28.96 -3.88
N HIS D 40 25.91 -29.86 -2.97
CA HIS D 40 25.46 -31.25 -2.97
C HIS D 40 23.96 -31.36 -2.82
N LYS D 41 23.40 -30.72 -1.82
CA LYS D 41 21.95 -30.72 -1.56
C LYS D 41 21.18 -30.16 -2.73
N LEU D 42 21.66 -29.06 -3.29
CA LEU D 42 20.98 -28.40 -4.43
C LEU D 42 20.94 -29.28 -5.66
N ALA D 43 22.07 -29.91 -5.95
CA ALA D 43 22.22 -30.80 -7.14
C ALA D 43 21.20 -31.93 -7.04
N GLU D 44 21.11 -32.42 -5.83
CA GLU D 44 20.23 -33.51 -5.44
C GLU D 44 18.78 -33.15 -5.58
N ILE D 45 18.37 -31.89 -5.43
CA ILE D 45 16.95 -31.58 -5.60
C ILE D 45 16.68 -31.19 -7.04
N GLY D 46 17.70 -31.16 -7.89
CA GLY D 46 17.47 -30.83 -9.30
C GLY D 46 17.90 -29.50 -9.83
N ALA D 47 18.63 -28.71 -9.03
CA ALA D 47 19.13 -27.39 -9.46
C ALA D 47 20.22 -27.63 -10.50
N TYR D 48 20.35 -26.69 -11.41
CA TYR D 48 21.37 -26.75 -12.45
C TYR D 48 22.52 -25.80 -12.12
N GLY D 49 22.27 -24.79 -11.28
CA GLY D 49 23.29 -23.83 -10.92
C GLY D 49 23.08 -23.27 -9.56
N ILE D 50 24.13 -22.62 -9.07
CA ILE D 50 24.23 -21.96 -7.77
C ILE D 50 24.82 -20.57 -8.00
N THR D 51 24.43 -19.57 -7.22
CA THR D 51 24.98 -18.23 -7.37
C THR D 51 25.43 -17.80 -5.98
N PHE D 52 26.14 -16.68 -5.91
CA PHE D 52 26.56 -16.25 -4.57
C PHE D 52 27.06 -14.83 -4.63
N HIS D 53 27.13 -14.15 -3.53
CA HIS D 53 27.67 -12.82 -3.33
C HIS D 53 29.08 -13.27 -2.87
N ASP D 54 30.03 -12.42 -3.14
CA ASP D 54 31.43 -12.66 -2.74
C ASP D 54 31.49 -13.12 -1.28
N ASP D 55 30.86 -12.30 -0.42
CA ASP D 55 30.85 -12.52 1.02
C ASP D 55 30.09 -13.72 1.55
N ASP D 56 29.33 -14.41 0.74
CA ASP D 56 28.59 -15.58 1.13
C ASP D 56 29.60 -16.76 1.14
N LEU D 57 30.49 -16.77 0.15
CA LEU D 57 31.46 -17.86 0.00
C LEU D 57 32.71 -17.63 0.84
N VAL D 58 33.27 -16.45 0.68
CA VAL D 58 34.50 -16.02 1.38
C VAL D 58 34.19 -14.88 2.35
N PRO D 59 34.28 -15.24 3.62
CA PRO D 59 34.02 -14.29 4.72
C PRO D 59 34.78 -13.00 4.43
N PHE D 60 34.09 -11.92 4.65
CA PHE D 60 34.64 -10.58 4.45
C PHE D 60 35.94 -10.60 5.27
N GLY D 61 37.00 -10.17 4.65
CA GLY D 61 38.32 -10.06 5.24
C GLY D 61 39.22 -11.28 5.38
N SER D 62 38.92 -12.30 4.59
CA SER D 62 39.67 -13.55 4.56
C SER D 62 41.01 -13.22 3.88
N ASP D 63 42.07 -13.82 4.38
CA ASP D 63 43.42 -13.62 3.79
C ASP D 63 43.37 -14.46 2.49
N ALA D 64 44.31 -14.15 1.62
CA ALA D 64 44.36 -14.85 0.33
C ALA D 64 44.51 -16.37 0.41
N GLN D 65 45.18 -16.86 1.42
CA GLN D 65 45.36 -18.32 1.52
C GLN D 65 44.02 -19.00 1.84
N THR D 66 43.32 -18.31 2.72
CA THR D 66 42.00 -18.76 3.19
C THR D 66 40.99 -18.73 2.04
N ARG D 67 41.03 -17.60 1.37
CA ARG D 67 40.15 -17.32 0.23
C ARG D 67 40.37 -18.35 -0.85
N ASP D 68 41.63 -18.62 -1.10
CA ASP D 68 42.07 -19.55 -2.15
C ASP D 68 41.63 -20.98 -1.90
N GLY D 69 41.67 -21.33 -0.64
CA GLY D 69 41.29 -22.68 -0.20
C GLY D 69 39.79 -22.85 -0.38
N ILE D 70 39.06 -21.81 0.04
CA ILE D 70 37.59 -21.89 -0.05
C ILE D 70 37.18 -22.10 -1.51
N ILE D 71 37.76 -21.29 -2.38
CA ILE D 71 37.43 -21.36 -3.79
C ILE D 71 37.73 -22.70 -4.42
N ALA D 72 38.85 -23.27 -4.05
CA ALA D 72 39.28 -24.55 -4.61
C ALA D 72 38.34 -25.65 -4.15
N GLY D 73 37.99 -25.61 -2.88
CA GLY D 73 37.04 -26.64 -2.36
C GLY D 73 35.68 -26.51 -3.08
N PHE D 74 35.33 -25.24 -3.27
CA PHE D 74 34.07 -24.89 -3.92
C PHE D 74 34.02 -25.49 -5.32
N LYS D 75 35.09 -25.22 -6.03
CA LYS D 75 35.20 -25.68 -7.43
C LYS D 75 35.14 -27.19 -7.58
N LYS D 76 35.72 -27.87 -6.59
CA LYS D 76 35.70 -29.36 -6.62
C LYS D 76 34.29 -29.90 -6.49
N ALA D 77 33.49 -29.33 -5.60
CA ALA D 77 32.09 -29.67 -5.36
C ALA D 77 31.32 -29.47 -6.66
N LEU D 78 31.58 -28.35 -7.32
CA LEU D 78 30.91 -28.00 -8.59
C LEU D 78 31.13 -29.06 -9.64
N ASP D 79 32.38 -29.45 -9.61
CA ASP D 79 32.92 -30.48 -10.52
C ASP D 79 32.23 -31.83 -10.43
N GLU D 80 32.26 -32.27 -9.19
CA GLU D 80 31.70 -33.52 -8.77
C GLU D 80 30.18 -33.56 -8.93
N THR D 81 29.51 -32.45 -8.76
CA THR D 81 28.05 -32.46 -8.87
C THR D 81 27.65 -32.07 -10.28
N GLY D 82 28.47 -31.33 -10.99
CA GLY D 82 28.01 -30.94 -12.35
C GLY D 82 27.16 -29.66 -12.31
N LEU D 83 27.06 -28.96 -11.19
CA LEU D 83 26.32 -27.71 -11.07
C LEU D 83 27.19 -26.61 -11.69
N ILE D 84 26.57 -25.58 -12.23
CA ILE D 84 27.37 -24.47 -12.77
C ILE D 84 27.01 -23.23 -11.95
N VAL D 85 27.73 -22.18 -12.22
CA VAL D 85 27.57 -20.87 -11.61
C VAL D 85 27.17 -19.95 -12.74
N PRO D 86 25.90 -19.75 -13.00
CA PRO D 86 25.46 -18.88 -14.07
C PRO D 86 25.56 -17.39 -13.81
N MET D 87 25.59 -16.97 -12.57
CA MET D 87 25.62 -15.53 -12.19
C MET D 87 26.34 -15.39 -10.86
N VAL D 88 26.97 -14.23 -10.72
CA VAL D 88 27.65 -13.91 -9.44
C VAL D 88 27.17 -12.48 -9.09
N THR D 89 27.36 -12.13 -7.84
CA THR D 89 26.99 -10.81 -7.35
C THR D 89 27.93 -10.42 -6.24
N THR D 90 27.95 -9.15 -5.86
CA THR D 90 28.75 -8.54 -4.82
C THR D 90 27.87 -7.94 -3.70
N ASN D 91 28.35 -8.16 -2.49
CA ASN D 91 27.68 -7.60 -1.30
C ASN D 91 28.21 -6.17 -1.10
N LEU D 92 27.39 -5.21 -1.41
CA LEU D 92 27.68 -3.78 -1.23
C LEU D 92 26.62 -3.29 -0.22
N PHE D 93 26.23 -4.14 0.72
CA PHE D 93 25.17 -3.64 1.62
C PHE D 93 25.38 -4.01 3.07
N THR D 94 26.08 -5.09 3.38
CA THR D 94 26.22 -5.47 4.77
C THR D 94 27.14 -4.67 5.67
N HIS D 95 28.36 -4.52 5.21
CA HIS D 95 29.37 -3.82 6.01
C HIS D 95 28.97 -2.40 6.29
N PRO D 96 29.23 -1.93 7.48
CA PRO D 96 28.90 -0.56 7.90
C PRO D 96 29.40 0.50 6.93
N VAL D 97 30.49 0.23 6.21
CA VAL D 97 31.09 1.20 5.29
C VAL D 97 30.08 1.59 4.21
N PHE D 98 29.21 0.67 3.87
CA PHE D 98 28.18 0.88 2.84
C PHE D 98 26.87 1.45 3.30
N LYS D 99 26.82 1.93 4.51
CA LYS D 99 25.61 2.53 5.12
C LYS D 99 24.97 3.60 4.25
N ASP D 100 25.70 4.35 3.43
CA ASP D 100 25.06 5.35 2.55
C ASP D 100 25.16 4.90 1.07
N GLY D 101 25.48 3.65 0.88
CA GLY D 101 25.63 3.03 -0.42
C GLY D 101 27.08 2.67 -0.78
N GLY D 102 27.15 2.08 -1.96
CA GLY D 102 28.43 1.61 -2.55
C GLY D 102 28.89 2.64 -3.61
N PHE D 103 28.44 2.49 -4.81
CA PHE D 103 28.74 3.34 -5.95
C PHE D 103 28.23 4.75 -5.74
N THR D 104 27.18 4.91 -4.93
CA THR D 104 26.66 6.27 -4.77
C THR D 104 26.79 6.83 -3.37
N SER D 105 27.65 6.34 -2.51
CA SER D 105 27.85 6.89 -1.16
C SER D 105 28.25 8.34 -1.31
N ASN D 106 27.91 9.25 -0.41
CA ASN D 106 28.32 10.66 -0.53
C ASN D 106 29.84 10.73 -0.39
N ASP D 107 30.43 9.83 0.36
CA ASP D 107 31.87 9.69 0.62
C ASP D 107 32.62 9.09 -0.56
N ARG D 108 33.47 9.85 -1.19
CA ARG D 108 34.27 9.44 -2.35
C ARG D 108 35.12 8.20 -2.21
N SER D 109 35.70 8.03 -1.06
CA SER D 109 36.56 6.88 -0.82
C SER D 109 35.76 5.60 -0.82
N VAL D 110 34.52 5.68 -0.38
CA VAL D 110 33.67 4.48 -0.33
C VAL D 110 33.37 4.12 -1.78
N ARG D 111 33.13 5.16 -2.60
CA ARG D 111 32.80 4.84 -4.01
C ARG D 111 33.95 4.12 -4.68
N ARG D 112 35.17 4.56 -4.32
CA ARG D 112 36.37 3.93 -4.92
C ARG D 112 36.47 2.51 -4.42
N TYR D 113 36.30 2.26 -3.15
CA TYR D 113 36.37 0.89 -2.63
C TYR D 113 35.29 -0.02 -3.18
N ALA D 114 34.10 0.50 -3.42
CA ALA D 114 32.98 -0.29 -3.91
C ALA D 114 33.31 -0.88 -5.26
N ILE D 115 33.87 -0.03 -6.12
CA ILE D 115 34.24 -0.45 -7.49
C ILE D 115 35.30 -1.54 -7.39
N ARG D 116 36.35 -1.37 -6.58
CA ARG D 116 37.36 -2.43 -6.42
C ARG D 116 36.78 -3.75 -5.91
N LYS D 117 35.79 -3.72 -5.01
CA LYS D 117 35.17 -4.94 -4.45
C LYS D 117 34.48 -5.73 -5.55
N VAL D 118 33.86 -5.00 -6.47
CA VAL D 118 33.15 -5.53 -7.63
C VAL D 118 34.11 -6.10 -8.68
N LEU D 119 35.18 -5.41 -9.02
CA LEU D 119 36.19 -5.84 -10.00
C LEU D 119 36.75 -7.19 -9.55
N ARG D 120 37.05 -7.28 -8.29
CA ARG D 120 37.57 -8.49 -7.69
C ARG D 120 36.54 -9.59 -7.82
N GLN D 121 35.25 -9.36 -7.69
CA GLN D 121 34.23 -10.41 -7.83
C GLN D 121 34.02 -10.81 -9.28
N MET D 122 34.27 -9.93 -10.21
CA MET D 122 34.13 -10.13 -11.66
C MET D 122 35.20 -11.14 -12.08
N ASP D 123 36.39 -11.00 -11.51
CA ASP D 123 37.51 -11.91 -11.78
C ASP D 123 37.11 -13.33 -11.38
N LEU D 124 36.65 -13.46 -10.14
CA LEU D 124 36.22 -14.75 -9.60
C LEU D 124 35.06 -15.27 -10.42
N GLY D 125 34.15 -14.42 -10.82
CA GLY D 125 33.00 -14.78 -11.62
C GLY D 125 33.49 -15.36 -12.94
N ALA D 126 34.29 -14.60 -13.64
CA ALA D 126 34.82 -15.01 -14.96
C ALA D 126 35.54 -16.34 -14.88
N GLU D 127 36.23 -16.62 -13.82
CA GLU D 127 36.97 -17.84 -13.56
C GLU D 127 36.06 -19.01 -13.27
N LEU D 128 34.87 -18.81 -12.76
CA LEU D 128 33.89 -19.87 -12.45
C LEU D 128 32.95 -20.03 -13.65
N GLY D 129 33.12 -19.22 -14.66
CA GLY D 129 32.30 -19.30 -15.86
C GLY D 129 30.99 -18.56 -15.88
N ALA D 130 30.76 -17.69 -14.90
CA ALA D 130 29.52 -16.90 -14.82
C ALA D 130 29.38 -16.04 -16.06
N LYS D 131 28.20 -15.87 -16.60
CA LYS D 131 27.94 -15.04 -17.76
C LYS D 131 27.25 -13.76 -17.36
N THR D 132 26.68 -13.70 -16.16
CA THR D 132 25.96 -12.51 -15.68
C THR D 132 26.46 -12.06 -14.31
N LEU D 133 26.55 -10.75 -14.23
CA LEU D 133 26.90 -10.08 -13.00
C LEU D 133 25.60 -9.31 -12.65
N VAL D 134 25.00 -9.59 -11.53
CA VAL D 134 23.79 -8.91 -11.03
C VAL D 134 24.31 -7.80 -10.07
N LEU D 135 23.66 -6.64 -10.20
CA LEU D 135 24.03 -5.47 -9.37
C LEU D 135 22.81 -5.09 -8.53
N TRP D 136 22.82 -5.34 -7.23
CA TRP D 136 21.71 -4.94 -6.35
C TRP D 136 22.16 -3.73 -5.53
N GLY D 137 21.70 -2.55 -5.88
CA GLY D 137 22.09 -1.33 -5.14
C GLY D 137 21.22 -1.14 -3.93
N GLY D 138 21.20 -2.04 -3.02
CA GLY D 138 20.35 -2.00 -1.81
C GLY D 138 20.51 -0.83 -0.90
N ARG D 139 21.71 -0.29 -0.83
CA ARG D 139 22.05 0.88 0.00
C ARG D 139 22.13 2.18 -0.80
N GLU D 140 21.88 2.16 -2.10
CA GLU D 140 21.93 3.41 -2.87
C GLU D 140 20.55 4.05 -2.70
N GLY D 141 20.49 5.18 -2.01
CA GLY D 141 19.20 5.86 -1.79
C GLY D 141 19.25 6.87 -0.66
N ALA D 142 18.18 7.01 0.09
CA ALA D 142 18.15 7.98 1.17
C ALA D 142 16.94 7.74 2.07
N GLU D 143 17.07 8.36 3.25
CA GLU D 143 15.92 8.29 4.17
C GLU D 143 15.29 9.68 4.15
N TYR D 144 16.09 10.66 3.76
CA TYR D 144 15.69 12.08 3.73
C TYR D 144 16.04 12.65 2.38
N ASP D 145 15.17 13.49 1.79
CA ASP D 145 15.31 14.03 0.46
C ASP D 145 16.54 14.89 0.28
N SER D 146 16.84 15.67 1.29
CA SER D 146 17.99 16.59 1.15
C SER D 146 19.33 15.95 1.32
N ALA D 147 19.35 14.69 1.70
CA ALA D 147 20.63 13.99 1.98
C ALA D 147 21.32 13.44 0.77
N LYS D 148 20.63 13.43 -0.33
CA LYS D 148 21.18 12.83 -1.55
C LYS D 148 20.78 13.55 -2.81
N ASP D 149 21.81 13.92 -3.55
CA ASP D 149 21.59 14.59 -4.86
C ASP D 149 21.34 13.47 -5.86
N VAL D 150 20.14 13.23 -6.32
CA VAL D 150 19.87 12.08 -7.22
C VAL D 150 20.57 12.09 -8.56
N SER D 151 20.64 13.30 -9.07
CA SER D 151 21.29 13.56 -10.37
C SER D 151 22.78 13.21 -10.25
N ALA D 152 23.44 13.72 -9.22
CA ALA D 152 24.85 13.41 -8.95
C ALA D 152 24.96 11.91 -8.72
N ALA D 153 24.02 11.32 -8.01
CA ALA D 153 23.96 9.89 -7.73
C ALA D 153 23.88 9.08 -9.01
N LEU D 154 23.06 9.47 -9.96
CA LEU D 154 22.92 8.74 -11.23
C LEU D 154 24.18 8.87 -12.05
N ASP D 155 24.83 10.03 -11.92
CA ASP D 155 26.08 10.32 -12.62
C ASP D 155 27.16 9.35 -12.15
N ARG D 156 27.27 9.22 -10.84
CA ARG D 156 28.24 8.34 -10.18
C ARG D 156 27.93 6.86 -10.44
N TYR D 157 26.65 6.49 -10.51
CA TYR D 157 26.19 5.14 -10.77
C TYR D 157 26.67 4.76 -12.19
N ARG D 158 26.39 5.64 -13.13
CA ARG D 158 26.76 5.46 -14.53
C ARG D 158 28.29 5.37 -14.70
N GLU D 159 29.00 6.24 -14.01
CA GLU D 159 30.45 6.31 -14.01
C GLU D 159 31.01 4.98 -13.58
N ALA D 160 30.52 4.37 -12.51
CA ALA D 160 30.98 3.06 -12.04
C ALA D 160 30.66 1.95 -13.01
N LEU D 161 29.47 1.94 -13.60
CA LEU D 161 29.03 0.90 -14.51
C LEU D 161 29.82 0.92 -15.80
N ASN D 162 30.13 2.03 -16.40
CA ASN D 162 30.90 2.21 -17.61
C ASN D 162 32.32 1.59 -17.48
N LEU D 163 32.86 1.79 -16.29
CA LEU D 163 34.20 1.26 -15.97
C LEU D 163 34.19 -0.27 -15.97
N LEU D 164 33.19 -0.85 -15.34
CA LEU D 164 33.00 -2.30 -15.23
C LEU D 164 32.85 -2.90 -16.63
N ALA D 165 32.06 -2.31 -17.51
CA ALA D 165 31.82 -2.79 -18.87
C ALA D 165 33.18 -2.75 -19.59
N GLN D 166 33.89 -1.66 -19.42
CA GLN D 166 35.20 -1.45 -20.01
C GLN D 166 36.18 -2.56 -19.63
N TYR D 167 36.33 -2.80 -18.35
CA TYR D 167 37.22 -3.84 -17.85
C TYR D 167 36.84 -5.20 -18.38
N SER D 168 35.57 -5.60 -18.31
CA SER D 168 35.07 -6.88 -18.81
C SER D 168 35.40 -7.03 -20.29
N GLU D 169 35.06 -6.05 -21.09
CA GLU D 169 35.30 -6.06 -22.54
C GLU D 169 36.79 -6.20 -22.80
N ASP D 170 37.61 -5.46 -22.06
CA ASP D 170 39.05 -5.54 -22.21
C ASP D 170 39.57 -6.91 -21.77
N ARG D 171 39.09 -7.48 -20.70
CA ARG D 171 39.59 -8.79 -20.29
C ARG D 171 38.95 -9.90 -21.08
N GLY D 172 38.01 -9.64 -21.93
CA GLY D 172 37.31 -10.67 -22.72
C GLY D 172 36.46 -11.55 -21.84
N TYR D 173 35.96 -11.07 -20.71
CA TYR D 173 35.11 -11.84 -19.80
C TYR D 173 33.73 -12.16 -20.38
N GLY D 174 33.27 -11.34 -21.30
CA GLY D 174 31.98 -11.51 -21.93
C GLY D 174 30.76 -11.50 -21.00
N LEU D 175 30.84 -10.82 -19.87
CA LEU D 175 29.78 -10.71 -18.89
C LEU D 175 28.69 -9.78 -19.42
N ARG D 176 27.46 -9.98 -18.97
CA ARG D 176 26.31 -9.12 -19.29
C ARG D 176 25.99 -8.60 -17.86
N PHE D 177 25.49 -7.39 -17.79
CA PHE D 177 25.20 -6.80 -16.44
C PHE D 177 23.71 -6.67 -16.21
N ALA D 178 23.23 -7.08 -15.05
CA ALA D 178 21.76 -6.97 -14.81
C ALA D 178 21.54 -6.18 -13.52
N ILE D 179 20.95 -4.99 -13.60
CA ILE D 179 20.67 -4.15 -12.47
C ILE D 179 19.38 -4.73 -11.87
N GLU D 180 19.34 -4.90 -10.58
CA GLU D 180 18.15 -5.40 -9.85
C GLU D 180 17.43 -4.29 -9.10
N PRO D 181 16.24 -3.90 -9.56
CA PRO D 181 15.48 -2.78 -8.94
C PRO D 181 14.84 -3.23 -7.63
N LYS D 182 14.60 -2.36 -6.69
CA LYS D 182 13.94 -2.53 -5.40
C LYS D 182 13.46 -1.14 -4.95
N PRO D 183 12.21 -1.03 -4.50
CA PRO D 183 11.66 0.28 -4.15
C PRO D 183 12.16 0.89 -2.87
N ASN D 184 12.38 0.00 -1.88
CA ASN D 184 12.81 0.43 -0.54
C ASN D 184 13.31 -0.80 0.20
N GLU D 185 13.88 -0.60 1.33
CA GLU D 185 14.36 -1.65 2.25
C GLU D 185 15.66 -2.26 1.78
N PRO D 186 16.81 -1.95 2.38
CA PRO D 186 16.98 -1.14 3.57
C PRO D 186 16.96 0.35 3.60
N ARG D 187 17.02 1.05 2.52
CA ARG D 187 16.92 2.53 2.60
C ARG D 187 15.44 2.88 2.55
N GLY D 188 15.07 4.06 3.01
CA GLY D 188 13.66 4.53 2.96
C GLY D 188 13.16 4.50 1.53
N ASP D 189 13.95 4.93 0.60
CA ASP D 189 13.68 4.97 -0.85
C ASP D 189 14.99 4.55 -1.52
N ILE D 190 14.93 3.58 -2.40
CA ILE D 190 16.12 3.12 -3.16
C ILE D 190 16.08 3.70 -4.57
N LEU D 191 17.25 4.05 -5.12
CA LEU D 191 17.38 4.63 -6.47
C LEU D 191 17.04 3.53 -7.48
N LEU D 192 16.45 3.92 -8.58
CA LEU D 192 16.02 2.91 -9.60
C LEU D 192 15.01 1.96 -8.91
N PRO D 193 13.87 2.50 -8.46
CA PRO D 193 12.90 1.73 -7.70
C PRO D 193 12.10 0.65 -8.35
N THR D 194 11.82 0.65 -9.61
CA THR D 194 11.04 -0.37 -10.33
C THR D 194 11.76 -0.85 -11.57
N ALA D 195 11.30 -1.96 -12.16
CA ALA D 195 11.96 -2.40 -13.42
C ALA D 195 12.01 -1.28 -14.44
N GLY D 196 11.05 -0.38 -14.52
CA GLY D 196 10.99 0.72 -15.51
C GLY D 196 12.10 1.71 -15.36
N HIS D 197 12.34 2.15 -14.14
CA HIS D 197 13.37 3.12 -13.77
C HIS D 197 14.72 2.50 -14.15
N ALA D 198 14.95 1.23 -13.88
CA ALA D 198 16.28 0.60 -14.18
C ALA D 198 16.48 0.47 -15.69
N ILE D 199 15.42 0.14 -16.44
CA ILE D 199 15.51 0.04 -17.87
C ILE D 199 15.83 1.43 -18.43
N ALA D 200 15.12 2.47 -18.06
CA ALA D 200 15.38 3.82 -18.55
C ALA D 200 16.82 4.23 -18.26
N PHE D 201 17.37 3.86 -17.12
CA PHE D 201 18.73 4.22 -16.73
C PHE D 201 19.77 3.51 -17.62
N VAL D 202 19.63 2.22 -17.79
CA VAL D 202 20.54 1.36 -18.56
C VAL D 202 20.75 1.93 -19.96
N GLN D 203 19.71 2.53 -20.50
CA GLN D 203 19.66 3.10 -21.85
C GLN D 203 20.61 4.27 -21.94
N GLU D 204 21.12 4.79 -20.85
CA GLU D 204 22.02 5.94 -20.83
C GLU D 204 23.49 5.64 -20.63
N LEU D 205 23.85 4.38 -20.51
CA LEU D 205 25.21 3.91 -20.29
C LEU D 205 25.98 4.00 -21.61
N GLU D 206 27.29 3.84 -21.47
CA GLU D 206 28.15 3.91 -22.64
C GLU D 206 27.88 2.75 -23.57
N ARG D 207 27.67 1.56 -23.06
CA ARG D 207 27.40 0.35 -23.86
C ARG D 207 26.14 -0.35 -23.39
N PRO D 208 25.03 0.26 -23.72
CA PRO D 208 23.72 -0.22 -23.30
C PRO D 208 23.48 -1.67 -23.62
N GLU D 209 24.05 -2.13 -24.69
CA GLU D 209 23.82 -3.51 -25.11
C GLU D 209 24.35 -4.52 -24.12
N LEU D 210 25.25 -4.09 -23.26
CA LEU D 210 25.76 -5.07 -22.27
C LEU D 210 24.92 -5.05 -21.00
N PHE D 211 23.94 -4.19 -20.90
CA PHE D 211 23.07 -3.99 -19.75
C PHE D 211 21.59 -4.26 -19.86
N GLY D 212 21.10 -4.97 -18.85
CA GLY D 212 19.66 -5.31 -18.76
C GLY D 212 19.27 -5.28 -17.30
N ILE D 213 18.18 -5.94 -16.94
CA ILE D 213 17.74 -5.92 -15.52
C ILE D 213 17.54 -7.32 -14.98
N ASN D 214 17.51 -7.43 -13.68
CA ASN D 214 17.25 -8.67 -12.92
C ASN D 214 16.06 -8.33 -11.98
N PRO D 215 14.86 -8.29 -12.49
CA PRO D 215 13.65 -7.94 -11.69
C PRO D 215 13.30 -9.05 -10.76
N GLU D 216 12.77 -8.74 -9.59
CA GLU D 216 12.41 -9.84 -8.62
C GLU D 216 10.94 -9.73 -8.32
N THR D 217 10.22 -10.86 -8.32
CA THR D 217 8.79 -10.86 -8.07
C THR D 217 8.37 -9.97 -6.93
N GLY D 218 8.78 -10.26 -5.72
CA GLY D 218 8.37 -9.48 -4.57
C GLY D 218 8.67 -8.02 -4.64
N HIS D 219 9.74 -7.62 -5.27
CA HIS D 219 10.17 -6.22 -5.34
C HIS D 219 9.15 -5.34 -6.07
N GLU D 220 8.61 -5.84 -7.17
CA GLU D 220 7.61 -5.01 -7.88
C GLU D 220 6.30 -5.06 -7.09
N GLN D 221 5.95 -6.17 -6.50
CA GLN D 221 4.76 -6.35 -5.65
C GLN D 221 4.87 -5.48 -4.39
N MET D 222 6.06 -5.09 -3.94
CA MET D 222 6.24 -4.21 -2.80
C MET D 222 5.64 -2.85 -3.11
N SER D 223 5.48 -2.50 -4.38
CA SER D 223 4.87 -1.25 -4.84
C SER D 223 3.44 -1.52 -5.37
N ASN D 224 2.98 -2.75 -5.23
CA ASN D 224 1.68 -3.21 -5.69
C ASN D 224 1.53 -3.12 -7.22
N LEU D 225 2.62 -3.34 -7.96
CA LEU D 225 2.65 -3.30 -9.43
C LEU D 225 2.43 -4.72 -9.96
N ASN D 226 2.04 -4.78 -11.23
CA ASN D 226 1.78 -6.13 -11.82
C ASN D 226 3.10 -6.73 -12.32
N PHE D 227 3.69 -7.70 -11.65
CA PHE D 227 4.95 -8.27 -12.01
C PHE D 227 4.93 -8.84 -13.43
N THR D 228 3.99 -9.67 -13.81
CA THR D 228 3.92 -10.23 -15.16
C THR D 228 3.90 -9.13 -16.21
N GLN D 229 3.09 -8.10 -15.99
CA GLN D 229 3.02 -7.00 -16.95
C GLN D 229 4.34 -6.26 -17.06
N GLY D 230 5.12 -6.09 -16.00
CA GLY D 230 6.41 -5.39 -16.06
C GLY D 230 7.46 -6.29 -16.73
N ILE D 231 7.39 -7.58 -16.59
CA ILE D 231 8.26 -8.55 -17.23
C ILE D 231 7.98 -8.53 -18.76
N ALA D 232 6.69 -8.41 -19.12
CA ALA D 232 6.25 -8.33 -20.48
C ALA D 232 6.94 -7.12 -21.13
N GLN D 233 6.96 -6.02 -20.46
CA GLN D 233 7.59 -4.80 -20.94
C GLN D 233 9.11 -5.02 -21.01
N ALA D 234 9.73 -5.63 -20.02
CA ALA D 234 11.17 -5.87 -20.06
C ALA D 234 11.49 -6.73 -21.31
N LEU D 235 10.66 -7.71 -21.62
CA LEU D 235 10.85 -8.61 -22.78
C LEU D 235 10.72 -7.78 -24.06
N TRP D 236 9.80 -6.86 -24.16
CA TRP D 236 9.58 -5.98 -25.31
C TRP D 236 10.83 -5.14 -25.58
N HIS D 237 11.54 -4.70 -24.55
CA HIS D 237 12.74 -3.88 -24.62
C HIS D 237 13.97 -4.78 -24.85
N LYS D 238 13.79 -6.06 -24.59
CA LYS D 238 14.82 -7.06 -24.67
C LYS D 238 15.89 -6.84 -23.61
N LYS D 239 15.47 -6.56 -22.39
CA LYS D 239 16.35 -6.31 -21.28
C LYS D 239 16.17 -7.31 -20.15
N LEU D 240 15.50 -8.40 -20.35
CA LEU D 240 15.33 -9.40 -19.29
C LEU D 240 16.59 -10.30 -19.37
N PHE D 241 17.67 -9.95 -18.71
CA PHE D 241 18.92 -10.72 -18.69
C PHE D 241 18.93 -11.86 -17.68
N HIS D 242 18.06 -11.69 -16.68
CA HIS D 242 17.98 -12.70 -15.58
C HIS D 242 16.63 -12.46 -14.85
N ILE D 243 16.19 -13.39 -14.02
CA ILE D 243 14.96 -13.19 -13.25
C ILE D 243 15.05 -13.84 -11.87
N ASP D 244 14.54 -13.18 -10.83
CA ASP D 244 14.56 -13.69 -9.44
C ASP D 244 13.07 -13.96 -9.13
N LEU D 245 12.79 -15.20 -8.77
CA LEU D 245 11.41 -15.62 -8.46
C LEU D 245 11.22 -15.86 -6.97
N ASN D 246 10.16 -15.31 -6.42
CA ASN D 246 9.79 -15.47 -4.99
C ASN D 246 8.32 -15.06 -4.85
N GLY D 247 7.87 -14.97 -3.59
CA GLY D 247 6.49 -14.62 -3.23
C GLY D 247 6.47 -13.46 -2.26
N GLN D 248 5.38 -12.69 -2.36
CA GLN D 248 5.20 -11.52 -1.50
C GLN D 248 3.72 -11.24 -1.34
N HIS D 249 3.34 -10.60 -0.22
CA HIS D 249 1.91 -10.23 -0.04
C HIS D 249 1.78 -8.71 -0.11
N GLY D 250 1.83 -8.12 -1.27
CA GLY D 250 1.70 -6.68 -1.44
C GLY D 250 2.73 -5.85 -0.70
N PRO D 251 2.43 -4.54 -0.53
CA PRO D 251 3.31 -3.62 0.15
C PRO D 251 3.56 -3.80 1.63
N LYS D 252 4.67 -4.34 2.05
CA LYS D 252 5.13 -4.60 3.39
C LYS D 252 6.61 -4.96 3.22
N PHE D 253 7.27 -5.26 4.33
CA PHE D 253 8.68 -5.67 4.26
C PHE D 253 8.82 -6.77 3.20
N ASP D 254 10.03 -7.01 2.76
CA ASP D 254 10.38 -8.03 1.75
C ASP D 254 10.27 -9.41 2.39
N GLN D 255 9.30 -10.21 2.01
CA GLN D 255 9.04 -11.53 2.58
C GLN D 255 9.86 -12.67 1.99
N ASP D 256 10.17 -12.58 0.69
CA ASP D 256 10.97 -13.67 0.10
C ASP D 256 10.37 -15.06 0.32
N LEU D 257 9.09 -15.22 0.09
CA LEU D 257 8.43 -16.52 0.27
C LEU D 257 8.83 -17.32 -0.97
N VAL D 258 8.54 -18.60 -0.99
CA VAL D 258 8.72 -19.53 -2.09
C VAL D 258 7.90 -18.94 -3.24
N PHE D 259 8.38 -19.15 -4.45
CA PHE D 259 7.66 -18.67 -5.64
C PHE D 259 6.26 -19.27 -5.67
N GLY D 260 5.24 -18.48 -5.92
CA GLY D 260 3.84 -18.90 -5.97
C GLY D 260 3.06 -18.88 -4.65
N HIS D 261 3.72 -18.66 -3.52
CA HIS D 261 3.15 -18.60 -2.20
C HIS D 261 2.65 -17.19 -1.83
N GLY D 262 2.86 -16.22 -2.71
CA GLY D 262 2.43 -14.85 -2.53
C GLY D 262 1.17 -14.66 -3.38
N ASP D 263 1.32 -13.99 -4.52
CA ASP D 263 0.21 -13.73 -5.46
C ASP D 263 0.20 -14.90 -6.44
N LEU D 264 -0.55 -15.94 -6.23
CA LEU D 264 -0.66 -17.13 -7.02
C LEU D 264 -1.14 -16.85 -8.45
N LEU D 265 -2.17 -16.04 -8.60
CA LEU D 265 -2.69 -15.76 -9.93
C LEU D 265 -1.63 -15.10 -10.80
N ASN D 266 -0.82 -14.21 -10.33
CA ASN D 266 0.26 -13.47 -11.04
C ASN D 266 1.41 -14.44 -11.33
N ALA D 267 1.65 -15.39 -10.42
CA ALA D 267 2.69 -16.40 -10.58
C ALA D 267 2.28 -17.22 -11.79
N PHE D 268 1.01 -17.53 -11.91
CA PHE D 268 0.45 -18.34 -13.00
C PHE D 268 0.57 -17.64 -14.34
N SER D 269 0.16 -16.39 -14.41
CA SER D 269 0.29 -15.66 -15.68
C SER D 269 1.79 -15.40 -15.97
N LEU D 270 2.68 -15.38 -14.96
CA LEU D 270 4.11 -15.18 -15.24
C LEU D 270 4.67 -16.42 -15.93
N VAL D 271 4.43 -17.60 -15.41
CA VAL D 271 4.88 -18.85 -15.99
C VAL D 271 4.28 -18.97 -17.39
N ASP D 272 3.06 -18.59 -17.67
CA ASP D 272 2.47 -18.64 -19.01
C ASP D 272 3.28 -17.75 -19.96
N LEU D 273 3.61 -16.54 -19.61
CA LEU D 273 4.39 -15.58 -20.38
C LEU D 273 5.79 -16.11 -20.70
N LEU D 274 6.50 -16.69 -19.73
CA LEU D 274 7.85 -17.17 -19.94
C LEU D 274 7.94 -18.42 -20.83
N GLU D 275 7.07 -19.38 -20.66
CA GLU D 275 7.13 -20.63 -21.38
C GLU D 275 6.31 -20.74 -22.63
N ASN D 276 5.21 -20.05 -22.71
CA ASN D 276 4.32 -20.18 -23.87
C ASN D 276 4.63 -18.93 -24.68
N GLY D 277 5.89 -18.91 -24.99
CA GLY D 277 6.36 -17.71 -25.75
C GLY D 277 5.94 -17.91 -27.20
N PRO D 278 6.38 -16.91 -27.97
CA PRO D 278 6.12 -16.90 -29.43
C PRO D 278 6.97 -18.00 -30.08
N ASP D 279 6.19 -18.76 -30.86
CA ASP D 279 6.64 -19.93 -31.64
C ASP D 279 6.70 -21.20 -30.80
N GLY D 280 5.74 -21.47 -29.93
CA GLY D 280 5.75 -22.69 -29.10
C GLY D 280 6.68 -22.62 -27.89
N ALA D 281 7.88 -22.15 -28.19
CA ALA D 281 9.02 -21.94 -27.33
C ALA D 281 8.91 -20.81 -26.32
N PRO D 282 9.71 -20.97 -25.28
CA PRO D 282 9.76 -20.00 -24.18
C PRO D 282 10.12 -18.64 -24.73
N ALA D 283 9.63 -17.61 -24.08
CA ALA D 283 9.93 -16.22 -24.46
C ALA D 283 11.24 -15.83 -23.77
N TYR D 284 11.64 -16.58 -22.77
CA TYR D 284 12.85 -16.33 -21.99
C TYR D 284 13.59 -17.66 -21.82
N ASP D 285 14.89 -17.55 -22.01
CA ASP D 285 15.79 -18.69 -21.86
C ASP D 285 16.89 -18.57 -20.82
N GLY D 286 16.96 -17.61 -19.95
CA GLY D 286 18.02 -17.53 -18.93
C GLY D 286 17.58 -18.42 -17.77
N PRO D 287 18.38 -18.39 -16.70
CA PRO D 287 18.05 -19.18 -15.51
C PRO D 287 16.73 -18.71 -14.90
N ARG D 288 16.12 -19.63 -14.18
CA ARG D 288 14.89 -19.40 -13.41
C ARG D 288 15.50 -19.46 -12.01
N HIS D 289 15.86 -18.32 -11.51
CA HIS D 289 16.51 -18.22 -10.20
C HIS D 289 15.59 -17.94 -9.06
N PHE D 290 15.68 -18.65 -7.97
CA PHE D 290 14.89 -18.49 -6.75
C PHE D 290 15.68 -17.70 -5.70
N ASP D 291 15.25 -16.46 -5.48
CA ASP D 291 15.85 -15.55 -4.49
C ASP D 291 14.78 -15.43 -3.39
N TYR D 292 14.85 -16.41 -2.52
CA TYR D 292 13.88 -16.58 -1.44
C TYR D 292 14.58 -16.94 -0.14
N LYS D 293 13.79 -17.00 0.93
CA LYS D 293 14.32 -17.38 2.24
C LYS D 293 13.40 -18.39 2.91
N PRO D 294 13.97 -19.43 3.40
CA PRO D 294 13.15 -20.44 4.15
C PRO D 294 12.65 -19.71 5.41
N SER D 295 11.37 -19.77 5.74
CA SER D 295 10.79 -19.11 6.91
C SER D 295 11.61 -19.36 8.17
N ARG D 296 11.63 -18.33 9.02
CA ARG D 296 12.36 -18.36 10.29
C ARG D 296 11.89 -19.49 11.19
N THR D 297 10.67 -19.97 11.00
CA THR D 297 10.14 -21.06 11.81
C THR D 297 10.65 -22.46 11.50
N GLU D 298 11.39 -22.60 10.43
CA GLU D 298 11.86 -23.91 9.98
C GLU D 298 13.27 -24.30 10.32
N ASP D 299 13.48 -25.62 10.33
CA ASP D 299 14.82 -26.18 10.61
C ASP D 299 15.37 -26.59 9.23
N TYR D 300 16.51 -27.30 9.23
CA TYR D 300 17.11 -27.69 7.93
C TYR D 300 16.18 -28.58 7.15
N ASP D 301 15.32 -29.37 7.74
CA ASP D 301 14.38 -30.20 6.95
C ASP D 301 13.45 -29.24 6.18
N GLY D 302 12.96 -28.21 6.86
CA GLY D 302 12.08 -27.23 6.27
C GLY D 302 12.83 -26.46 5.20
N VAL D 303 14.13 -26.25 5.37
CA VAL D 303 14.91 -25.53 4.37
C VAL D 303 14.88 -26.31 3.06
N TRP D 304 15.13 -27.59 3.02
CA TRP D 304 15.15 -28.39 1.78
C TRP D 304 13.77 -28.59 1.20
N GLU D 305 12.79 -28.65 2.05
CA GLU D 305 11.39 -28.79 1.64
C GLU D 305 11.09 -27.48 0.90
N SER D 306 11.48 -26.35 1.44
CA SER D 306 11.17 -25.08 0.77
C SER D 306 11.91 -24.94 -0.54
N ALA D 307 13.12 -25.45 -0.71
CA ALA D 307 13.92 -25.39 -1.94
C ALA D 307 13.15 -26.18 -3.01
N LYS D 308 12.72 -27.38 -2.64
CA LYS D 308 11.92 -28.23 -3.51
C LYS D 308 10.57 -27.58 -3.80
N ALA D 309 9.84 -26.90 -2.93
CA ALA D 309 8.58 -26.28 -3.14
C ALA D 309 8.68 -25.28 -4.27
N ASN D 310 9.81 -24.60 -4.42
CA ASN D 310 9.99 -23.57 -5.49
C ASN D 310 9.89 -24.19 -6.87
N ILE D 311 10.57 -25.32 -7.01
CA ILE D 311 10.61 -26.05 -8.28
C ILE D 311 9.27 -26.74 -8.56
N ARG D 312 8.64 -27.30 -7.54
CA ARG D 312 7.35 -27.97 -7.68
C ARG D 312 6.41 -26.85 -8.15
N MET D 313 6.45 -25.74 -7.42
CA MET D 313 5.52 -24.64 -7.75
C MET D 313 5.67 -24.30 -9.22
N TYR D 314 6.90 -24.11 -9.66
CA TYR D 314 7.11 -23.74 -11.09
C TYR D 314 6.60 -24.76 -12.08
N LEU D 315 6.87 -26.05 -11.87
CA LEU D 315 6.43 -27.13 -12.79
C LEU D 315 4.93 -27.32 -12.78
N LEU D 316 4.25 -27.28 -11.66
CA LEU D 316 2.78 -27.36 -11.61
C LEU D 316 2.12 -26.24 -12.40
N LEU D 317 2.51 -24.97 -12.26
CA LEU D 317 2.00 -23.82 -12.95
C LEU D 317 2.31 -23.98 -14.44
N LYS D 318 3.47 -24.49 -14.79
CA LYS D 318 3.83 -24.69 -16.20
C LYS D 318 2.91 -25.69 -16.93
N GLU D 319 2.61 -26.78 -16.25
CA GLU D 319 1.70 -27.83 -16.74
C GLU D 319 0.32 -27.23 -16.96
N ARG D 320 -0.18 -26.44 -16.02
CA ARG D 320 -1.49 -25.77 -16.07
C ARG D 320 -1.52 -24.70 -17.14
N ALA D 321 -0.42 -24.02 -17.35
CA ALA D 321 -0.33 -22.97 -18.36
C ALA D 321 -0.42 -23.62 -19.74
N LYS D 322 0.24 -24.73 -19.90
CA LYS D 322 0.22 -25.46 -21.18
C LYS D 322 -1.16 -25.99 -21.52
N ALA D 323 -1.82 -26.58 -20.54
CA ALA D 323 -3.17 -27.14 -20.78
C ALA D 323 -4.12 -26.01 -21.10
N PHE D 324 -3.79 -24.90 -20.43
CA PHE D 324 -4.67 -23.72 -20.60
C PHE D 324 -4.81 -23.36 -22.08
N ARG D 325 -3.66 -23.20 -22.71
CA ARG D 325 -3.46 -22.78 -24.09
C ARG D 325 -3.87 -23.86 -25.11
N ALA D 326 -3.80 -25.12 -24.79
CA ALA D 326 -4.18 -26.20 -25.68
C ALA D 326 -5.69 -26.46 -25.58
N ASP D 327 -6.42 -25.69 -24.84
CA ASP D 327 -7.87 -25.89 -24.64
C ASP D 327 -8.61 -25.05 -25.69
N PRO D 328 -9.35 -25.82 -26.50
CA PRO D 328 -10.14 -25.26 -27.60
C PRO D 328 -11.17 -24.30 -27.01
N GLU D 329 -11.60 -24.51 -25.78
CA GLU D 329 -12.57 -23.51 -25.25
C GLU D 329 -11.85 -22.20 -24.92
N VAL D 330 -10.63 -22.36 -24.40
CA VAL D 330 -9.81 -21.19 -24.07
C VAL D 330 -9.54 -20.43 -25.37
N GLN D 331 -9.16 -21.18 -26.43
CA GLN D 331 -8.90 -20.53 -27.74
C GLN D 331 -10.09 -19.76 -28.27
N GLU D 332 -11.25 -20.37 -28.15
CA GLU D 332 -12.52 -19.74 -28.58
C GLU D 332 -12.73 -18.47 -27.79
N ALA D 333 -12.45 -18.48 -26.49
CA ALA D 333 -12.61 -17.29 -25.62
C ALA D 333 -11.60 -16.23 -26.05
N LEU D 334 -10.37 -16.67 -26.32
CA LEU D 334 -9.33 -15.71 -26.80
C LEU D 334 -9.76 -14.99 -28.07
N ALA D 335 -10.35 -15.76 -28.99
CA ALA D 335 -10.86 -15.21 -30.26
C ALA D 335 -11.97 -14.19 -29.99
N ALA D 336 -12.93 -14.55 -29.15
CA ALA D 336 -14.07 -13.70 -28.77
C ALA D 336 -13.56 -12.44 -28.08
N SER D 337 -12.49 -12.57 -27.27
CA SER D 337 -11.92 -11.39 -26.56
C SER D 337 -11.00 -10.55 -27.42
N LYS D 338 -10.75 -11.06 -28.62
CA LYS D 338 -9.88 -10.38 -29.58
C LYS D 338 -8.45 -10.13 -29.11
N VAL D 339 -7.88 -11.03 -28.33
CA VAL D 339 -6.52 -10.84 -27.81
C VAL D 339 -5.47 -10.70 -28.89
N ALA D 340 -5.53 -11.57 -29.90
CA ALA D 340 -4.57 -11.60 -30.99
C ALA D 340 -4.76 -10.46 -31.96
N GLU D 341 -5.92 -9.88 -32.04
CA GLU D 341 -6.19 -8.76 -32.96
C GLU D 341 -5.35 -7.58 -32.57
N LEU D 342 -4.72 -7.58 -31.40
CA LEU D 342 -3.87 -6.43 -30.99
C LEU D 342 -2.54 -6.56 -31.74
N LYS D 343 -2.21 -7.79 -32.16
CA LYS D 343 -0.99 -8.04 -32.91
C LYS D 343 -1.01 -7.58 -34.37
N THR D 344 -2.12 -7.20 -34.93
CA THR D 344 -2.29 -6.70 -36.25
C THR D 344 -2.12 -5.18 -36.20
N PRO D 345 -1.25 -4.67 -37.02
CA PRO D 345 -0.98 -3.22 -37.06
C PRO D 345 -2.28 -2.46 -37.15
N THR D 346 -2.30 -1.23 -36.64
CA THR D 346 -3.53 -0.43 -36.65
C THR D 346 -3.75 0.17 -38.04
N LEU D 347 -2.61 0.42 -38.62
CA LEU D 347 -2.54 1.01 -39.97
C LEU D 347 -2.38 -0.18 -40.93
N ASN D 348 -2.98 0.06 -42.07
CA ASN D 348 -2.88 -0.87 -43.21
C ASN D 348 -1.45 -0.62 -43.75
N PRO D 349 -0.97 -1.63 -44.44
CA PRO D 349 0.36 -1.56 -45.07
C PRO D 349 0.31 -0.36 -46.04
N GLY D 350 1.36 0.44 -45.89
CA GLY D 350 1.50 1.63 -46.71
C GLY D 350 0.56 2.73 -46.27
N GLU D 351 -0.39 2.54 -45.37
CA GLU D 351 -1.28 3.64 -44.95
C GLU D 351 -0.51 4.59 -44.06
N GLY D 352 -0.77 5.85 -44.25
CA GLY D 352 -0.09 6.93 -43.48
C GLY D 352 -1.22 7.84 -42.95
N TYR D 353 -0.82 8.96 -42.43
CA TYR D 353 -1.86 9.84 -41.86
C TYR D 353 -2.80 10.41 -42.89
N ALA D 354 -2.26 10.61 -44.06
CA ALA D 354 -3.04 11.16 -45.21
C ALA D 354 -4.20 10.24 -45.58
N GLU D 355 -3.85 8.96 -45.64
CA GLU D 355 -4.83 7.93 -45.97
C GLU D 355 -5.77 7.74 -44.79
N LEU D 356 -5.21 7.78 -43.58
CA LEU D 356 -6.04 7.62 -42.38
C LEU D 356 -7.03 8.78 -42.35
N LEU D 357 -6.50 9.97 -42.61
CA LEU D 357 -7.41 11.14 -42.58
C LEU D 357 -8.55 11.06 -43.61
N ALA D 358 -8.26 10.26 -44.63
CA ALA D 358 -9.16 10.04 -45.75
C ALA D 358 -10.24 9.02 -45.49
N ASP D 359 -10.04 8.15 -44.54
CA ASP D 359 -11.01 7.07 -44.19
C ASP D 359 -12.10 7.56 -43.27
N ARG D 360 -13.28 7.79 -43.83
CA ARG D 360 -14.47 8.32 -43.13
C ARG D 360 -15.00 7.27 -42.15
N SER D 361 -14.57 6.07 -42.43
CA SER D 361 -14.93 4.90 -41.64
C SER D 361 -14.15 4.91 -40.31
N ALA D 362 -13.08 5.65 -40.22
CA ALA D 362 -12.28 5.76 -39.01
C ALA D 362 -12.79 6.95 -38.20
N PHE D 363 -13.80 7.65 -38.69
CA PHE D 363 -14.24 8.79 -37.88
C PHE D 363 -15.62 9.30 -38.19
N GLU D 364 -15.66 9.93 -39.34
CA GLU D 364 -16.89 10.52 -39.90
C GLU D 364 -18.04 9.54 -39.84
N ASP D 365 -17.81 8.36 -40.34
CA ASP D 365 -18.84 7.31 -40.35
C ASP D 365 -18.63 6.24 -39.28
N TYR D 366 -17.94 6.59 -38.20
CA TYR D 366 -17.71 5.57 -37.18
C TYR D 366 -18.87 5.55 -36.18
N ASP D 367 -19.39 4.33 -35.99
CA ASP D 367 -20.48 4.24 -34.99
C ASP D 367 -19.88 3.85 -33.62
N ALA D 368 -19.38 4.83 -32.92
CA ALA D 368 -18.76 4.72 -31.60
C ALA D 368 -19.69 4.00 -30.63
N ASP D 369 -20.92 4.44 -30.66
CA ASP D 369 -22.04 3.98 -29.88
C ASP D 369 -22.31 2.50 -30.04
N ALA D 370 -22.31 1.99 -31.24
CA ALA D 370 -22.55 0.55 -31.48
C ALA D 370 -21.40 -0.32 -31.04
N VAL D 371 -20.19 0.14 -31.33
CA VAL D 371 -18.97 -0.61 -30.94
C VAL D 371 -18.88 -0.62 -29.41
N GLY D 372 -19.07 0.53 -28.81
CA GLY D 372 -19.06 0.77 -27.39
C GLY D 372 -19.95 -0.19 -26.62
N ALA D 373 -20.95 -0.77 -27.27
CA ALA D 373 -21.90 -1.69 -26.63
C ALA D 373 -21.52 -3.17 -26.69
N LYS D 374 -20.55 -3.54 -27.48
CA LYS D 374 -20.12 -4.96 -27.51
C LYS D 374 -19.19 -5.29 -26.34
N GLY D 375 -19.46 -6.38 -25.69
CA GLY D 375 -18.73 -6.89 -24.52
C GLY D 375 -17.48 -7.59 -25.02
N PHE D 376 -16.41 -7.58 -24.25
CA PHE D 376 -15.18 -8.27 -24.69
C PHE D 376 -15.12 -9.68 -24.13
N GLY D 377 -15.93 -10.13 -23.23
CA GLY D 377 -15.86 -11.48 -22.70
C GLY D 377 -14.62 -11.74 -21.87
N PHE D 378 -14.00 -10.76 -21.25
CA PHE D 378 -12.79 -10.90 -20.44
C PHE D 378 -13.02 -11.69 -19.16
N VAL D 379 -14.19 -11.54 -18.53
CA VAL D 379 -14.47 -12.30 -17.29
C VAL D 379 -14.48 -13.79 -17.52
N LYS D 380 -15.15 -14.13 -18.60
CA LYS D 380 -15.27 -15.55 -18.98
C LYS D 380 -13.91 -16.15 -19.24
N LEU D 381 -13.05 -15.41 -19.92
CA LEU D 381 -11.67 -15.84 -20.24
C LEU D 381 -10.87 -16.03 -18.95
N ASN D 382 -11.00 -15.08 -18.03
CA ASN D 382 -10.31 -15.16 -16.72
C ASN D 382 -10.80 -16.39 -15.96
N GLN D 383 -12.09 -16.66 -16.03
CA GLN D 383 -12.68 -17.80 -15.33
C GLN D 383 -12.08 -19.09 -15.86
N LEU D 384 -11.89 -19.32 -17.13
CA LEU D 384 -11.30 -20.52 -17.73
C LEU D 384 -9.82 -20.68 -17.36
N ALA D 385 -9.15 -19.51 -17.29
CA ALA D 385 -7.74 -19.49 -16.85
C ALA D 385 -7.67 -20.05 -15.43
N ILE D 386 -8.50 -19.59 -14.50
CA ILE D 386 -8.48 -20.05 -13.10
C ILE D 386 -8.94 -21.47 -12.99
N GLU D 387 -9.89 -21.90 -13.85
CA GLU D 387 -10.33 -23.32 -13.76
C GLU D 387 -9.23 -24.24 -14.15
N HIS D 388 -8.37 -23.79 -15.03
CA HIS D 388 -7.17 -24.57 -15.43
C HIS D 388 -6.17 -24.67 -14.27
N LEU D 389 -5.89 -23.52 -13.62
CA LEU D 389 -4.96 -23.43 -12.49
C LEU D 389 -5.48 -24.33 -11.38
N LEU D 390 -6.78 -24.34 -11.15
CA LEU D 390 -7.43 -25.11 -10.10
C LEU D 390 -7.50 -26.59 -10.44
N GLY D 391 -7.16 -26.92 -11.66
CA GLY D 391 -7.20 -28.31 -12.13
C GLY D 391 -8.64 -28.78 -12.22
N ALA D 392 -9.58 -27.90 -12.49
CA ALA D 392 -11.01 -28.13 -12.58
C ALA D 392 -11.35 -28.43 -14.05
N ARG D 393 -10.36 -28.17 -14.85
CA ARG D 393 -10.39 -28.34 -16.30
C ARG D 393 -9.00 -28.94 -16.62
#